data_7ZE7
# 
_entry.id   7ZE7 
# 
_audit_conform.dict_name       mmcif_pdbx.dic 
_audit_conform.dict_version    5.384 
_audit_conform.dict_location   http://mmcif.pdb.org/dictionaries/ascii/mmcif_pdbx.dic 
# 
loop_
_database_2.database_id 
_database_2.database_code 
_database_2.pdbx_database_accession 
_database_2.pdbx_DOI 
PDB   7ZE7         pdb_00007ze7 10.2210/pdb7ze7/pdb 
WWPDB D_1292122118 ?            ?                   
# 
loop_
_pdbx_audit_revision_history.ordinal 
_pdbx_audit_revision_history.data_content_type 
_pdbx_audit_revision_history.major_revision 
_pdbx_audit_revision_history.minor_revision 
_pdbx_audit_revision_history.revision_date 
1 'Structure model' 1 0 2022-12-07 
2 'Structure model' 1 1 2024-01-31 
# 
_pdbx_audit_revision_details.ordinal             1 
_pdbx_audit_revision_details.revision_ordinal    1 
_pdbx_audit_revision_details.data_content_type   'Structure model' 
_pdbx_audit_revision_details.provider            repository 
_pdbx_audit_revision_details.type                'Initial release' 
_pdbx_audit_revision_details.description         ? 
_pdbx_audit_revision_details.details             ? 
# 
loop_
_pdbx_audit_revision_group.ordinal 
_pdbx_audit_revision_group.revision_ordinal 
_pdbx_audit_revision_group.data_content_type 
_pdbx_audit_revision_group.group 
1 2 'Structure model' 'Data collection'        
2 2 'Structure model' 'Refinement description' 
# 
loop_
_pdbx_audit_revision_category.ordinal 
_pdbx_audit_revision_category.revision_ordinal 
_pdbx_audit_revision_category.data_content_type 
_pdbx_audit_revision_category.category 
1 2 'Structure model' chem_comp_atom                
2 2 'Structure model' chem_comp_bond                
3 2 'Structure model' pdbx_initial_refinement_model 
# 
_pdbx_database_status.status_code                     REL 
_pdbx_database_status.status_code_sf                  REL 
_pdbx_database_status.status_code_mr                  ? 
_pdbx_database_status.entry_id                        7ZE7 
_pdbx_database_status.recvd_initial_deposition_date   2022-03-30 
_pdbx_database_status.SG_entry                        N 
_pdbx_database_status.deposit_site                    PDBE 
_pdbx_database_status.process_site                    PDBE 
_pdbx_database_status.status_code_cs                  ? 
_pdbx_database_status.status_code_nmr_data            ? 
_pdbx_database_status.methods_development_category    ? 
_pdbx_database_status.pdb_format_compatible           N 
# 
_pdbx_contact_author.id                 2 
_pdbx_contact_author.email              martin.noble@ncl.ac.uk 
_pdbx_contact_author.name_first         Martin 
_pdbx_contact_author.name_last          Noble 
_pdbx_contact_author.name_mi            E.M. 
_pdbx_contact_author.role               'principal investigator/group leader' 
_pdbx_contact_author.identifier_ORCID   0000-0002-3595-9807 
# 
loop_
_audit_author.name 
_audit_author.pdbx_ordinal 
_audit_author.identifier_ORCID 
'Turberville, S.' 1 0000-0003-2173-9675 
'Martin, M.P.'    2 0000-0003-4810-3351 
'Hope, I.'        3 ?                   
'Noble, M.E.M.'   4 0000-0002-3595-9807 
# 
_citation.abstract                  ? 
_citation.abstract_id_CAS           ? 
_citation.book_id_ISBN              ? 
_citation.book_publisher            ? 
_citation.book_publisher_city       ? 
_citation.book_title                ? 
_citation.coordinate_linkage        ? 
_citation.country                   US 
_citation.database_id_Medline       ? 
_citation.details                   ? 
_citation.id                        primary 
_citation.journal_abbrev            J.Med.Chem. 
_citation.journal_id_ASTM           JMCMAR 
_citation.journal_id_CSD            0151 
_citation.journal_id_ISSN           0022-2623 
_citation.journal_full              ? 
_citation.journal_issue             ? 
_citation.journal_volume            65 
_citation.language                  ? 
_citation.page_first                15416 
_citation.page_last                 15432 
_citation.title                     
;Mapping Ligand Interactions of Bromodomains BRD4 and ATAD2 with FragLites and PepLites&#9472;Halogenated Probes of Druglike and Peptide-like Molecular Interactions.
;
_citation.year                      2022 
_citation.database_id_CSD           ? 
_citation.pdbx_database_id_DOI      10.1021/acs.jmedchem.2c01357 
_citation.pdbx_database_id_PubMed   36367089 
_citation.pdbx_database_id_patent   ? 
_citation.unpublished_flag          ? 
# 
loop_
_citation_author.citation_id 
_citation_author.name 
_citation_author.ordinal 
_citation_author.identifier_ORCID 
primary 'Davison, G.'       1  0000-0001-5466-2702 
primary 'Martin, M.P.'      2  ?                   
primary 'Turberville, S.'   3  ?                   
primary 'Dormen, S.'        4  ?                   
primary 'Heath, R.'         5  ?                   
primary 'Heptinstall, A.B.' 6  ?                   
primary 'Lawson, M.'        7  ?                   
primary 'Miller, D.C.'      8  0000-0001-6846-2007 
primary 'Ng, Y.M.'          9  ?                   
primary 'Sanderson, J.N.'   10 0000-0003-1000-2897 
primary 'Hope, I.'          11 0000-0002-8002-5026 
primary 'Wood, D.J.'        12 ?                   
primary 'Cano, C.'          13 0000-0002-2032-2272 
primary 'Endicott, J.A.'    14 ?                   
primary 'Hardcastle, I.R.'  15 0000-0001-7495-3769 
primary 'Noble, M.E.M.'     16 ?                   
primary 'Waring, M.J.'      17 0000-0002-9110-8783 
# 
loop_
_entity.id 
_entity.type 
_entity.src_method 
_entity.pdbx_description 
_entity.formula_weight 
_entity.pdbx_number_of_molecules 
_entity.pdbx_ec 
_entity.pdbx_mutation 
_entity.pdbx_fragment 
_entity.details 
1 polymer     man 'Bromodomain-containing protein 4' 15294.578 1   ? ? ? ? 
2 non-polymer syn 5-bromo-2-hydroxybenzonitrile      198.017   2   ? ? ? ? 
3 non-polymer syn GLYCEROL                           92.094    1   ? ? ? ? 
4 water       nat water                              18.015    169 ? ? ? ? 
# 
_entity_name_com.entity_id   1 
_entity_name_com.name        'Protein HUNK1' 
# 
_entity_poly.entity_id                      1 
_entity_poly.type                           'polypeptide(L)' 
_entity_poly.nstd_linkage                   no 
_entity_poly.nstd_monomer                   no 
_entity_poly.pdbx_seq_one_letter_code       
;GSHMNPPPPETSNPNKPKRQTNQLQYLLRVVLKTLWKHQFAWPFQQPVDAVKLNLPDYYKIIKTPMDMGTIKKRLENNYY
WNAQECIQDFNTMFTNCYIYNKPGDDIVLMAEALEKLFLQKINELPTEE
;
_entity_poly.pdbx_seq_one_letter_code_can   
;GSHMNPPPPETSNPNKPKRQTNQLQYLLRVVLKTLWKHQFAWPFQQPVDAVKLNLPDYYKIIKTPMDMGTIKKRLENNYY
WNAQECIQDFNTMFTNCYIYNKPGDDIVLMAEALEKLFLQKINELPTEE
;
_entity_poly.pdbx_strand_id                 AAA 
_entity_poly.pdbx_target_identifier         ? 
# 
loop_
_pdbx_entity_nonpoly.entity_id 
_pdbx_entity_nonpoly.name 
_pdbx_entity_nonpoly.comp_id 
2 5-bromo-2-hydroxybenzonitrile UUJ 
3 GLYCEROL                      GOL 
4 water                         HOH 
# 
loop_
_entity_poly_seq.entity_id 
_entity_poly_seq.num 
_entity_poly_seq.mon_id 
_entity_poly_seq.hetero 
1 1   GLY n 
1 2   SER n 
1 3   HIS n 
1 4   MET n 
1 5   ASN n 
1 6   PRO n 
1 7   PRO n 
1 8   PRO n 
1 9   PRO n 
1 10  GLU n 
1 11  THR n 
1 12  SER n 
1 13  ASN n 
1 14  PRO n 
1 15  ASN n 
1 16  LYS n 
1 17  PRO n 
1 18  LYS n 
1 19  ARG n 
1 20  GLN n 
1 21  THR n 
1 22  ASN n 
1 23  GLN n 
1 24  LEU n 
1 25  GLN n 
1 26  TYR n 
1 27  LEU n 
1 28  LEU n 
1 29  ARG n 
1 30  VAL n 
1 31  VAL n 
1 32  LEU n 
1 33  LYS n 
1 34  THR n 
1 35  LEU n 
1 36  TRP n 
1 37  LYS n 
1 38  HIS n 
1 39  GLN n 
1 40  PHE n 
1 41  ALA n 
1 42  TRP n 
1 43  PRO n 
1 44  PHE n 
1 45  GLN n 
1 46  GLN n 
1 47  PRO n 
1 48  VAL n 
1 49  ASP n 
1 50  ALA n 
1 51  VAL n 
1 52  LYS n 
1 53  LEU n 
1 54  ASN n 
1 55  LEU n 
1 56  PRO n 
1 57  ASP n 
1 58  TYR n 
1 59  TYR n 
1 60  LYS n 
1 61  ILE n 
1 62  ILE n 
1 63  LYS n 
1 64  THR n 
1 65  PRO n 
1 66  MET n 
1 67  ASP n 
1 68  MET n 
1 69  GLY n 
1 70  THR n 
1 71  ILE n 
1 72  LYS n 
1 73  LYS n 
1 74  ARG n 
1 75  LEU n 
1 76  GLU n 
1 77  ASN n 
1 78  ASN n 
1 79  TYR n 
1 80  TYR n 
1 81  TRP n 
1 82  ASN n 
1 83  ALA n 
1 84  GLN n 
1 85  GLU n 
1 86  CYS n 
1 87  ILE n 
1 88  GLN n 
1 89  ASP n 
1 90  PHE n 
1 91  ASN n 
1 92  THR n 
1 93  MET n 
1 94  PHE n 
1 95  THR n 
1 96  ASN n 
1 97  CYS n 
1 98  TYR n 
1 99  ILE n 
1 100 TYR n 
1 101 ASN n 
1 102 LYS n 
1 103 PRO n 
1 104 GLY n 
1 105 ASP n 
1 106 ASP n 
1 107 ILE n 
1 108 VAL n 
1 109 LEU n 
1 110 MET n 
1 111 ALA n 
1 112 GLU n 
1 113 ALA n 
1 114 LEU n 
1 115 GLU n 
1 116 LYS n 
1 117 LEU n 
1 118 PHE n 
1 119 LEU n 
1 120 GLN n 
1 121 LYS n 
1 122 ILE n 
1 123 ASN n 
1 124 GLU n 
1 125 LEU n 
1 126 PRO n 
1 127 THR n 
1 128 GLU n 
1 129 GLU n 
# 
_entity_src_gen.entity_id                          1 
_entity_src_gen.pdbx_src_id                        1 
_entity_src_gen.pdbx_alt_source_flag               sample 
_entity_src_gen.pdbx_seq_type                      'Biological sequence' 
_entity_src_gen.pdbx_beg_seq_num                   1 
_entity_src_gen.pdbx_end_seq_num                   129 
_entity_src_gen.gene_src_common_name               human 
_entity_src_gen.gene_src_genus                     ? 
_entity_src_gen.pdbx_gene_src_gene                 'BRD4, HUNK1' 
_entity_src_gen.gene_src_species                   ? 
_entity_src_gen.gene_src_strain                    ? 
_entity_src_gen.gene_src_tissue                    ? 
_entity_src_gen.gene_src_tissue_fraction           ? 
_entity_src_gen.gene_src_details                   ? 
_entity_src_gen.pdbx_gene_src_fragment             ? 
_entity_src_gen.pdbx_gene_src_scientific_name      'Homo sapiens' 
_entity_src_gen.pdbx_gene_src_ncbi_taxonomy_id     9606 
_entity_src_gen.pdbx_gene_src_variant              ? 
_entity_src_gen.pdbx_gene_src_cell_line            ? 
_entity_src_gen.pdbx_gene_src_atcc                 ? 
_entity_src_gen.pdbx_gene_src_organ                ? 
_entity_src_gen.pdbx_gene_src_organelle            ? 
_entity_src_gen.pdbx_gene_src_cell                 ? 
_entity_src_gen.pdbx_gene_src_cellular_location    ? 
_entity_src_gen.host_org_common_name               ? 
_entity_src_gen.pdbx_host_org_scientific_name      'Escherichia coli BL21(DE3)' 
_entity_src_gen.pdbx_host_org_ncbi_taxonomy_id     469008 
_entity_src_gen.host_org_genus                     ? 
_entity_src_gen.pdbx_host_org_gene                 ? 
_entity_src_gen.pdbx_host_org_organ                ? 
_entity_src_gen.host_org_species                   ? 
_entity_src_gen.pdbx_host_org_tissue               ? 
_entity_src_gen.pdbx_host_org_tissue_fraction      ? 
_entity_src_gen.pdbx_host_org_strain               ? 
_entity_src_gen.pdbx_host_org_variant              ? 
_entity_src_gen.pdbx_host_org_cell_line            ? 
_entity_src_gen.pdbx_host_org_atcc                 ? 
_entity_src_gen.pdbx_host_org_culture_collection   ? 
_entity_src_gen.pdbx_host_org_cell                 ? 
_entity_src_gen.pdbx_host_org_organelle            ? 
_entity_src_gen.pdbx_host_org_cellular_location    ? 
_entity_src_gen.pdbx_host_org_vector_type          ? 
_entity_src_gen.pdbx_host_org_vector               ? 
_entity_src_gen.host_org_details                   ? 
_entity_src_gen.expression_system_id               ? 
_entity_src_gen.plasmid_name                       pET28b 
_entity_src_gen.plasmid_details                    ? 
_entity_src_gen.pdbx_description                   ? 
# 
loop_
_chem_comp.id 
_chem_comp.type 
_chem_comp.mon_nstd_flag 
_chem_comp.name 
_chem_comp.pdbx_synonyms 
_chem_comp.formula 
_chem_comp.formula_weight 
ALA 'L-peptide linking' y ALANINE                       ?                               'C3 H7 N O2'     89.093  
ARG 'L-peptide linking' y ARGININE                      ?                               'C6 H15 N4 O2 1' 175.209 
ASN 'L-peptide linking' y ASPARAGINE                    ?                               'C4 H8 N2 O3'    132.118 
ASP 'L-peptide linking' y 'ASPARTIC ACID'               ?                               'C4 H7 N O4'     133.103 
CYS 'L-peptide linking' y CYSTEINE                      ?                               'C3 H7 N O2 S'   121.158 
GLN 'L-peptide linking' y GLUTAMINE                     ?                               'C5 H10 N2 O3'   146.144 
GLU 'L-peptide linking' y 'GLUTAMIC ACID'               ?                               'C5 H9 N O4'     147.129 
GLY 'peptide linking'   y GLYCINE                       ?                               'C2 H5 N O2'     75.067  
GOL non-polymer         . GLYCEROL                      'GLYCERIN; PROPANE-1,2,3-TRIOL' 'C3 H8 O3'       92.094  
HIS 'L-peptide linking' y HISTIDINE                     ?                               'C6 H10 N3 O2 1' 156.162 
HOH non-polymer         . WATER                         ?                               'H2 O'           18.015  
ILE 'L-peptide linking' y ISOLEUCINE                    ?                               'C6 H13 N O2'    131.173 
LEU 'L-peptide linking' y LEUCINE                       ?                               'C6 H13 N O2'    131.173 
LYS 'L-peptide linking' y LYSINE                        ?                               'C6 H15 N2 O2 1' 147.195 
MET 'L-peptide linking' y METHIONINE                    ?                               'C5 H11 N O2 S'  149.211 
PHE 'L-peptide linking' y PHENYLALANINE                 ?                               'C9 H11 N O2'    165.189 
PRO 'L-peptide linking' y PROLINE                       ?                               'C5 H9 N O2'     115.130 
SER 'L-peptide linking' y SERINE                        ?                               'C3 H7 N O3'     105.093 
THR 'L-peptide linking' y THREONINE                     ?                               'C4 H9 N O3'     119.119 
TRP 'L-peptide linking' y TRYPTOPHAN                    ?                               'C11 H12 N2 O2'  204.225 
TYR 'L-peptide linking' y TYROSINE                      ?                               'C9 H11 N O3'    181.189 
UUJ non-polymer         . 5-bromo-2-hydroxybenzonitrile ?                               'C7 H4 Br N O'   198.017 
VAL 'L-peptide linking' y VALINE                        ?                               'C5 H11 N O2'    117.146 
# 
loop_
_pdbx_poly_seq_scheme.asym_id 
_pdbx_poly_seq_scheme.entity_id 
_pdbx_poly_seq_scheme.seq_id 
_pdbx_poly_seq_scheme.mon_id 
_pdbx_poly_seq_scheme.ndb_seq_num 
_pdbx_poly_seq_scheme.pdb_seq_num 
_pdbx_poly_seq_scheme.auth_seq_num 
_pdbx_poly_seq_scheme.pdb_mon_id 
_pdbx_poly_seq_scheme.auth_mon_id 
_pdbx_poly_seq_scheme.pdb_strand_id 
_pdbx_poly_seq_scheme.pdb_ins_code 
_pdbx_poly_seq_scheme.hetero 
A 1 1   GLY 1   40  40  GLY GLY AAA . n 
A 1 2   SER 2   41  41  SER SER AAA . n 
A 1 3   HIS 3   42  42  HIS HIS AAA . n 
A 1 4   MET 4   43  43  MET MET AAA . n 
A 1 5   ASN 5   44  44  ASN ASN AAA . n 
A 1 6   PRO 6   45  45  PRO PRO AAA . n 
A 1 7   PRO 7   46  46  PRO PRO AAA . n 
A 1 8   PRO 8   47  47  PRO PRO AAA . n 
A 1 9   PRO 9   48  48  PRO PRO AAA . n 
A 1 10  GLU 10  49  49  GLU GLU AAA . n 
A 1 11  THR 11  50  50  THR THR AAA . n 
A 1 12  SER 12  51  51  SER SER AAA . n 
A 1 13  ASN 13  52  52  ASN ASN AAA . n 
A 1 14  PRO 14  53  53  PRO PRO AAA . n 
A 1 15  ASN 15  54  54  ASN ASN AAA . n 
A 1 16  LYS 16  55  55  LYS LYS AAA . n 
A 1 17  PRO 17  56  56  PRO PRO AAA . n 
A 1 18  LYS 18  57  57  LYS LYS AAA . n 
A 1 19  ARG 19  58  58  ARG ARG AAA . n 
A 1 20  GLN 20  59  59  GLN GLN AAA . n 
A 1 21  THR 21  60  60  THR THR AAA . n 
A 1 22  ASN 22  61  61  ASN ASN AAA . n 
A 1 23  GLN 23  62  62  GLN GLN AAA . n 
A 1 24  LEU 24  63  63  LEU LEU AAA . n 
A 1 25  GLN 25  64  64  GLN GLN AAA . n 
A 1 26  TYR 26  65  65  TYR TYR AAA . n 
A 1 27  LEU 27  66  66  LEU LEU AAA . n 
A 1 28  LEU 28  67  67  LEU LEU AAA . n 
A 1 29  ARG 29  68  68  ARG ARG AAA . n 
A 1 30  VAL 30  69  69  VAL VAL AAA . n 
A 1 31  VAL 31  70  70  VAL VAL AAA . n 
A 1 32  LEU 32  71  71  LEU LEU AAA . n 
A 1 33  LYS 33  72  72  LYS LYS AAA . n 
A 1 34  THR 34  73  73  THR THR AAA . n 
A 1 35  LEU 35  74  74  LEU LEU AAA . n 
A 1 36  TRP 36  75  75  TRP TRP AAA . n 
A 1 37  LYS 37  76  76  LYS LYS AAA . n 
A 1 38  HIS 38  77  77  HIS HIS AAA . n 
A 1 39  GLN 39  78  78  GLN GLN AAA . n 
A 1 40  PHE 40  79  79  PHE PHE AAA . n 
A 1 41  ALA 41  80  80  ALA ALA AAA . n 
A 1 42  TRP 42  81  81  TRP TRP AAA . n 
A 1 43  PRO 43  82  82  PRO PRO AAA . n 
A 1 44  PHE 44  83  83  PHE PHE AAA . n 
A 1 45  GLN 45  84  84  GLN GLN AAA . n 
A 1 46  GLN 46  85  85  GLN GLN AAA . n 
A 1 47  PRO 47  86  86  PRO PRO AAA . n 
A 1 48  VAL 48  87  87  VAL VAL AAA . n 
A 1 49  ASP 49  88  88  ASP ASP AAA . n 
A 1 50  ALA 50  89  89  ALA ALA AAA . n 
A 1 51  VAL 51  90  90  VAL VAL AAA . n 
A 1 52  LYS 52  91  91  LYS LYS AAA . n 
A 1 53  LEU 53  92  92  LEU LEU AAA . n 
A 1 54  ASN 54  93  93  ASN ASN AAA . n 
A 1 55  LEU 55  94  94  LEU LEU AAA . n 
A 1 56  PRO 56  95  95  PRO PRO AAA . n 
A 1 57  ASP 57  96  96  ASP ASP AAA . n 
A 1 58  TYR 58  97  97  TYR TYR AAA . n 
A 1 59  TYR 59  98  98  TYR TYR AAA . n 
A 1 60  LYS 60  99  99  LYS LYS AAA . n 
A 1 61  ILE 61  100 100 ILE ILE AAA . n 
A 1 62  ILE 62  101 101 ILE ILE AAA . n 
A 1 63  LYS 63  102 102 LYS LYS AAA . n 
A 1 64  THR 64  103 103 THR THR AAA . n 
A 1 65  PRO 65  104 104 PRO PRO AAA . n 
A 1 66  MET 66  105 105 MET MET AAA . n 
A 1 67  ASP 67  106 106 ASP ASP AAA . n 
A 1 68  MET 68  107 107 MET MET AAA . n 
A 1 69  GLY 69  108 108 GLY GLY AAA . n 
A 1 70  THR 70  109 109 THR THR AAA . n 
A 1 71  ILE 71  110 110 ILE ILE AAA . n 
A 1 72  LYS 72  111 111 LYS LYS AAA . n 
A 1 73  LYS 73  112 112 LYS LYS AAA . n 
A 1 74  ARG 74  113 113 ARG ARG AAA . n 
A 1 75  LEU 75  114 114 LEU LEU AAA . n 
A 1 76  GLU 76  115 115 GLU GLU AAA . n 
A 1 77  ASN 77  116 116 ASN ASN AAA . n 
A 1 78  ASN 78  117 117 ASN ASN AAA . n 
A 1 79  TYR 79  118 118 TYR TYR AAA . n 
A 1 80  TYR 80  119 119 TYR TYR AAA . n 
A 1 81  TRP 81  120 120 TRP TRP AAA . n 
A 1 82  ASN 82  121 121 ASN ASN AAA . n 
A 1 83  ALA 83  122 122 ALA ALA AAA . n 
A 1 84  GLN 84  123 123 GLN GLN AAA . n 
A 1 85  GLU 85  124 124 GLU GLU AAA . n 
A 1 86  CYS 86  125 125 CYS CYS AAA . n 
A 1 87  ILE 87  126 126 ILE ILE AAA . n 
A 1 88  GLN 88  127 127 GLN GLN AAA . n 
A 1 89  ASP 89  128 128 ASP ASP AAA . n 
A 1 90  PHE 90  129 129 PHE PHE AAA . n 
A 1 91  ASN 91  130 130 ASN ASN AAA . n 
A 1 92  THR 92  131 131 THR THR AAA . n 
A 1 93  MET 93  132 132 MET MET AAA . n 
A 1 94  PHE 94  133 133 PHE PHE AAA . n 
A 1 95  THR 95  134 134 THR THR AAA . n 
A 1 96  ASN 96  135 135 ASN ASN AAA . n 
A 1 97  CYS 97  136 136 CYS CYS AAA . n 
A 1 98  TYR 98  137 137 TYR TYR AAA . n 
A 1 99  ILE 99  138 138 ILE ILE AAA . n 
A 1 100 TYR 100 139 139 TYR TYR AAA . n 
A 1 101 ASN 101 140 140 ASN ASN AAA . n 
A 1 102 LYS 102 141 141 LYS LYS AAA . n 
A 1 103 PRO 103 142 142 PRO PRO AAA . n 
A 1 104 GLY 104 143 143 GLY GLY AAA . n 
A 1 105 ASP 105 144 144 ASP ASP AAA . n 
A 1 106 ASP 106 145 145 ASP ASP AAA . n 
A 1 107 ILE 107 146 146 ILE ILE AAA . n 
A 1 108 VAL 108 147 147 VAL VAL AAA . n 
A 1 109 LEU 109 148 148 LEU LEU AAA . n 
A 1 110 MET 110 149 149 MET MET AAA . n 
A 1 111 ALA 111 150 150 ALA ALA AAA . n 
A 1 112 GLU 112 151 151 GLU GLU AAA . n 
A 1 113 ALA 113 152 152 ALA ALA AAA . n 
A 1 114 LEU 114 153 153 LEU LEU AAA . n 
A 1 115 GLU 115 154 154 GLU GLU AAA . n 
A 1 116 LYS 116 155 155 LYS LYS AAA . n 
A 1 117 LEU 117 156 156 LEU LEU AAA . n 
A 1 118 PHE 118 157 157 PHE PHE AAA . n 
A 1 119 LEU 119 158 158 LEU LEU AAA . n 
A 1 120 GLN 120 159 159 GLN GLN AAA . n 
A 1 121 LYS 121 160 160 LYS LYS AAA . n 
A 1 122 ILE 122 161 161 ILE ILE AAA . n 
A 1 123 ASN 123 162 162 ASN ASN AAA . n 
A 1 124 GLU 124 163 163 GLU GLU AAA . n 
A 1 125 LEU 125 164 164 LEU LEU AAA . n 
A 1 126 PRO 126 165 165 PRO PRO AAA . n 
A 1 127 THR 127 166 166 THR THR AAA . n 
A 1 128 GLU 128 167 167 GLU GLU AAA . n 
A 1 129 GLU 129 168 168 GLU GLU AAA . n 
# 
loop_
_pdbx_nonpoly_scheme.asym_id 
_pdbx_nonpoly_scheme.entity_id 
_pdbx_nonpoly_scheme.mon_id 
_pdbx_nonpoly_scheme.ndb_seq_num 
_pdbx_nonpoly_scheme.pdb_seq_num 
_pdbx_nonpoly_scheme.auth_seq_num 
_pdbx_nonpoly_scheme.pdb_mon_id 
_pdbx_nonpoly_scheme.auth_mon_id 
_pdbx_nonpoly_scheme.pdb_strand_id 
_pdbx_nonpoly_scheme.pdb_ins_code 
B 2 UUJ 1   201 1   UUJ DRG AAA . 
C 2 UUJ 1   202 4   UUJ DRG AAA . 
D 3 GOL 1   203 1   GOL GOL AAA . 
E 4 HOH 1   301 88  HOH HOH AAA . 
E 4 HOH 2   302 164 HOH HOH AAA . 
E 4 HOH 3   303 136 HOH HOH AAA . 
E 4 HOH 4   304 83  HOH HOH AAA . 
E 4 HOH 5   305 94  HOH HOH AAA . 
E 4 HOH 6   306 98  HOH HOH AAA . 
E 4 HOH 7   307 49  HOH HOH AAA . 
E 4 HOH 8   308 120 HOH HOH AAA . 
E 4 HOH 9   309 70  HOH HOH AAA . 
E 4 HOH 10  310 160 HOH HOH AAA . 
E 4 HOH 11  311 37  HOH HOH AAA . 
E 4 HOH 12  312 6   HOH HOH AAA . 
E 4 HOH 13  313 47  HOH HOH AAA . 
E 4 HOH 14  314 69  HOH HOH AAA . 
E 4 HOH 15  315 172 HOH HOH AAA . 
E 4 HOH 16  316 56  HOH HOH AAA . 
E 4 HOH 17  317 119 HOH HOH AAA . 
E 4 HOH 18  318 9   HOH HOH AAA . 
E 4 HOH 19  319 23  HOH HOH AAA . 
E 4 HOH 20  320 20  HOH HOH AAA . 
E 4 HOH 21  321 154 HOH HOH AAA . 
E 4 HOH 22  322 10  HOH HOH AAA . 
E 4 HOH 23  323 125 HOH HOH AAA . 
E 4 HOH 24  324 25  HOH HOH AAA . 
E 4 HOH 25  325 17  HOH HOH AAA . 
E 4 HOH 26  326 71  HOH HOH AAA . 
E 4 HOH 27  327 161 HOH HOH AAA . 
E 4 HOH 28  328 31  HOH HOH AAA . 
E 4 HOH 29  329 50  HOH HOH AAA . 
E 4 HOH 30  330 67  HOH HOH AAA . 
E 4 HOH 31  331 48  HOH HOH AAA . 
E 4 HOH 32  332 131 HOH HOH AAA . 
E 4 HOH 33  333 24  HOH HOH AAA . 
E 4 HOH 34  334 45  HOH HOH AAA . 
E 4 HOH 35  335 153 HOH HOH AAA . 
E 4 HOH 36  336 58  HOH HOH AAA . 
E 4 HOH 37  337 43  HOH HOH AAA . 
E 4 HOH 38  338 68  HOH HOH AAA . 
E 4 HOH 39  339 147 HOH HOH AAA . 
E 4 HOH 40  340 41  HOH HOH AAA . 
E 4 HOH 41  341 122 HOH HOH AAA . 
E 4 HOH 42  342 145 HOH HOH AAA . 
E 4 HOH 43  343 30  HOH HOH AAA . 
E 4 HOH 44  344 170 HOH HOH AAA . 
E 4 HOH 45  345 53  HOH HOH AAA . 
E 4 HOH 46  346 118 HOH HOH AAA . 
E 4 HOH 47  347 77  HOH HOH AAA . 
E 4 HOH 48  348 46  HOH HOH AAA . 
E 4 HOH 49  349 89  HOH HOH AAA . 
E 4 HOH 50  350 15  HOH HOH AAA . 
E 4 HOH 51  351 5   HOH HOH AAA . 
E 4 HOH 52  352 93  HOH HOH AAA . 
E 4 HOH 53  353 127 HOH HOH AAA . 
E 4 HOH 54  354 91  HOH HOH AAA . 
E 4 HOH 55  355 35  HOH HOH AAA . 
E 4 HOH 56  356 7   HOH HOH AAA . 
E 4 HOH 57  357 39  HOH HOH AAA . 
E 4 HOH 58  358 13  HOH HOH AAA . 
E 4 HOH 59  359 106 HOH HOH AAA . 
E 4 HOH 60  360 141 HOH HOH AAA . 
E 4 HOH 61  361 11  HOH HOH AAA . 
E 4 HOH 62  362 12  HOH HOH AAA . 
E 4 HOH 63  363 65  HOH HOH AAA . 
E 4 HOH 64  364 87  HOH HOH AAA . 
E 4 HOH 65  365 143 HOH HOH AAA . 
E 4 HOH 66  366 36  HOH HOH AAA . 
E 4 HOH 67  367 59  HOH HOH AAA . 
E 4 HOH 68  368 139 HOH HOH AAA . 
E 4 HOH 69  369 129 HOH HOH AAA . 
E 4 HOH 70  370 124 HOH HOH AAA . 
E 4 HOH 71  371 57  HOH HOH AAA . 
E 4 HOH 72  372 62  HOH HOH AAA . 
E 4 HOH 73  373 34  HOH HOH AAA . 
E 4 HOH 74  374 18  HOH HOH AAA . 
E 4 HOH 75  375 19  HOH HOH AAA . 
E 4 HOH 76  376 103 HOH HOH AAA . 
E 4 HOH 77  377 132 HOH HOH AAA . 
E 4 HOH 78  378 1   HOH HOH AAA . 
E 4 HOH 79  379 102 HOH HOH AAA . 
E 4 HOH 80  380 8   HOH HOH AAA . 
E 4 HOH 81  381 113 HOH HOH AAA . 
E 4 HOH 82  382 54  HOH HOH AAA . 
E 4 HOH 83  383 149 HOH HOH AAA . 
E 4 HOH 84  384 128 HOH HOH AAA . 
E 4 HOH 85  385 80  HOH HOH AAA . 
E 4 HOH 86  386 2   HOH HOH AAA . 
E 4 HOH 87  387 123 HOH HOH AAA . 
E 4 HOH 88  388 152 HOH HOH AAA . 
E 4 HOH 89  389 85  HOH HOH AAA . 
E 4 HOH 90  390 159 HOH HOH AAA . 
E 4 HOH 91  391 22  HOH HOH AAA . 
E 4 HOH 92  392 148 HOH HOH AAA . 
E 4 HOH 93  393 114 HOH HOH AAA . 
E 4 HOH 94  394 4   HOH HOH AAA . 
E 4 HOH 95  395 42  HOH HOH AAA . 
E 4 HOH 96  396 137 HOH HOH AAA . 
E 4 HOH 97  397 76  HOH HOH AAA . 
E 4 HOH 98  398 78  HOH HOH AAA . 
E 4 HOH 99  399 26  HOH HOH AAA . 
E 4 HOH 100 400 121 HOH HOH AAA . 
E 4 HOH 101 401 21  HOH HOH AAA . 
E 4 HOH 102 402 138 HOH HOH AAA . 
E 4 HOH 103 403 29  HOH HOH AAA . 
E 4 HOH 104 404 3   HOH HOH AAA . 
E 4 HOH 105 405 95  HOH HOH AAA . 
E 4 HOH 106 406 110 HOH HOH AAA . 
E 4 HOH 107 407 32  HOH HOH AAA . 
E 4 HOH 108 408 79  HOH HOH AAA . 
E 4 HOH 109 409 166 HOH HOH AAA . 
E 4 HOH 110 410 167 HOH HOH AAA . 
E 4 HOH 111 411 126 HOH HOH AAA . 
E 4 HOH 112 412 38  HOH HOH AAA . 
E 4 HOH 113 413 104 HOH HOH AAA . 
E 4 HOH 114 414 117 HOH HOH AAA . 
E 4 HOH 115 415 97  HOH HOH AAA . 
E 4 HOH 116 416 33  HOH HOH AAA . 
E 4 HOH 117 417 107 HOH HOH AAA . 
E 4 HOH 118 418 142 HOH HOH AAA . 
E 4 HOH 119 419 84  HOH HOH AAA . 
E 4 HOH 120 420 55  HOH HOH AAA . 
E 4 HOH 121 421 16  HOH HOH AAA . 
E 4 HOH 122 422 115 HOH HOH AAA . 
E 4 HOH 123 423 74  HOH HOH AAA . 
E 4 HOH 124 424 86  HOH HOH AAA . 
E 4 HOH 125 425 40  HOH HOH AAA . 
E 4 HOH 126 426 171 HOH HOH AAA . 
E 4 HOH 127 427 140 HOH HOH AAA . 
E 4 HOH 128 428 81  HOH HOH AAA . 
E 4 HOH 129 429 92  HOH HOH AAA . 
E 4 HOH 130 430 157 HOH HOH AAA . 
E 4 HOH 131 431 90  HOH HOH AAA . 
E 4 HOH 132 432 82  HOH HOH AAA . 
E 4 HOH 133 433 108 HOH HOH AAA . 
E 4 HOH 134 434 155 HOH HOH AAA . 
E 4 HOH 135 435 63  HOH HOH AAA . 
E 4 HOH 136 436 44  HOH HOH AAA . 
E 4 HOH 137 437 150 HOH HOH AAA . 
E 4 HOH 138 438 14  HOH HOH AAA . 
E 4 HOH 139 439 116 HOH HOH AAA . 
E 4 HOH 140 440 158 HOH HOH AAA . 
E 4 HOH 141 441 64  HOH HOH AAA . 
E 4 HOH 142 442 75  HOH HOH AAA . 
E 4 HOH 143 443 146 HOH HOH AAA . 
E 4 HOH 144 444 61  HOH HOH AAA . 
E 4 HOH 145 445 109 HOH HOH AAA . 
E 4 HOH 146 446 169 HOH HOH AAA . 
E 4 HOH 147 447 60  HOH HOH AAA . 
E 4 HOH 148 448 130 HOH HOH AAA . 
E 4 HOH 149 449 168 HOH HOH AAA . 
E 4 HOH 150 450 156 HOH HOH AAA . 
E 4 HOH 151 451 111 HOH HOH AAA . 
E 4 HOH 152 452 27  HOH HOH AAA . 
E 4 HOH 153 453 28  HOH HOH AAA . 
E 4 HOH 154 454 96  HOH HOH AAA . 
E 4 HOH 155 455 51  HOH HOH AAA . 
E 4 HOH 156 456 133 HOH HOH AAA . 
E 4 HOH 157 457 100 HOH HOH AAA . 
E 4 HOH 158 458 163 HOH HOH AAA . 
E 4 HOH 159 459 99  HOH HOH AAA . 
E 4 HOH 160 460 144 HOH HOH AAA . 
E 4 HOH 161 461 162 HOH HOH AAA . 
E 4 HOH 162 462 72  HOH HOH AAA . 
E 4 HOH 163 463 151 HOH HOH AAA . 
E 4 HOH 164 464 101 HOH HOH AAA . 
E 4 HOH 165 465 66  HOH HOH AAA . 
E 4 HOH 166 466 165 HOH HOH AAA . 
E 4 HOH 167 467 105 HOH HOH AAA . 
E 4 HOH 168 468 134 HOH HOH AAA . 
E 4 HOH 169 469 73  HOH HOH AAA . 
# 
loop_
_software.citation_id 
_software.classification 
_software.compiler_name 
_software.compiler_version 
_software.contact_author 
_software.contact_author_email 
_software.date 
_software.description 
_software.dependencies 
_software.hardware 
_software.language 
_software.location 
_software.mods 
_software.name 
_software.os 
_software.os_version 
_software.type 
_software.version 
_software.pdbx_ordinal 
? refinement       ? ? ? ? ? ? ? ? ? ? ? REFMAC  ? ? ? 5.8.0258 1 
? refinement       ? ? ? ? ? ? ? ? ? ? ? REFMAC  ? ? ? 5.8.0258 2 
? 'data scaling'   ? ? ? ? ? ? ? ? ? ? ? Aimless ? ? ? 0.7.4    3 
? 'data reduction' ? ? ? ? ? ? ? ? ? ? ? xia2    ? ? ? .        4 
? phasing          ? ? ? ? ? ? ? ? ? ? ? PHASER  ? ? ? .        5 
# 
_cell.angle_alpha                  90.000 
_cell.angle_alpha_esd              ? 
_cell.angle_beta                   90.000 
_cell.angle_beta_esd               ? 
_cell.angle_gamma                  90.000 
_cell.angle_gamma_esd              ? 
_cell.entry_id                     7ZE7 
_cell.details                      ? 
_cell.formula_units_Z              ? 
_cell.length_a                     37.870 
_cell.length_a_esd                 ? 
_cell.length_b                     43.237 
_cell.length_b_esd                 ? 
_cell.length_c                     79.352 
_cell.length_c_esd                 ? 
_cell.volume                       ? 
_cell.volume_esd                   ? 
_cell.Z_PDB                        4 
_cell.reciprocal_angle_alpha       ? 
_cell.reciprocal_angle_beta        ? 
_cell.reciprocal_angle_gamma       ? 
_cell.reciprocal_angle_alpha_esd   ? 
_cell.reciprocal_angle_beta_esd    ? 
_cell.reciprocal_angle_gamma_esd   ? 
_cell.reciprocal_length_a          ? 
_cell.reciprocal_length_b          ? 
_cell.reciprocal_length_c          ? 
_cell.reciprocal_length_a_esd      ? 
_cell.reciprocal_length_b_esd      ? 
_cell.reciprocal_length_c_esd      ? 
_cell.pdbx_unique_axis             ? 
# 
_symmetry.entry_id                         7ZE7 
_symmetry.cell_setting                     ? 
_symmetry.Int_Tables_number                19 
_symmetry.space_group_name_Hall            ? 
_symmetry.space_group_name_H-M             'P 21 21 21' 
_symmetry.pdbx_full_space_group_name_H-M   ? 
# 
_exptl.absorpt_coefficient_mu     ? 
_exptl.absorpt_correction_T_max   ? 
_exptl.absorpt_correction_T_min   ? 
_exptl.absorpt_correction_type    ? 
_exptl.absorpt_process_details    ? 
_exptl.entry_id                   7ZE7 
_exptl.crystals_number            1 
_exptl.details                    ? 
_exptl.method                     'X-RAY DIFFRACTION' 
_exptl.method_details             ? 
# 
_exptl_crystal.colour                      ? 
_exptl_crystal.density_diffrn              ? 
_exptl_crystal.density_Matthews            2.12 
_exptl_crystal.density_method              ? 
_exptl_crystal.density_percent_sol         42.08 
_exptl_crystal.description                 ? 
_exptl_crystal.F_000                       ? 
_exptl_crystal.id                          1 
_exptl_crystal.preparation                 ? 
_exptl_crystal.size_max                    ? 
_exptl_crystal.size_mid                    ? 
_exptl_crystal.size_min                    ? 
_exptl_crystal.size_rad                    ? 
_exptl_crystal.colour_lustre               ? 
_exptl_crystal.colour_modifier             ? 
_exptl_crystal.colour_primary              ? 
_exptl_crystal.density_meas                ? 
_exptl_crystal.density_meas_esd            ? 
_exptl_crystal.density_meas_gt             ? 
_exptl_crystal.density_meas_lt             ? 
_exptl_crystal.density_meas_temp           ? 
_exptl_crystal.density_meas_temp_esd       ? 
_exptl_crystal.density_meas_temp_gt        ? 
_exptl_crystal.density_meas_temp_lt        ? 
_exptl_crystal.pdbx_crystal_image_url      ? 
_exptl_crystal.pdbx_crystal_image_format   ? 
_exptl_crystal.pdbx_mosaicity              ? 
_exptl_crystal.pdbx_mosaicity_esd          ? 
# 
_exptl_crystal_grow.apparatus       ? 
_exptl_crystal_grow.atmosphere      ? 
_exptl_crystal_grow.crystal_id      1 
_exptl_crystal_grow.details         ? 
_exptl_crystal_grow.method          'VAPOR DIFFUSION, SITTING DROP' 
_exptl_crystal_grow.method_ref      ? 
_exptl_crystal_grow.pH              8.5 
_exptl_crystal_grow.pressure        ? 
_exptl_crystal_grow.pressure_esd    ? 
_exptl_crystal_grow.seeding         ? 
_exptl_crystal_grow.seeding_ref     ? 
_exptl_crystal_grow.temp            293 
_exptl_crystal_grow.temp_details    ? 
_exptl_crystal_grow.temp_esd        ? 
_exptl_crystal_grow.time            ? 
_exptl_crystal_grow.pdbx_details    
;0.1 M Buffer system 3 (1 M Tris, 1 M BICINE, pH 8.5), 34-44% Precipitant Solution 3 (20% PEG 4000, 40%) and 60-80 mM Halogens Mix (NaF, NaBr and NaI) solution
;
_exptl_crystal_grow.pdbx_pH_range   ? 
# 
_diffrn.ambient_environment              ? 
_diffrn.ambient_temp                     100 
_diffrn.ambient_temp_details             ? 
_diffrn.ambient_temp_esd                 ? 
_diffrn.crystal_id                       1 
_diffrn.crystal_support                  ? 
_diffrn.crystal_treatment                ? 
_diffrn.details                          ? 
_diffrn.id                               1 
_diffrn.ambient_pressure                 ? 
_diffrn.ambient_pressure_esd             ? 
_diffrn.ambient_pressure_gt              ? 
_diffrn.ambient_pressure_lt              ? 
_diffrn.ambient_temp_gt                  ? 
_diffrn.ambient_temp_lt                  ? 
_diffrn.pdbx_serial_crystal_experiment   N 
# 
_diffrn_detector.details                      ? 
_diffrn_detector.detector                     PIXEL 
_diffrn_detector.diffrn_id                    1 
_diffrn_detector.type                         'DECTRIS PILATUS 6M' 
_diffrn_detector.area_resol_mean              ? 
_diffrn_detector.dtime                        ? 
_diffrn_detector.pdbx_frames_total            ? 
_diffrn_detector.pdbx_collection_time_total   ? 
_diffrn_detector.pdbx_collection_date         2019-10-18 
_diffrn_detector.pdbx_frequency               ? 
# 
_diffrn_radiation.collimation                      ? 
_diffrn_radiation.diffrn_id                        1 
_diffrn_radiation.filter_edge                      ? 
_diffrn_radiation.inhomogeneity                    ? 
_diffrn_radiation.monochromator                    ? 
_diffrn_radiation.polarisn_norm                    ? 
_diffrn_radiation.polarisn_ratio                   ? 
_diffrn_radiation.probe                            ? 
_diffrn_radiation.type                             ? 
_diffrn_radiation.xray_symbol                      ? 
_diffrn_radiation.wavelength_id                    1 
_diffrn_radiation.pdbx_monochromatic_or_laue_m_l   M 
_diffrn_radiation.pdbx_wavelength_list             ? 
_diffrn_radiation.pdbx_wavelength                  ? 
_diffrn_radiation.pdbx_diffrn_protocol             'SINGLE WAVELENGTH' 
_diffrn_radiation.pdbx_analyzer                    ? 
_diffrn_radiation.pdbx_scattering_type             x-ray 
# 
_diffrn_radiation_wavelength.id           1 
_diffrn_radiation_wavelength.wavelength   0.898442 
_diffrn_radiation_wavelength.wt           1.0 
# 
_diffrn_source.current                     ? 
_diffrn_source.details                     ? 
_diffrn_source.diffrn_id                   1 
_diffrn_source.power                       ? 
_diffrn_source.size                        ? 
_diffrn_source.source                      SYNCHROTRON 
_diffrn_source.target                      ? 
_diffrn_source.type                        'DIAMOND BEAMLINE I04-1' 
_diffrn_source.voltage                     ? 
_diffrn_source.take-off_angle              ? 
_diffrn_source.pdbx_wavelength_list        0.898442 
_diffrn_source.pdbx_wavelength             ? 
_diffrn_source.pdbx_synchrotron_beamline   I04-1 
_diffrn_source.pdbx_synchrotron_site       Diamond 
# 
_reflns.B_iso_Wilson_estimate                          ? 
_reflns.entry_id                                       7ZE7 
_reflns.data_reduction_details                         ? 
_reflns.data_reduction_method                          ? 
_reflns.d_resolution_high                              1.23 
_reflns.d_resolution_low                               39.68 
_reflns.details                                        ? 
_reflns.limit_h_max                                    ? 
_reflns.limit_h_min                                    ? 
_reflns.limit_k_max                                    ? 
_reflns.limit_k_min                                    ? 
_reflns.limit_l_max                                    ? 
_reflns.limit_l_min                                    ? 
_reflns.number_all                                     ? 
_reflns.number_obs                                     38688 
_reflns.observed_criterion                             ? 
_reflns.observed_criterion_F_max                       ? 
_reflns.observed_criterion_F_min                       ? 
_reflns.observed_criterion_I_max                       ? 
_reflns.observed_criterion_I_min                       ? 
_reflns.observed_criterion_sigma_F                     ? 
_reflns.observed_criterion_sigma_I                     ? 
_reflns.percent_possible_obs                           100.0 
_reflns.R_free_details                                 ? 
_reflns.Rmerge_F_all                                   ? 
_reflns.Rmerge_F_obs                                   ? 
_reflns.Friedel_coverage                               ? 
_reflns.number_gt                                      ? 
_reflns.threshold_expression                           ? 
_reflns.pdbx_redundancy                                12.8 
_reflns.pdbx_Rmerge_I_obs                              0.098 
_reflns.pdbx_Rmerge_I_all                              ? 
_reflns.pdbx_Rsym_value                                ? 
_reflns.pdbx_netI_over_av_sigmaI                       ? 
_reflns.pdbx_netI_over_sigmaI                          12.2 
_reflns.pdbx_res_netI_over_av_sigmaI_2                 ? 
_reflns.pdbx_res_netI_over_sigmaI_2                    ? 
_reflns.pdbx_chi_squared                               ? 
_reflns.pdbx_scaling_rejects                           ? 
_reflns.pdbx_d_res_high_opt                            ? 
_reflns.pdbx_d_res_low_opt                             ? 
_reflns.pdbx_d_res_opt_method                          ? 
_reflns.phase_calculation_details                      ? 
_reflns.pdbx_Rrim_I_all                                0.106 
_reflns.pdbx_Rpim_I_all                                0.040 
_reflns.pdbx_d_opt                                     ? 
_reflns.pdbx_number_measured_all                       ? 
_reflns.pdbx_diffrn_id                                 1 
_reflns.pdbx_ordinal                                   1 
_reflns.pdbx_CC_half                                   1.000 
_reflns.pdbx_CC_star                                   ? 
_reflns.pdbx_R_split                                   ? 
_reflns.pdbx_aniso_diffraction_limit_axis_1_ortho[1]   ? 
_reflns.pdbx_aniso_diffraction_limit_axis_1_ortho[2]   ? 
_reflns.pdbx_aniso_diffraction_limit_axis_1_ortho[3]   ? 
_reflns.pdbx_aniso_diffraction_limit_axis_2_ortho[1]   ? 
_reflns.pdbx_aniso_diffraction_limit_axis_2_ortho[2]   ? 
_reflns.pdbx_aniso_diffraction_limit_axis_2_ortho[3]   ? 
_reflns.pdbx_aniso_diffraction_limit_axis_3_ortho[1]   ? 
_reflns.pdbx_aniso_diffraction_limit_axis_3_ortho[2]   ? 
_reflns.pdbx_aniso_diffraction_limit_axis_3_ortho[3]   ? 
_reflns.pdbx_aniso_diffraction_limit_1                 ? 
_reflns.pdbx_aniso_diffraction_limit_2                 ? 
_reflns.pdbx_aniso_diffraction_limit_3                 ? 
_reflns.pdbx_aniso_B_tensor_eigenvector_1_ortho[1]     ? 
_reflns.pdbx_aniso_B_tensor_eigenvector_1_ortho[2]     ? 
_reflns.pdbx_aniso_B_tensor_eigenvector_1_ortho[3]     ? 
_reflns.pdbx_aniso_B_tensor_eigenvector_2_ortho[1]     ? 
_reflns.pdbx_aniso_B_tensor_eigenvector_2_ortho[2]     ? 
_reflns.pdbx_aniso_B_tensor_eigenvector_2_ortho[3]     ? 
_reflns.pdbx_aniso_B_tensor_eigenvector_3_ortho[1]     ? 
_reflns.pdbx_aniso_B_tensor_eigenvector_3_ortho[2]     ? 
_reflns.pdbx_aniso_B_tensor_eigenvector_3_ortho[3]     ? 
_reflns.pdbx_aniso_B_tensor_eigenvalue_1               ? 
_reflns.pdbx_aniso_B_tensor_eigenvalue_2               ? 
_reflns.pdbx_aniso_B_tensor_eigenvalue_3               ? 
_reflns.pdbx_orthogonalization_convention              ? 
_reflns.pdbx_percent_possible_ellipsoidal              ? 
_reflns.pdbx_percent_possible_spherical                ? 
_reflns.pdbx_percent_possible_ellipsoidal_anomalous    ? 
_reflns.pdbx_percent_possible_spherical_anomalous      ? 
_reflns.pdbx_redundancy_anomalous                      ? 
_reflns.pdbx_CC_half_anomalous                         ? 
_reflns.pdbx_absDiff_over_sigma_anomalous              ? 
_reflns.pdbx_percent_possible_anomalous                ? 
_reflns.pdbx_observed_signal_threshold                 ? 
_reflns.pdbx_signal_type                               ? 
_reflns.pdbx_signal_details                            ? 
_reflns.pdbx_signal_software_id                        ? 
# 
loop_
_reflns_shell.d_res_high 
_reflns_shell.d_res_low 
_reflns_shell.meanI_over_sigI_all 
_reflns_shell.meanI_over_sigI_obs 
_reflns_shell.number_measured_all 
_reflns_shell.number_measured_obs 
_reflns_shell.number_possible 
_reflns_shell.number_unique_all 
_reflns_shell.number_unique_obs 
_reflns_shell.percent_possible_all 
_reflns_shell.percent_possible_obs 
_reflns_shell.Rmerge_F_all 
_reflns_shell.Rmerge_F_obs 
_reflns_shell.Rmerge_I_all 
_reflns_shell.Rmerge_I_obs 
_reflns_shell.meanI_over_sigI_gt 
_reflns_shell.meanI_over_uI_all 
_reflns_shell.meanI_over_uI_gt 
_reflns_shell.number_measured_gt 
_reflns_shell.number_unique_gt 
_reflns_shell.percent_possible_gt 
_reflns_shell.Rmerge_F_gt 
_reflns_shell.Rmerge_I_gt 
_reflns_shell.pdbx_redundancy 
_reflns_shell.pdbx_Rsym_value 
_reflns_shell.pdbx_chi_squared 
_reflns_shell.pdbx_netI_over_sigmaI_all 
_reflns_shell.pdbx_netI_over_sigmaI_obs 
_reflns_shell.pdbx_Rrim_I_all 
_reflns_shell.pdbx_Rpim_I_all 
_reflns_shell.pdbx_rejects 
_reflns_shell.pdbx_ordinal 
_reflns_shell.pdbx_diffrn_id 
_reflns_shell.pdbx_CC_half 
_reflns_shell.pdbx_CC_star 
_reflns_shell.pdbx_R_split 
_reflns_shell.pdbx_percent_possible_ellipsoidal 
_reflns_shell.pdbx_percent_possible_spherical 
_reflns_shell.pdbx_percent_possible_ellipsoidal_anomalous 
_reflns_shell.pdbx_percent_possible_spherical_anomalous 
_reflns_shell.pdbx_redundancy_anomalous 
_reflns_shell.pdbx_CC_half_anomalous 
_reflns_shell.pdbx_absDiff_over_sigma_anomalous 
_reflns_shell.pdbx_percent_possible_anomalous 
6.74 39.68 ? ? ? ? ? ? 297  ? ? ? ? ? 0.025 ? ? ? ? ? ? ? ? 11.0 ? ? ? ? 0.027 0.010 ? 1 1 1.000 ? ? ? ? ? ? ? ? ? ? 
1.23 1.25  ? ? ? ? ? ? 1890 ? ? ? ? ? 3.460 ? ? ? ? ? ? ? ? 12.9 ? ? ? ? 3.751 1.438 ? 2 1 0.339 ? ? ? ? ? ? ? ? ? ? 
# 
_refine.aniso_B[1][1]                            0.610 
_refine.aniso_B[1][2]                            0.000 
_refine.aniso_B[1][3]                            -0.000 
_refine.aniso_B[2][2]                            -0.423 
_refine.aniso_B[2][3]                            0.000 
_refine.aniso_B[3][3]                            -0.187 
_refine.B_iso_max                                ? 
_refine.B_iso_mean                               19.365 
_refine.B_iso_min                                ? 
_refine.correlation_coeff_Fo_to_Fc               0.965 
_refine.correlation_coeff_Fo_to_Fc_free          0.949 
_refine.details                                  'Hydrogens have been added in their riding positions' 
_refine.diff_density_max                         ? 
_refine.diff_density_max_esd                     ? 
_refine.diff_density_min                         ? 
_refine.diff_density_min_esd                     ? 
_refine.diff_density_rms                         ? 
_refine.diff_density_rms_esd                     ? 
_refine.entry_id                                 7ZE7 
_refine.pdbx_refine_id                           'X-RAY DIFFRACTION' 
_refine.ls_abs_structure_details                 ? 
_refine.ls_abs_structure_Flack                   ? 
_refine.ls_abs_structure_Flack_esd               ? 
_refine.ls_abs_structure_Rogers                  ? 
_refine.ls_abs_structure_Rogers_esd              ? 
_refine.ls_d_res_high                            1.230 
_refine.ls_d_res_low                             39.68 
_refine.ls_extinction_coef                       ? 
_refine.ls_extinction_coef_esd                   ? 
_refine.ls_extinction_expression                 ? 
_refine.ls_extinction_method                     ? 
_refine.ls_goodness_of_fit_all                   ? 
_refine.ls_goodness_of_fit_all_esd               ? 
_refine.ls_goodness_of_fit_obs                   ? 
_refine.ls_goodness_of_fit_obs_esd               ? 
_refine.ls_hydrogen_treatment                    ? 
_refine.ls_matrix_type                           ? 
_refine.ls_number_constraints                    ? 
_refine.ls_number_parameters                     ? 
_refine.ls_number_reflns_all                     ? 
_refine.ls_number_reflns_obs                     38624 
_refine.ls_number_reflns_R_free                  1919 
_refine.ls_number_reflns_R_work                  36705 
_refine.ls_number_restraints                     ? 
_refine.ls_percent_reflns_obs                    99.972 
_refine.ls_percent_reflns_R_free                 4.968 
_refine.ls_R_factor_all                          0.204 
_refine.ls_R_factor_obs                          ? 
_refine.ls_R_factor_R_free                       0.2365 
_refine.ls_R_factor_R_free_error                 ? 
_refine.ls_R_factor_R_free_error_details         ? 
_refine.ls_R_factor_R_work                       0.2026 
_refine.ls_R_Fsqd_factor_obs                     ? 
_refine.ls_R_I_factor_obs                        ? 
_refine.ls_redundancy_reflns_all                 ? 
_refine.ls_redundancy_reflns_obs                 ? 
_refine.ls_restrained_S_all                      ? 
_refine.ls_restrained_S_obs                      ? 
_refine.ls_shift_over_esd_max                    ? 
_refine.ls_shift_over_esd_mean                   ? 
_refine.ls_structure_factor_coef                 ? 
_refine.ls_weighting_details                     ? 
_refine.ls_weighting_scheme                      ? 
_refine.ls_wR_factor_all                         ? 
_refine.ls_wR_factor_obs                         ? 
_refine.ls_wR_factor_R_free                      ? 
_refine.ls_wR_factor_R_work                      ? 
_refine.occupancy_max                            ? 
_refine.occupancy_min                            ? 
_refine.solvent_model_details                    'MASK BULK SOLVENT' 
_refine.solvent_model_param_bsol                 ? 
_refine.solvent_model_param_ksol                 ? 
_refine.pdbx_R_complete                          ? 
_refine.ls_R_factor_gt                           ? 
_refine.ls_goodness_of_fit_gt                    ? 
_refine.ls_goodness_of_fit_ref                   ? 
_refine.ls_shift_over_su_max                     ? 
_refine.ls_shift_over_su_max_lt                  ? 
_refine.ls_shift_over_su_mean                    ? 
_refine.ls_shift_over_su_mean_lt                 ? 
_refine.pdbx_ls_sigma_I                          ? 
_refine.pdbx_ls_sigma_F                          ? 
_refine.pdbx_ls_sigma_Fsqd                       ? 
_refine.pdbx_data_cutoff_high_absF               ? 
_refine.pdbx_data_cutoff_high_rms_absF           ? 
_refine.pdbx_data_cutoff_low_absF                ? 
_refine.pdbx_isotropic_thermal_model             ? 
_refine.pdbx_ls_cross_valid_method               'FREE R-VALUE' 
_refine.pdbx_method_to_determine_struct          'MOLECULAR REPLACEMENT' 
_refine.pdbx_starting_model                      5LRQ 
_refine.pdbx_stereochemistry_target_values       ? 
_refine.pdbx_R_Free_selection_details            ? 
_refine.pdbx_stereochem_target_val_spec_case     ? 
_refine.pdbx_overall_ESU_R                       0.052 
_refine.pdbx_overall_ESU_R_Free                  0.056 
_refine.pdbx_solvent_vdw_probe_radii             1.200 
_refine.pdbx_solvent_ion_probe_radii             0.800 
_refine.pdbx_solvent_shrinkage_radii             0.800 
_refine.pdbx_real_space_R                        ? 
_refine.pdbx_density_correlation                 ? 
_refine.pdbx_pd_number_of_powder_patterns        ? 
_refine.pdbx_pd_number_of_points                 ? 
_refine.pdbx_pd_meas_number_of_points            ? 
_refine.pdbx_pd_proc_ls_prof_R_factor            ? 
_refine.pdbx_pd_proc_ls_prof_wR_factor           ? 
_refine.pdbx_pd_Marquardt_correlation_coeff      ? 
_refine.pdbx_pd_Fsqrd_R_factor                   ? 
_refine.pdbx_pd_ls_matrix_band_width             ? 
_refine.pdbx_overall_phase_error                 ? 
_refine.pdbx_overall_SU_R_free_Cruickshank_DPI   ? 
_refine.pdbx_overall_SU_R_free_Blow_DPI          ? 
_refine.pdbx_overall_SU_R_Blow_DPI               ? 
_refine.pdbx_TLS_residual_ADP_flag               ? 
_refine.pdbx_diffrn_id                           1 
_refine.overall_SU_B                             1.159 
_refine.overall_SU_ML                            0.049 
_refine.overall_SU_R_Cruickshank_DPI             ? 
_refine.overall_SU_R_free                        ? 
_refine.overall_FOM_free_R_set                   ? 
_refine.overall_FOM_work_R_set                   ? 
_refine.pdbx_average_fsc_overall                 ? 
_refine.pdbx_average_fsc_work                    ? 
_refine.pdbx_average_fsc_free                    ? 
# 
_refine_hist.pdbx_refine_id                   'X-RAY DIFFRACTION' 
_refine_hist.cycle_id                         LAST 
_refine_hist.details                          ? 
_refine_hist.d_res_high                       1.230 
_refine_hist.d_res_low                        39.68 
_refine_hist.number_atoms_solvent             169 
_refine_hist.number_atoms_total               1271 
_refine_hist.number_reflns_all                ? 
_refine_hist.number_reflns_obs                ? 
_refine_hist.number_reflns_R_free             ? 
_refine_hist.number_reflns_R_work             ? 
_refine_hist.R_factor_all                     ? 
_refine_hist.R_factor_obs                     ? 
_refine_hist.R_factor_R_free                  ? 
_refine_hist.R_factor_R_work                  ? 
_refine_hist.pdbx_number_residues_total       ? 
_refine_hist.pdbx_B_iso_mean_ligand           ? 
_refine_hist.pdbx_B_iso_mean_solvent          ? 
_refine_hist.pdbx_number_atoms_protein        1076 
_refine_hist.pdbx_number_atoms_nucleic_acid   0 
_refine_hist.pdbx_number_atoms_ligand         26 
_refine_hist.pdbx_number_atoms_lipid          ? 
_refine_hist.pdbx_number_atoms_carb           ? 
_refine_hist.pdbx_pseudo_atom_details         ? 
# 
loop_
_refine_ls_restr.pdbx_refine_id 
_refine_ls_restr.criterion 
_refine_ls_restr.dev_ideal 
_refine_ls_restr.dev_ideal_target 
_refine_ls_restr.number 
_refine_ls_restr.rejects 
_refine_ls_restr.type 
_refine_ls_restr.weight 
_refine_ls_restr.pdbx_restraint_function 
'X-RAY DIFFRACTION' ? 0.011  0.012  1194 ? r_bond_refined_d               ? ? 
'X-RAY DIFFRACTION' ? 1.968  1.653  1631 ? r_angle_refined_deg            ? ? 
'X-RAY DIFFRACTION' ? 5.444  5.000  140  ? r_dihedral_angle_1_deg         ? ? 
'X-RAY DIFFRACTION' ? 36.608 25.167 60   ? r_dihedral_angle_2_deg         ? ? 
'X-RAY DIFFRACTION' ? 12.475 15.000 209  ? r_dihedral_angle_3_deg         ? ? 
'X-RAY DIFFRACTION' ? 19.336 15.000 3    ? r_dihedral_angle_4_deg         ? ? 
'X-RAY DIFFRACTION' ? 0.116  0.200  151  ? r_chiral_restr                 ? ? 
'X-RAY DIFFRACTION' ? 0.012  0.020  938  ? r_gen_planes_refined           ? ? 
'X-RAY DIFFRACTION' ? 0.216  0.200  596  ? r_nbd_refined                  ? ? 
'X-RAY DIFFRACTION' ? 0.322  0.200  798  ? r_nbtor_refined                ? ? 
'X-RAY DIFFRACTION' ? 0.229  0.200  98   ? r_xyhbond_nbd_refined          ? ? 
'X-RAY DIFFRACTION' ? 0.168  0.200  42   ? r_symmetry_nbd_refined         ? ? 
'X-RAY DIFFRACTION' ? 0.270  0.200  25   ? r_symmetry_xyhbond_nbd_refined ? ? 
'X-RAY DIFFRACTION' ? 1.541  1.522  542  ? r_mcbond_it                    ? ? 
'X-RAY DIFFRACTION' ? 2.160  2.278  685  ? r_mcangle_it                   ? ? 
'X-RAY DIFFRACTION' ? 2.712  1.905  652  ? r_scbond_it                    ? ? 
'X-RAY DIFFRACTION' ? 3.880  2.744  945  ? r_scangle_it                   ? ? 
'X-RAY DIFFRACTION' ? 5.235  22.947 1944 ? r_lrange_it                    ? ? 
# 
loop_
_refine_ls_shell.pdbx_refine_id 
_refine_ls_shell.d_res_high 
_refine_ls_shell.d_res_low 
_refine_ls_shell.number_reflns_all 
_refine_ls_shell.number_reflns_obs 
_refine_ls_shell.number_reflns_R_free 
_refine_ls_shell.number_reflns_R_work 
_refine_ls_shell.percent_reflns_obs 
_refine_ls_shell.percent_reflns_R_free 
_refine_ls_shell.R_factor_all 
_refine_ls_shell.R_factor_obs 
_refine_ls_shell.R_factor_R_free 
_refine_ls_shell.R_factor_R_free_error 
_refine_ls_shell.R_factor_R_work 
_refine_ls_shell.redundancy_reflns_all 
_refine_ls_shell.redundancy_reflns_obs 
_refine_ls_shell.wR_factor_all 
_refine_ls_shell.wR_factor_obs 
_refine_ls_shell.wR_factor_R_free 
_refine_ls_shell.wR_factor_R_work 
_refine_ls_shell.pdbx_R_complete 
_refine_ls_shell.pdbx_total_number_of_bins_used 
_refine_ls_shell.pdbx_phase_error 
_refine_ls_shell.pdbx_fsc_work 
_refine_ls_shell.pdbx_fsc_free 
'X-RAY DIFFRACTION' 1.230 1.262 . . 150 2678 100.0000 . . . 0.351 . 0.340 . . . . . . . . . . . 
'X-RAY DIFFRACTION' 1.262 1.297 . . 142 2585 100.0000 . . . 0.341 . 0.327 . . . . . . . . . . . 
'X-RAY DIFFRACTION' 1.297 1.334 . . 124 2534 99.9624  . . . 0.316 . 0.297 . . . . . . . . . . . 
'X-RAY DIFFRACTION' 1.334 1.375 . . 105 2482 100.0000 . . . 0.280 . 0.281 . . . . . . . . . . . 
'X-RAY DIFFRACTION' 1.375 1.420 . . 109 2416 99.9604  . . . 0.284 . 0.264 . . . . . . . . . . . 
'X-RAY DIFFRACTION' 1.420 1.470 . . 139 2307 100.0000 . . . 0.270 . 0.242 . . . . . . . . . . . 
'X-RAY DIFFRACTION' 1.470 1.526 . . 105 2247 100.0000 . . . 0.280 . 0.219 . . . . . . . . . . . 
'X-RAY DIFFRACTION' 1.526 1.588 . . 109 2169 100.0000 . . . 0.273 . 0.198 . . . . . . . . . . . 
'X-RAY DIFFRACTION' 1.588 1.658 . . 118 2064 100.0000 . . . 0.227 . 0.190 . . . . . . . . . . . 
'X-RAY DIFFRACTION' 1.658 1.739 . . 102 1987 100.0000 . . . 0.224 . 0.192 . . . . . . . . . . . 
'X-RAY DIFFRACTION' 1.739 1.833 . . 107 1875 100.0000 . . . 0.211 . 0.187 . . . . . . . . . . . 
'X-RAY DIFFRACTION' 1.833 1.944 . . 89  1795 100.0000 . . . 0.238 . 0.193 . . . . . . . . . . . 
'X-RAY DIFFRACTION' 1.944 2.079 . . 106 1684 100.0000 . . . 0.221 . 0.195 . . . . . . . . . . . 
'X-RAY DIFFRACTION' 2.079 2.245 . . 77  1598 100.0000 . . . 0.214 . 0.191 . . . . . . . . . . . 
'X-RAY DIFFRACTION' 2.245 2.459 . . 73  1460 100.0000 . . . 0.234 . 0.183 . . . . . . . . . . . 
'X-RAY DIFFRACTION' 2.459 2.749 . . 70  1345 100.0000 . . . 0.221 . 0.192 . . . . . . . . . . . 
'X-RAY DIFFRACTION' 2.749 3.174 . . 65  1181 100.0000 . . . 0.241 . 0.189 . . . . . . . . . . . 
'X-RAY DIFFRACTION' 3.174 3.885 . . 55  1011 100.0000 . . . 0.186 . 0.175 . . . . . . . . . . . 
'X-RAY DIFFRACTION' 3.885 5.488 . . 42  812  100.0000 . . . 0.196 . 0.158 . . . . . . . . . . . 
'X-RAY DIFFRACTION' 5.488 39.68 . . 32  475  100.0000 . . . 0.323 . 0.274 . . . . . . . . . . . 
# 
_struct.entry_id                     7ZE7 
_struct.title                        'BRD4 in complex with FragLite21' 
_struct.pdbx_model_details           ? 
_struct.pdbx_formula_weight          ? 
_struct.pdbx_formula_weight_method   ? 
_struct.pdbx_model_type_details      ? 
_struct.pdbx_CASP_flag               N 
# 
_struct_keywords.entry_id        7ZE7 
_struct_keywords.text            'FragLites, anomalous, BRD4, Fragment screening, TRANSCRIPTION' 
_struct_keywords.pdbx_keywords   TRANSCRIPTION 
# 
loop_
_struct_asym.id 
_struct_asym.pdbx_blank_PDB_chainid_flag 
_struct_asym.pdbx_modified 
_struct_asym.entity_id 
_struct_asym.details 
A N N 1 ? 
B N N 2 ? 
C N N 2 ? 
D N N 3 ? 
E N N 4 ? 
# 
_struct_ref.id                         1 
_struct_ref.db_name                    UNP 
_struct_ref.db_code                    BRD4_HUMAN 
_struct_ref.pdbx_db_accession          O60885 
_struct_ref.pdbx_db_isoform            ? 
_struct_ref.entity_id                  1 
_struct_ref.pdbx_seq_one_letter_code   
;NPPPPETSNPNKPKRQTNQLQYLLRVVLKTLWKHQFAWPFQQPVDAVKLNLPDYYKIIKTPMDMGTIKKRLENNYYWNAQ
ECIQDFNTMFTNCYIYNKPGDDIVLMAEALEKLFLQKINELPTEE
;
_struct_ref.pdbx_align_begin           44 
# 
_struct_ref_seq.align_id                      1 
_struct_ref_seq.ref_id                        1 
_struct_ref_seq.pdbx_PDB_id_code              7ZE7 
_struct_ref_seq.pdbx_strand_id                AAA 
_struct_ref_seq.seq_align_beg                 5 
_struct_ref_seq.pdbx_seq_align_beg_ins_code   ? 
_struct_ref_seq.seq_align_end                 129 
_struct_ref_seq.pdbx_seq_align_end_ins_code   ? 
_struct_ref_seq.pdbx_db_accession             O60885 
_struct_ref_seq.db_align_beg                  44 
_struct_ref_seq.pdbx_db_align_beg_ins_code    ? 
_struct_ref_seq.db_align_end                  168 
_struct_ref_seq.pdbx_db_align_end_ins_code    ? 
_struct_ref_seq.pdbx_auth_seq_align_beg       44 
_struct_ref_seq.pdbx_auth_seq_align_end       168 
# 
loop_
_struct_ref_seq_dif.align_id 
_struct_ref_seq_dif.pdbx_pdb_id_code 
_struct_ref_seq_dif.mon_id 
_struct_ref_seq_dif.pdbx_pdb_strand_id 
_struct_ref_seq_dif.seq_num 
_struct_ref_seq_dif.pdbx_pdb_ins_code 
_struct_ref_seq_dif.pdbx_seq_db_name 
_struct_ref_seq_dif.pdbx_seq_db_accession_code 
_struct_ref_seq_dif.db_mon_id 
_struct_ref_seq_dif.pdbx_seq_db_seq_num 
_struct_ref_seq_dif.details 
_struct_ref_seq_dif.pdbx_auth_seq_num 
_struct_ref_seq_dif.pdbx_ordinal 
1 7ZE7 GLY AAA 1 ? UNP O60885 ? ? 'expression tag' 40 1 
1 7ZE7 SER AAA 2 ? UNP O60885 ? ? 'expression tag' 41 2 
1 7ZE7 HIS AAA 3 ? UNP O60885 ? ? 'expression tag' 42 3 
1 7ZE7 MET AAA 4 ? UNP O60885 ? ? 'expression tag' 43 4 
# 
_pdbx_struct_assembly.id                   1 
_pdbx_struct_assembly.details              author_and_software_defined_assembly 
_pdbx_struct_assembly.method_details       PISA 
_pdbx_struct_assembly.oligomeric_details   monomeric 
_pdbx_struct_assembly.oligomeric_count     1 
# 
loop_
_pdbx_struct_assembly_prop.biol_id 
_pdbx_struct_assembly_prop.type 
_pdbx_struct_assembly_prop.value 
_pdbx_struct_assembly_prop.details 
1 'ABSA (A^2)' 250  ? 
1 MORE         0    ? 
1 'SSA (A^2)'  7820 ? 
# 
_pdbx_struct_assembly_gen.assembly_id       1 
_pdbx_struct_assembly_gen.oper_expression   1 
_pdbx_struct_assembly_gen.asym_id_list      A,B,C,D,E 
# 
_pdbx_struct_assembly_auth_evidence.id                     1 
_pdbx_struct_assembly_auth_evidence.assembly_id            1 
_pdbx_struct_assembly_auth_evidence.experimental_support   'gel filtration' 
_pdbx_struct_assembly_auth_evidence.details                ? 
# 
_pdbx_struct_oper_list.id                   1 
_pdbx_struct_oper_list.type                 'identity operation' 
_pdbx_struct_oper_list.name                 1_555 
_pdbx_struct_oper_list.symmetry_operation   x,y,z 
_pdbx_struct_oper_list.matrix[1][1]         1.0000000000 
_pdbx_struct_oper_list.matrix[1][2]         0.0000000000 
_pdbx_struct_oper_list.matrix[1][3]         0.0000000000 
_pdbx_struct_oper_list.vector[1]            0.0000000000 
_pdbx_struct_oper_list.matrix[2][1]         0.0000000000 
_pdbx_struct_oper_list.matrix[2][2]         1.0000000000 
_pdbx_struct_oper_list.matrix[2][3]         0.0000000000 
_pdbx_struct_oper_list.vector[2]            0.0000000000 
_pdbx_struct_oper_list.matrix[3][1]         0.0000000000 
_pdbx_struct_oper_list.matrix[3][2]         0.0000000000 
_pdbx_struct_oper_list.matrix[3][3]         1.0000000000 
_pdbx_struct_oper_list.vector[3]            0.0000000000 
# 
loop_
_struct_conf.conf_type_id 
_struct_conf.id 
_struct_conf.pdbx_PDB_helix_id 
_struct_conf.beg_label_comp_id 
_struct_conf.beg_label_asym_id 
_struct_conf.beg_label_seq_id 
_struct_conf.pdbx_beg_PDB_ins_code 
_struct_conf.end_label_comp_id 
_struct_conf.end_label_asym_id 
_struct_conf.end_label_seq_id 
_struct_conf.pdbx_end_PDB_ins_code 
_struct_conf.beg_auth_comp_id 
_struct_conf.beg_auth_asym_id 
_struct_conf.beg_auth_seq_id 
_struct_conf.end_auth_comp_id 
_struct_conf.end_auth_asym_id 
_struct_conf.end_auth_seq_id 
_struct_conf.pdbx_PDB_helix_class 
_struct_conf.details 
_struct_conf.pdbx_PDB_helix_length 
HELX_P HELX_P1 AA1 THR A 21  ? VAL A 30  ? THR AAA 60  VAL AAA 69  1 ? 10 
HELX_P HELX_P2 AA2 VAL A 30  ? LYS A 37  ? VAL AAA 69  LYS AAA 76  1 ? 8  
HELX_P HELX_P3 AA3 ALA A 41  ? GLN A 45  ? ALA AAA 80  GLN AAA 84  5 ? 5  
HELX_P HELX_P4 AA4 ASP A 57  ? ILE A 62  ? ASP AAA 96  ILE AAA 101 1 ? 6  
HELX_P HELX_P5 AA5 ASP A 67  ? ASN A 77  ? ASP AAA 106 ASN AAA 116 1 ? 11 
HELX_P HELX_P6 AA6 ASN A 82  ? ASN A 101 ? ASN AAA 121 ASN AAA 140 1 ? 20 
HELX_P HELX_P7 AA7 ASP A 105 ? GLU A 124 ? ASP AAA 144 GLU AAA 163 1 ? 20 
# 
_struct_conf_type.id          HELX_P 
_struct_conf_type.criteria    ? 
_struct_conf_type.reference   ? 
# 
loop_
_pdbx_validate_close_contact.id 
_pdbx_validate_close_contact.PDB_model_num 
_pdbx_validate_close_contact.auth_atom_id_1 
_pdbx_validate_close_contact.auth_asym_id_1 
_pdbx_validate_close_contact.auth_comp_id_1 
_pdbx_validate_close_contact.auth_seq_id_1 
_pdbx_validate_close_contact.PDB_ins_code_1 
_pdbx_validate_close_contact.label_alt_id_1 
_pdbx_validate_close_contact.auth_atom_id_2 
_pdbx_validate_close_contact.auth_asym_id_2 
_pdbx_validate_close_contact.auth_comp_id_2 
_pdbx_validate_close_contact.auth_seq_id_2 
_pdbx_validate_close_contact.PDB_ins_code_2 
_pdbx_validate_close_contact.label_alt_id_2 
_pdbx_validate_close_contact.dist 
1 1 O   AAA HOH 390 ? ? O  AAA HOH 398 ? ? 1.65 
2 1 O   AAA HOH 332 ? ? O  AAA HOH 395 ? ? 1.81 
3 1 OD1 AAA ASN 135 ? ? O3 AAA GOL 203 ? ? 1.98 
4 1 O   AAA HOH 315 ? ? O  AAA HOH 363 ? ? 2.12 
5 1 NZ  AAA LYS 76  ? ? O  AAA HOH 301 ? ? 2.14 
# 
_pdbx_validate_symm_contact.id                1 
_pdbx_validate_symm_contact.PDB_model_num     1 
_pdbx_validate_symm_contact.auth_atom_id_1    O 
_pdbx_validate_symm_contact.auth_asym_id_1    AAA 
_pdbx_validate_symm_contact.auth_comp_id_1    HOH 
_pdbx_validate_symm_contact.auth_seq_id_1     372 
_pdbx_validate_symm_contact.PDB_ins_code_1    ? 
_pdbx_validate_symm_contact.label_alt_id_1    ? 
_pdbx_validate_symm_contact.site_symmetry_1   1_555 
_pdbx_validate_symm_contact.auth_atom_id_2    O 
_pdbx_validate_symm_contact.auth_asym_id_2    AAA 
_pdbx_validate_symm_contact.auth_comp_id_2    HOH 
_pdbx_validate_symm_contact.auth_seq_id_2     384 
_pdbx_validate_symm_contact.PDB_ins_code_2    ? 
_pdbx_validate_symm_contact.label_alt_id_2    ? 
_pdbx_validate_symm_contact.site_symmetry_2   4_555 
_pdbx_validate_symm_contact.dist              1.90 
# 
loop_
_pdbx_validate_rmsd_angle.id 
_pdbx_validate_rmsd_angle.PDB_model_num 
_pdbx_validate_rmsd_angle.auth_atom_id_1 
_pdbx_validate_rmsd_angle.auth_asym_id_1 
_pdbx_validate_rmsd_angle.auth_comp_id_1 
_pdbx_validate_rmsd_angle.auth_seq_id_1 
_pdbx_validate_rmsd_angle.PDB_ins_code_1 
_pdbx_validate_rmsd_angle.label_alt_id_1 
_pdbx_validate_rmsd_angle.auth_atom_id_2 
_pdbx_validate_rmsd_angle.auth_asym_id_2 
_pdbx_validate_rmsd_angle.auth_comp_id_2 
_pdbx_validate_rmsd_angle.auth_seq_id_2 
_pdbx_validate_rmsd_angle.PDB_ins_code_2 
_pdbx_validate_rmsd_angle.label_alt_id_2 
_pdbx_validate_rmsd_angle.auth_atom_id_3 
_pdbx_validate_rmsd_angle.auth_asym_id_3 
_pdbx_validate_rmsd_angle.auth_comp_id_3 
_pdbx_validate_rmsd_angle.auth_seq_id_3 
_pdbx_validate_rmsd_angle.PDB_ins_code_3 
_pdbx_validate_rmsd_angle.label_alt_id_3 
_pdbx_validate_rmsd_angle.angle_value 
_pdbx_validate_rmsd_angle.angle_target_value 
_pdbx_validate_rmsd_angle.angle_deviation 
_pdbx_validate_rmsd_angle.angle_standard_deviation 
_pdbx_validate_rmsd_angle.linker_flag 
1 1 CG AAA ARG 58  ? ? CD AAA ARG 58  ? ? NE  AAA ARG 58  ? ? 94.38  111.80 -17.42 2.10 N 
2 1 NE AAA ARG 113 ? ? CZ AAA ARG 113 ? ? NH1 AAA ARG 113 ? ? 123.35 120.30 3.05   0.50 N 
3 1 NE AAA ARG 113 ? ? CZ AAA ARG 113 ? ? NH2 AAA ARG 113 ? ? 116.82 120.30 -3.48  0.50 N 
# 
_pdbx_validate_torsion.id              1 
_pdbx_validate_torsion.PDB_model_num   1 
_pdbx_validate_torsion.auth_comp_id    ASN 
_pdbx_validate_torsion.auth_asym_id    AAA 
_pdbx_validate_torsion.auth_seq_id     52 
_pdbx_validate_torsion.PDB_ins_code    ? 
_pdbx_validate_torsion.label_alt_id    ? 
_pdbx_validate_torsion.phi             -167.00 
_pdbx_validate_torsion.psi             106.75 
# 
_pdbx_entry_details.entry_id                 7ZE7 
_pdbx_entry_details.has_ligand_of_interest   Y 
_pdbx_entry_details.compound_details         ? 
_pdbx_entry_details.source_details           ? 
_pdbx_entry_details.nonpolymer_details       ? 
_pdbx_entry_details.sequence_details         ? 
# 
loop_
_chem_comp_atom.comp_id 
_chem_comp_atom.atom_id 
_chem_comp_atom.type_symbol 
_chem_comp_atom.pdbx_aromatic_flag 
_chem_comp_atom.pdbx_stereo_config 
_chem_comp_atom.pdbx_ordinal 
ALA N    N  N N 1   
ALA CA   C  N S 2   
ALA C    C  N N 3   
ALA O    O  N N 4   
ALA CB   C  N N 5   
ALA OXT  O  N N 6   
ALA H    H  N N 7   
ALA H2   H  N N 8   
ALA HA   H  N N 9   
ALA HB1  H  N N 10  
ALA HB2  H  N N 11  
ALA HB3  H  N N 12  
ALA HXT  H  N N 13  
ARG N    N  N N 14  
ARG CA   C  N S 15  
ARG C    C  N N 16  
ARG O    O  N N 17  
ARG CB   C  N N 18  
ARG CG   C  N N 19  
ARG CD   C  N N 20  
ARG NE   N  N N 21  
ARG CZ   C  N N 22  
ARG NH1  N  N N 23  
ARG NH2  N  N N 24  
ARG OXT  O  N N 25  
ARG H    H  N N 26  
ARG H2   H  N N 27  
ARG HA   H  N N 28  
ARG HB2  H  N N 29  
ARG HB3  H  N N 30  
ARG HG2  H  N N 31  
ARG HG3  H  N N 32  
ARG HD2  H  N N 33  
ARG HD3  H  N N 34  
ARG HE   H  N N 35  
ARG HH11 H  N N 36  
ARG HH12 H  N N 37  
ARG HH21 H  N N 38  
ARG HH22 H  N N 39  
ARG HXT  H  N N 40  
ASN N    N  N N 41  
ASN CA   C  N S 42  
ASN C    C  N N 43  
ASN O    O  N N 44  
ASN CB   C  N N 45  
ASN CG   C  N N 46  
ASN OD1  O  N N 47  
ASN ND2  N  N N 48  
ASN OXT  O  N N 49  
ASN H    H  N N 50  
ASN H2   H  N N 51  
ASN HA   H  N N 52  
ASN HB2  H  N N 53  
ASN HB3  H  N N 54  
ASN HD21 H  N N 55  
ASN HD22 H  N N 56  
ASN HXT  H  N N 57  
ASP N    N  N N 58  
ASP CA   C  N S 59  
ASP C    C  N N 60  
ASP O    O  N N 61  
ASP CB   C  N N 62  
ASP CG   C  N N 63  
ASP OD1  O  N N 64  
ASP OD2  O  N N 65  
ASP OXT  O  N N 66  
ASP H    H  N N 67  
ASP H2   H  N N 68  
ASP HA   H  N N 69  
ASP HB2  H  N N 70  
ASP HB3  H  N N 71  
ASP HD2  H  N N 72  
ASP HXT  H  N N 73  
CYS N    N  N N 74  
CYS CA   C  N R 75  
CYS C    C  N N 76  
CYS O    O  N N 77  
CYS CB   C  N N 78  
CYS SG   S  N N 79  
CYS OXT  O  N N 80  
CYS H    H  N N 81  
CYS H2   H  N N 82  
CYS HA   H  N N 83  
CYS HB2  H  N N 84  
CYS HB3  H  N N 85  
CYS HG   H  N N 86  
CYS HXT  H  N N 87  
GLN N    N  N N 88  
GLN CA   C  N S 89  
GLN C    C  N N 90  
GLN O    O  N N 91  
GLN CB   C  N N 92  
GLN CG   C  N N 93  
GLN CD   C  N N 94  
GLN OE1  O  N N 95  
GLN NE2  N  N N 96  
GLN OXT  O  N N 97  
GLN H    H  N N 98  
GLN H2   H  N N 99  
GLN HA   H  N N 100 
GLN HB2  H  N N 101 
GLN HB3  H  N N 102 
GLN HG2  H  N N 103 
GLN HG3  H  N N 104 
GLN HE21 H  N N 105 
GLN HE22 H  N N 106 
GLN HXT  H  N N 107 
GLU N    N  N N 108 
GLU CA   C  N S 109 
GLU C    C  N N 110 
GLU O    O  N N 111 
GLU CB   C  N N 112 
GLU CG   C  N N 113 
GLU CD   C  N N 114 
GLU OE1  O  N N 115 
GLU OE2  O  N N 116 
GLU OXT  O  N N 117 
GLU H    H  N N 118 
GLU H2   H  N N 119 
GLU HA   H  N N 120 
GLU HB2  H  N N 121 
GLU HB3  H  N N 122 
GLU HG2  H  N N 123 
GLU HG3  H  N N 124 
GLU HE2  H  N N 125 
GLU HXT  H  N N 126 
GLY N    N  N N 127 
GLY CA   C  N N 128 
GLY C    C  N N 129 
GLY O    O  N N 130 
GLY OXT  O  N N 131 
GLY H    H  N N 132 
GLY H2   H  N N 133 
GLY HA2  H  N N 134 
GLY HA3  H  N N 135 
GLY HXT  H  N N 136 
GOL C1   C  N N 137 
GOL O1   O  N N 138 
GOL C2   C  N N 139 
GOL O2   O  N N 140 
GOL C3   C  N N 141 
GOL O3   O  N N 142 
GOL H11  H  N N 143 
GOL H12  H  N N 144 
GOL HO1  H  N N 145 
GOL H2   H  N N 146 
GOL HO2  H  N N 147 
GOL H31  H  N N 148 
GOL H32  H  N N 149 
GOL HO3  H  N N 150 
HIS N    N  N N 151 
HIS CA   C  N S 152 
HIS C    C  N N 153 
HIS O    O  N N 154 
HIS CB   C  N N 155 
HIS CG   C  Y N 156 
HIS ND1  N  Y N 157 
HIS CD2  C  Y N 158 
HIS CE1  C  Y N 159 
HIS NE2  N  Y N 160 
HIS OXT  O  N N 161 
HIS H    H  N N 162 
HIS H2   H  N N 163 
HIS HA   H  N N 164 
HIS HB2  H  N N 165 
HIS HB3  H  N N 166 
HIS HD1  H  N N 167 
HIS HD2  H  N N 168 
HIS HE1  H  N N 169 
HIS HE2  H  N N 170 
HIS HXT  H  N N 171 
HOH O    O  N N 172 
HOH H1   H  N N 173 
HOH H2   H  N N 174 
ILE N    N  N N 175 
ILE CA   C  N S 176 
ILE C    C  N N 177 
ILE O    O  N N 178 
ILE CB   C  N S 179 
ILE CG1  C  N N 180 
ILE CG2  C  N N 181 
ILE CD1  C  N N 182 
ILE OXT  O  N N 183 
ILE H    H  N N 184 
ILE H2   H  N N 185 
ILE HA   H  N N 186 
ILE HB   H  N N 187 
ILE HG12 H  N N 188 
ILE HG13 H  N N 189 
ILE HG21 H  N N 190 
ILE HG22 H  N N 191 
ILE HG23 H  N N 192 
ILE HD11 H  N N 193 
ILE HD12 H  N N 194 
ILE HD13 H  N N 195 
ILE HXT  H  N N 196 
LEU N    N  N N 197 
LEU CA   C  N S 198 
LEU C    C  N N 199 
LEU O    O  N N 200 
LEU CB   C  N N 201 
LEU CG   C  N N 202 
LEU CD1  C  N N 203 
LEU CD2  C  N N 204 
LEU OXT  O  N N 205 
LEU H    H  N N 206 
LEU H2   H  N N 207 
LEU HA   H  N N 208 
LEU HB2  H  N N 209 
LEU HB3  H  N N 210 
LEU HG   H  N N 211 
LEU HD11 H  N N 212 
LEU HD12 H  N N 213 
LEU HD13 H  N N 214 
LEU HD21 H  N N 215 
LEU HD22 H  N N 216 
LEU HD23 H  N N 217 
LEU HXT  H  N N 218 
LYS N    N  N N 219 
LYS CA   C  N S 220 
LYS C    C  N N 221 
LYS O    O  N N 222 
LYS CB   C  N N 223 
LYS CG   C  N N 224 
LYS CD   C  N N 225 
LYS CE   C  N N 226 
LYS NZ   N  N N 227 
LYS OXT  O  N N 228 
LYS H    H  N N 229 
LYS H2   H  N N 230 
LYS HA   H  N N 231 
LYS HB2  H  N N 232 
LYS HB3  H  N N 233 
LYS HG2  H  N N 234 
LYS HG3  H  N N 235 
LYS HD2  H  N N 236 
LYS HD3  H  N N 237 
LYS HE2  H  N N 238 
LYS HE3  H  N N 239 
LYS HZ1  H  N N 240 
LYS HZ2  H  N N 241 
LYS HZ3  H  N N 242 
LYS HXT  H  N N 243 
MET N    N  N N 244 
MET CA   C  N S 245 
MET C    C  N N 246 
MET O    O  N N 247 
MET CB   C  N N 248 
MET CG   C  N N 249 
MET SD   S  N N 250 
MET CE   C  N N 251 
MET OXT  O  N N 252 
MET H    H  N N 253 
MET H2   H  N N 254 
MET HA   H  N N 255 
MET HB2  H  N N 256 
MET HB3  H  N N 257 
MET HG2  H  N N 258 
MET HG3  H  N N 259 
MET HE1  H  N N 260 
MET HE2  H  N N 261 
MET HE3  H  N N 262 
MET HXT  H  N N 263 
PHE N    N  N N 264 
PHE CA   C  N S 265 
PHE C    C  N N 266 
PHE O    O  N N 267 
PHE CB   C  N N 268 
PHE CG   C  Y N 269 
PHE CD1  C  Y N 270 
PHE CD2  C  Y N 271 
PHE CE1  C  Y N 272 
PHE CE2  C  Y N 273 
PHE CZ   C  Y N 274 
PHE OXT  O  N N 275 
PHE H    H  N N 276 
PHE H2   H  N N 277 
PHE HA   H  N N 278 
PHE HB2  H  N N 279 
PHE HB3  H  N N 280 
PHE HD1  H  N N 281 
PHE HD2  H  N N 282 
PHE HE1  H  N N 283 
PHE HE2  H  N N 284 
PHE HZ   H  N N 285 
PHE HXT  H  N N 286 
PRO N    N  N N 287 
PRO CA   C  N S 288 
PRO C    C  N N 289 
PRO O    O  N N 290 
PRO CB   C  N N 291 
PRO CG   C  N N 292 
PRO CD   C  N N 293 
PRO OXT  O  N N 294 
PRO H    H  N N 295 
PRO HA   H  N N 296 
PRO HB2  H  N N 297 
PRO HB3  H  N N 298 
PRO HG2  H  N N 299 
PRO HG3  H  N N 300 
PRO HD2  H  N N 301 
PRO HD3  H  N N 302 
PRO HXT  H  N N 303 
SER N    N  N N 304 
SER CA   C  N S 305 
SER C    C  N N 306 
SER O    O  N N 307 
SER CB   C  N N 308 
SER OG   O  N N 309 
SER OXT  O  N N 310 
SER H    H  N N 311 
SER H2   H  N N 312 
SER HA   H  N N 313 
SER HB2  H  N N 314 
SER HB3  H  N N 315 
SER HG   H  N N 316 
SER HXT  H  N N 317 
THR N    N  N N 318 
THR CA   C  N S 319 
THR C    C  N N 320 
THR O    O  N N 321 
THR CB   C  N R 322 
THR OG1  O  N N 323 
THR CG2  C  N N 324 
THR OXT  O  N N 325 
THR H    H  N N 326 
THR H2   H  N N 327 
THR HA   H  N N 328 
THR HB   H  N N 329 
THR HG1  H  N N 330 
THR HG21 H  N N 331 
THR HG22 H  N N 332 
THR HG23 H  N N 333 
THR HXT  H  N N 334 
TRP N    N  N N 335 
TRP CA   C  N S 336 
TRP C    C  N N 337 
TRP O    O  N N 338 
TRP CB   C  N N 339 
TRP CG   C  Y N 340 
TRP CD1  C  Y N 341 
TRP CD2  C  Y N 342 
TRP NE1  N  Y N 343 
TRP CE2  C  Y N 344 
TRP CE3  C  Y N 345 
TRP CZ2  C  Y N 346 
TRP CZ3  C  Y N 347 
TRP CH2  C  Y N 348 
TRP OXT  O  N N 349 
TRP H    H  N N 350 
TRP H2   H  N N 351 
TRP HA   H  N N 352 
TRP HB2  H  N N 353 
TRP HB3  H  N N 354 
TRP HD1  H  N N 355 
TRP HE1  H  N N 356 
TRP HE3  H  N N 357 
TRP HZ2  H  N N 358 
TRP HZ3  H  N N 359 
TRP HH2  H  N N 360 
TRP HXT  H  N N 361 
TYR N    N  N N 362 
TYR CA   C  N S 363 
TYR C    C  N N 364 
TYR O    O  N N 365 
TYR CB   C  N N 366 
TYR CG   C  Y N 367 
TYR CD1  C  Y N 368 
TYR CD2  C  Y N 369 
TYR CE1  C  Y N 370 
TYR CE2  C  Y N 371 
TYR CZ   C  Y N 372 
TYR OH   O  N N 373 
TYR OXT  O  N N 374 
TYR H    H  N N 375 
TYR H2   H  N N 376 
TYR HA   H  N N 377 
TYR HB2  H  N N 378 
TYR HB3  H  N N 379 
TYR HD1  H  N N 380 
TYR HD2  H  N N 381 
TYR HE1  H  N N 382 
TYR HE2  H  N N 383 
TYR HH   H  N N 384 
TYR HXT  H  N N 385 
UUJ C4   C  Y N 386 
UUJ C5   C  Y N 387 
UUJ C6   C  Y N 388 
UUJ N    N  N N 389 
UUJ C    C  Y N 390 
UUJ O    O  N N 391 
UUJ C1   C  Y N 392 
UUJ C2   C  N N 393 
UUJ C3   C  Y N 394 
UUJ BR   BR N N 395 
UUJ H1   H  N N 396 
UUJ H2   H  N N 397 
UUJ H3   H  N N 398 
UUJ H4   H  N N 399 
VAL N    N  N N 400 
VAL CA   C  N S 401 
VAL C    C  N N 402 
VAL O    O  N N 403 
VAL CB   C  N N 404 
VAL CG1  C  N N 405 
VAL CG2  C  N N 406 
VAL OXT  O  N N 407 
VAL H    H  N N 408 
VAL H2   H  N N 409 
VAL HA   H  N N 410 
VAL HB   H  N N 411 
VAL HG11 H  N N 412 
VAL HG12 H  N N 413 
VAL HG13 H  N N 414 
VAL HG21 H  N N 415 
VAL HG22 H  N N 416 
VAL HG23 H  N N 417 
VAL HXT  H  N N 418 
# 
loop_
_chem_comp_bond.comp_id 
_chem_comp_bond.atom_id_1 
_chem_comp_bond.atom_id_2 
_chem_comp_bond.value_order 
_chem_comp_bond.pdbx_aromatic_flag 
_chem_comp_bond.pdbx_stereo_config 
_chem_comp_bond.pdbx_ordinal 
ALA N   CA   sing N N 1   
ALA N   H    sing N N 2   
ALA N   H2   sing N N 3   
ALA CA  C    sing N N 4   
ALA CA  CB   sing N N 5   
ALA CA  HA   sing N N 6   
ALA C   O    doub N N 7   
ALA C   OXT  sing N N 8   
ALA CB  HB1  sing N N 9   
ALA CB  HB2  sing N N 10  
ALA CB  HB3  sing N N 11  
ALA OXT HXT  sing N N 12  
ARG N   CA   sing N N 13  
ARG N   H    sing N N 14  
ARG N   H2   sing N N 15  
ARG CA  C    sing N N 16  
ARG CA  CB   sing N N 17  
ARG CA  HA   sing N N 18  
ARG C   O    doub N N 19  
ARG C   OXT  sing N N 20  
ARG CB  CG   sing N N 21  
ARG CB  HB2  sing N N 22  
ARG CB  HB3  sing N N 23  
ARG CG  CD   sing N N 24  
ARG CG  HG2  sing N N 25  
ARG CG  HG3  sing N N 26  
ARG CD  NE   sing N N 27  
ARG CD  HD2  sing N N 28  
ARG CD  HD3  sing N N 29  
ARG NE  CZ   sing N N 30  
ARG NE  HE   sing N N 31  
ARG CZ  NH1  sing N N 32  
ARG CZ  NH2  doub N N 33  
ARG NH1 HH11 sing N N 34  
ARG NH1 HH12 sing N N 35  
ARG NH2 HH21 sing N N 36  
ARG NH2 HH22 sing N N 37  
ARG OXT HXT  sing N N 38  
ASN N   CA   sing N N 39  
ASN N   H    sing N N 40  
ASN N   H2   sing N N 41  
ASN CA  C    sing N N 42  
ASN CA  CB   sing N N 43  
ASN CA  HA   sing N N 44  
ASN C   O    doub N N 45  
ASN C   OXT  sing N N 46  
ASN CB  CG   sing N N 47  
ASN CB  HB2  sing N N 48  
ASN CB  HB3  sing N N 49  
ASN CG  OD1  doub N N 50  
ASN CG  ND2  sing N N 51  
ASN ND2 HD21 sing N N 52  
ASN ND2 HD22 sing N N 53  
ASN OXT HXT  sing N N 54  
ASP N   CA   sing N N 55  
ASP N   H    sing N N 56  
ASP N   H2   sing N N 57  
ASP CA  C    sing N N 58  
ASP CA  CB   sing N N 59  
ASP CA  HA   sing N N 60  
ASP C   O    doub N N 61  
ASP C   OXT  sing N N 62  
ASP CB  CG   sing N N 63  
ASP CB  HB2  sing N N 64  
ASP CB  HB3  sing N N 65  
ASP CG  OD1  doub N N 66  
ASP CG  OD2  sing N N 67  
ASP OD2 HD2  sing N N 68  
ASP OXT HXT  sing N N 69  
CYS N   CA   sing N N 70  
CYS N   H    sing N N 71  
CYS N   H2   sing N N 72  
CYS CA  C    sing N N 73  
CYS CA  CB   sing N N 74  
CYS CA  HA   sing N N 75  
CYS C   O    doub N N 76  
CYS C   OXT  sing N N 77  
CYS CB  SG   sing N N 78  
CYS CB  HB2  sing N N 79  
CYS CB  HB3  sing N N 80  
CYS SG  HG   sing N N 81  
CYS OXT HXT  sing N N 82  
GLN N   CA   sing N N 83  
GLN N   H    sing N N 84  
GLN N   H2   sing N N 85  
GLN CA  C    sing N N 86  
GLN CA  CB   sing N N 87  
GLN CA  HA   sing N N 88  
GLN C   O    doub N N 89  
GLN C   OXT  sing N N 90  
GLN CB  CG   sing N N 91  
GLN CB  HB2  sing N N 92  
GLN CB  HB3  sing N N 93  
GLN CG  CD   sing N N 94  
GLN CG  HG2  sing N N 95  
GLN CG  HG3  sing N N 96  
GLN CD  OE1  doub N N 97  
GLN CD  NE2  sing N N 98  
GLN NE2 HE21 sing N N 99  
GLN NE2 HE22 sing N N 100 
GLN OXT HXT  sing N N 101 
GLU N   CA   sing N N 102 
GLU N   H    sing N N 103 
GLU N   H2   sing N N 104 
GLU CA  C    sing N N 105 
GLU CA  CB   sing N N 106 
GLU CA  HA   sing N N 107 
GLU C   O    doub N N 108 
GLU C   OXT  sing N N 109 
GLU CB  CG   sing N N 110 
GLU CB  HB2  sing N N 111 
GLU CB  HB3  sing N N 112 
GLU CG  CD   sing N N 113 
GLU CG  HG2  sing N N 114 
GLU CG  HG3  sing N N 115 
GLU CD  OE1  doub N N 116 
GLU CD  OE2  sing N N 117 
GLU OE2 HE2  sing N N 118 
GLU OXT HXT  sing N N 119 
GLY N   CA   sing N N 120 
GLY N   H    sing N N 121 
GLY N   H2   sing N N 122 
GLY CA  C    sing N N 123 
GLY CA  HA2  sing N N 124 
GLY CA  HA3  sing N N 125 
GLY C   O    doub N N 126 
GLY C   OXT  sing N N 127 
GLY OXT HXT  sing N N 128 
GOL C1  O1   sing N N 129 
GOL C1  C2   sing N N 130 
GOL C1  H11  sing N N 131 
GOL C1  H12  sing N N 132 
GOL O1  HO1  sing N N 133 
GOL C2  O2   sing N N 134 
GOL C2  C3   sing N N 135 
GOL C2  H2   sing N N 136 
GOL O2  HO2  sing N N 137 
GOL C3  O3   sing N N 138 
GOL C3  H31  sing N N 139 
GOL C3  H32  sing N N 140 
GOL O3  HO3  sing N N 141 
HIS N   CA   sing N N 142 
HIS N   H    sing N N 143 
HIS N   H2   sing N N 144 
HIS CA  C    sing N N 145 
HIS CA  CB   sing N N 146 
HIS CA  HA   sing N N 147 
HIS C   O    doub N N 148 
HIS C   OXT  sing N N 149 
HIS CB  CG   sing N N 150 
HIS CB  HB2  sing N N 151 
HIS CB  HB3  sing N N 152 
HIS CG  ND1  sing Y N 153 
HIS CG  CD2  doub Y N 154 
HIS ND1 CE1  doub Y N 155 
HIS ND1 HD1  sing N N 156 
HIS CD2 NE2  sing Y N 157 
HIS CD2 HD2  sing N N 158 
HIS CE1 NE2  sing Y N 159 
HIS CE1 HE1  sing N N 160 
HIS NE2 HE2  sing N N 161 
HIS OXT HXT  sing N N 162 
HOH O   H1   sing N N 163 
HOH O   H2   sing N N 164 
ILE N   CA   sing N N 165 
ILE N   H    sing N N 166 
ILE N   H2   sing N N 167 
ILE CA  C    sing N N 168 
ILE CA  CB   sing N N 169 
ILE CA  HA   sing N N 170 
ILE C   O    doub N N 171 
ILE C   OXT  sing N N 172 
ILE CB  CG1  sing N N 173 
ILE CB  CG2  sing N N 174 
ILE CB  HB   sing N N 175 
ILE CG1 CD1  sing N N 176 
ILE CG1 HG12 sing N N 177 
ILE CG1 HG13 sing N N 178 
ILE CG2 HG21 sing N N 179 
ILE CG2 HG22 sing N N 180 
ILE CG2 HG23 sing N N 181 
ILE CD1 HD11 sing N N 182 
ILE CD1 HD12 sing N N 183 
ILE CD1 HD13 sing N N 184 
ILE OXT HXT  sing N N 185 
LEU N   CA   sing N N 186 
LEU N   H    sing N N 187 
LEU N   H2   sing N N 188 
LEU CA  C    sing N N 189 
LEU CA  CB   sing N N 190 
LEU CA  HA   sing N N 191 
LEU C   O    doub N N 192 
LEU C   OXT  sing N N 193 
LEU CB  CG   sing N N 194 
LEU CB  HB2  sing N N 195 
LEU CB  HB3  sing N N 196 
LEU CG  CD1  sing N N 197 
LEU CG  CD2  sing N N 198 
LEU CG  HG   sing N N 199 
LEU CD1 HD11 sing N N 200 
LEU CD1 HD12 sing N N 201 
LEU CD1 HD13 sing N N 202 
LEU CD2 HD21 sing N N 203 
LEU CD2 HD22 sing N N 204 
LEU CD2 HD23 sing N N 205 
LEU OXT HXT  sing N N 206 
LYS N   CA   sing N N 207 
LYS N   H    sing N N 208 
LYS N   H2   sing N N 209 
LYS CA  C    sing N N 210 
LYS CA  CB   sing N N 211 
LYS CA  HA   sing N N 212 
LYS C   O    doub N N 213 
LYS C   OXT  sing N N 214 
LYS CB  CG   sing N N 215 
LYS CB  HB2  sing N N 216 
LYS CB  HB3  sing N N 217 
LYS CG  CD   sing N N 218 
LYS CG  HG2  sing N N 219 
LYS CG  HG3  sing N N 220 
LYS CD  CE   sing N N 221 
LYS CD  HD2  sing N N 222 
LYS CD  HD3  sing N N 223 
LYS CE  NZ   sing N N 224 
LYS CE  HE2  sing N N 225 
LYS CE  HE3  sing N N 226 
LYS NZ  HZ1  sing N N 227 
LYS NZ  HZ2  sing N N 228 
LYS NZ  HZ3  sing N N 229 
LYS OXT HXT  sing N N 230 
MET N   CA   sing N N 231 
MET N   H    sing N N 232 
MET N   H2   sing N N 233 
MET CA  C    sing N N 234 
MET CA  CB   sing N N 235 
MET CA  HA   sing N N 236 
MET C   O    doub N N 237 
MET C   OXT  sing N N 238 
MET CB  CG   sing N N 239 
MET CB  HB2  sing N N 240 
MET CB  HB3  sing N N 241 
MET CG  SD   sing N N 242 
MET CG  HG2  sing N N 243 
MET CG  HG3  sing N N 244 
MET SD  CE   sing N N 245 
MET CE  HE1  sing N N 246 
MET CE  HE2  sing N N 247 
MET CE  HE3  sing N N 248 
MET OXT HXT  sing N N 249 
PHE N   CA   sing N N 250 
PHE N   H    sing N N 251 
PHE N   H2   sing N N 252 
PHE CA  C    sing N N 253 
PHE CA  CB   sing N N 254 
PHE CA  HA   sing N N 255 
PHE C   O    doub N N 256 
PHE C   OXT  sing N N 257 
PHE CB  CG   sing N N 258 
PHE CB  HB2  sing N N 259 
PHE CB  HB3  sing N N 260 
PHE CG  CD1  doub Y N 261 
PHE CG  CD2  sing Y N 262 
PHE CD1 CE1  sing Y N 263 
PHE CD1 HD1  sing N N 264 
PHE CD2 CE2  doub Y N 265 
PHE CD2 HD2  sing N N 266 
PHE CE1 CZ   doub Y N 267 
PHE CE1 HE1  sing N N 268 
PHE CE2 CZ   sing Y N 269 
PHE CE2 HE2  sing N N 270 
PHE CZ  HZ   sing N N 271 
PHE OXT HXT  sing N N 272 
PRO N   CA   sing N N 273 
PRO N   CD   sing N N 274 
PRO N   H    sing N N 275 
PRO CA  C    sing N N 276 
PRO CA  CB   sing N N 277 
PRO CA  HA   sing N N 278 
PRO C   O    doub N N 279 
PRO C   OXT  sing N N 280 
PRO CB  CG   sing N N 281 
PRO CB  HB2  sing N N 282 
PRO CB  HB3  sing N N 283 
PRO CG  CD   sing N N 284 
PRO CG  HG2  sing N N 285 
PRO CG  HG3  sing N N 286 
PRO CD  HD2  sing N N 287 
PRO CD  HD3  sing N N 288 
PRO OXT HXT  sing N N 289 
SER N   CA   sing N N 290 
SER N   H    sing N N 291 
SER N   H2   sing N N 292 
SER CA  C    sing N N 293 
SER CA  CB   sing N N 294 
SER CA  HA   sing N N 295 
SER C   O    doub N N 296 
SER C   OXT  sing N N 297 
SER CB  OG   sing N N 298 
SER CB  HB2  sing N N 299 
SER CB  HB3  sing N N 300 
SER OG  HG   sing N N 301 
SER OXT HXT  sing N N 302 
THR N   CA   sing N N 303 
THR N   H    sing N N 304 
THR N   H2   sing N N 305 
THR CA  C    sing N N 306 
THR CA  CB   sing N N 307 
THR CA  HA   sing N N 308 
THR C   O    doub N N 309 
THR C   OXT  sing N N 310 
THR CB  OG1  sing N N 311 
THR CB  CG2  sing N N 312 
THR CB  HB   sing N N 313 
THR OG1 HG1  sing N N 314 
THR CG2 HG21 sing N N 315 
THR CG2 HG22 sing N N 316 
THR CG2 HG23 sing N N 317 
THR OXT HXT  sing N N 318 
TRP N   CA   sing N N 319 
TRP N   H    sing N N 320 
TRP N   H2   sing N N 321 
TRP CA  C    sing N N 322 
TRP CA  CB   sing N N 323 
TRP CA  HA   sing N N 324 
TRP C   O    doub N N 325 
TRP C   OXT  sing N N 326 
TRP CB  CG   sing N N 327 
TRP CB  HB2  sing N N 328 
TRP CB  HB3  sing N N 329 
TRP CG  CD1  doub Y N 330 
TRP CG  CD2  sing Y N 331 
TRP CD1 NE1  sing Y N 332 
TRP CD1 HD1  sing N N 333 
TRP CD2 CE2  doub Y N 334 
TRP CD2 CE3  sing Y N 335 
TRP NE1 CE2  sing Y N 336 
TRP NE1 HE1  sing N N 337 
TRP CE2 CZ2  sing Y N 338 
TRP CE3 CZ3  doub Y N 339 
TRP CE3 HE3  sing N N 340 
TRP CZ2 CH2  doub Y N 341 
TRP CZ2 HZ2  sing N N 342 
TRP CZ3 CH2  sing Y N 343 
TRP CZ3 HZ3  sing N N 344 
TRP CH2 HH2  sing N N 345 
TRP OXT HXT  sing N N 346 
TYR N   CA   sing N N 347 
TYR N   H    sing N N 348 
TYR N   H2   sing N N 349 
TYR CA  C    sing N N 350 
TYR CA  CB   sing N N 351 
TYR CA  HA   sing N N 352 
TYR C   O    doub N N 353 
TYR C   OXT  sing N N 354 
TYR CB  CG   sing N N 355 
TYR CB  HB2  sing N N 356 
TYR CB  HB3  sing N N 357 
TYR CG  CD1  doub Y N 358 
TYR CG  CD2  sing Y N 359 
TYR CD1 CE1  sing Y N 360 
TYR CD1 HD1  sing N N 361 
TYR CD2 CE2  doub Y N 362 
TYR CD2 HD2  sing N N 363 
TYR CE1 CZ   doub Y N 364 
TYR CE1 HE1  sing N N 365 
TYR CE2 CZ   sing Y N 366 
TYR CE2 HE2  sing N N 367 
TYR CZ  OH   sing N N 368 
TYR OH  HH   sing N N 369 
TYR OXT HXT  sing N N 370 
UUJ BR  C4   sing N N 371 
UUJ C4  C3   doub Y N 372 
UUJ C4  C5   sing Y N 373 
UUJ C3  C1   sing Y N 374 
UUJ C5  C6   doub Y N 375 
UUJ C1  C2   sing N N 376 
UUJ C1  C    doub Y N 377 
UUJ C2  N    trip N N 378 
UUJ C6  C    sing Y N 379 
UUJ C   O    sing N N 380 
UUJ C5  H1   sing N N 381 
UUJ C6  H2   sing N N 382 
UUJ O   H3   sing N N 383 
UUJ C3  H4   sing N N 384 
VAL N   CA   sing N N 385 
VAL N   H    sing N N 386 
VAL N   H2   sing N N 387 
VAL CA  C    sing N N 388 
VAL CA  CB   sing N N 389 
VAL CA  HA   sing N N 390 
VAL C   O    doub N N 391 
VAL C   OXT  sing N N 392 
VAL CB  CG1  sing N N 393 
VAL CB  CG2  sing N N 394 
VAL CB  HB   sing N N 395 
VAL CG1 HG11 sing N N 396 
VAL CG1 HG12 sing N N 397 
VAL CG1 HG13 sing N N 398 
VAL CG2 HG21 sing N N 399 
VAL CG2 HG22 sing N N 400 
VAL CG2 HG23 sing N N 401 
VAL OXT HXT  sing N N 402 
# 
loop_
_pdbx_audit_support.funding_organization 
_pdbx_audit_support.country 
_pdbx_audit_support.grant_number 
_pdbx_audit_support.ordinal 
'Cancer Research UK' 'United Kingdom' C57659/A27310 1 
'Cancer Research UK' 'United Kingdom' C1362/A20263  2 
'Cancer Research UK' 'United Kingdom' C2215/A21421  3 
# 
_pdbx_entity_instance_feature.ordinal        1 
_pdbx_entity_instance_feature.comp_id        UUJ 
_pdbx_entity_instance_feature.asym_id        ? 
_pdbx_entity_instance_feature.seq_num        ? 
_pdbx_entity_instance_feature.auth_comp_id   UUJ 
_pdbx_entity_instance_feature.auth_asym_id   ? 
_pdbx_entity_instance_feature.auth_seq_num   ? 
_pdbx_entity_instance_feature.feature_type   'SUBJECT OF INVESTIGATION' 
_pdbx_entity_instance_feature.details        ? 
# 
_pdbx_initial_refinement_model.id               1 
_pdbx_initial_refinement_model.entity_id_list   ? 
_pdbx_initial_refinement_model.type             'experimental model' 
_pdbx_initial_refinement_model.source_name      PDB 
_pdbx_initial_refinement_model.accession_code   5LRQ 
_pdbx_initial_refinement_model.details          ? 
# 
_atom_sites.entry_id                    7ZE7 
_atom_sites.Cartn_transf_matrix[1][1]   ? 
_atom_sites.Cartn_transf_matrix[1][2]   ? 
_atom_sites.Cartn_transf_matrix[1][3]   ? 
_atom_sites.Cartn_transf_matrix[2][1]   ? 
_atom_sites.Cartn_transf_matrix[2][2]   ? 
_atom_sites.Cartn_transf_matrix[2][3]   ? 
_atom_sites.Cartn_transf_matrix[3][1]   ? 
_atom_sites.Cartn_transf_matrix[3][2]   ? 
_atom_sites.Cartn_transf_matrix[3][3]   ? 
_atom_sites.Cartn_transf_vector[1]      ? 
_atom_sites.Cartn_transf_vector[2]      ? 
_atom_sites.Cartn_transf_vector[3]      ? 
_atom_sites.fract_transf_matrix[1][1]   0.00355945 
_atom_sites.fract_transf_matrix[1][2]   -0.00792474 
_atom_sites.fract_transf_matrix[1][3]   0.02493603 
_atom_sites.fract_transf_matrix[2][1]   0.00907679 
_atom_sites.fract_transf_matrix[2][2]   0.02061307 
_atom_sites.fract_transf_matrix[2][3]   0.00525524 
_atom_sites.fract_transf_matrix[3][1]   -0.01146578 
_atom_sites.fract_transf_matrix[3][2]   0.00428446 
_atom_sites.fract_transf_matrix[3][3]   0.00299828 
_atom_sites.fract_transf_vector[1]      -0.316466 
_atom_sites.fract_transf_vector[2]      0.070329 
_atom_sites.fract_transf_vector[3]      -0.114803 
_atom_sites.solution_primary            ? 
_atom_sites.solution_secondary          ? 
_atom_sites.solution_hydrogens          ? 
_atom_sites.special_details             ? 
# 
loop_
_atom_type.symbol 
_atom_type.pdbx_scat_Z 
_atom_type.pdbx_N_electrons 
_atom_type.scat_Cromer_Mann_a1 
_atom_type.scat_Cromer_Mann_b1 
_atom_type.scat_Cromer_Mann_a2 
_atom_type.scat_Cromer_Mann_b2 
_atom_type.scat_Cromer_Mann_a3 
_atom_type.scat_Cromer_Mann_b3 
_atom_type.scat_Cromer_Mann_a4 
_atom_type.scat_Cromer_Mann_b4 
_atom_type.scat_Cromer_Mann_c 
BR 35 35 17.182 2.172  5.237 16.580 5.639 0.261  3.986 41.433 -0.076  
C  6  6  2.310  20.844 1.020 10.208 1.589 0.569  0.865 51.651 0.216   
N  7  7  12.222 0.006  3.135 9.893  2.014 28.997 1.167 0.583  -11.538 
O  8  8  3.049  13.277 2.287 5.701  1.546 0.324  0.867 32.909 0.251   
S  16 16 6.905  1.468  5.203 22.215 1.438 0.254  1.586 56.172 1.026   
# 
loop_
_atom_site.group_PDB 
_atom_site.id 
_atom_site.type_symbol 
_atom_site.label_atom_id 
_atom_site.label_alt_id 
_atom_site.label_comp_id 
_atom_site.label_asym_id 
_atom_site.label_entity_id 
_atom_site.label_seq_id 
_atom_site.pdbx_PDB_ins_code 
_atom_site.Cartn_x 
_atom_site.Cartn_y 
_atom_site.Cartn_z 
_atom_site.occupancy 
_atom_site.B_iso_or_equiv 
_atom_site.pdbx_formal_charge 
_atom_site.auth_seq_id 
_atom_site.auth_comp_id 
_atom_site.auth_asym_id 
_atom_site.auth_atom_id 
_atom_site.pdbx_PDB_model_num 
_atom_site.calc_flag 
ATOM   1    N  N   . GLY A 1 1   ? -2.121  -19.677 -1.401  1.000 28.970 ? 40  GLY AAA N   1 ? 
ATOM   2    C  CA  . GLY A 1 1   ? -3.542  -19.355 -1.457  1.000 22.069 ? 40  GLY AAA CA  1 ? 
ATOM   3    C  C   . GLY A 1 1   ? -4.148  -19.833 -2.779  1.000 19.319 ? 40  GLY AAA C   1 ? 
ATOM   4    O  O   . GLY A 1 1   ? -3.557  -20.638 -3.505  1.000 19.062 ? 40  GLY AAA O   1 ? 
ATOM   5    N  N   . SER A 1 2   ? -5.339  -19.318 -3.046  1.000 18.827 ? 41  SER AAA N   1 ? 
ATOM   6    C  CA  . SER A 1 2   ? -6.139  -19.708 -4.204  1.000 17.094 ? 41  SER AAA CA  1 ? 
ATOM   7    C  C   . SER A 1 2   ? -5.473  -19.362 -5.525  1.000 15.818 ? 41  SER AAA C   1 ? 
ATOM   8    O  O   . SER A 1 2   ? -5.037  -18.227 -5.681  1.000 16.179 ? 41  SER AAA O   1 ? 
ATOM   9    C  CB  . SER A 1 2   ? -7.527  -19.121 -4.137  1.000 18.600 ? 41  SER AAA CB  1 ? 
ATOM   10   O  OG  . SER A 1 2   ? -8.229  -19.394 -5.352  1.000 18.166 ? 41  SER AAA OG  1 ? 
ATOM   11   N  N   . HIS A 1 3   ? -5.539  -20.266 -6.539  1.000 14.749 ? 42  HIS AAA N   1 ? 
ATOM   12   C  CA  . HIS A 1 3   ? -5.128  -19.972 -7.895  1.000 14.184 ? 42  HIS AAA CA  1 ? 
ATOM   13   C  C   . HIS A 1 3   ? -5.932  -18.859 -8.562  1.000 14.890 ? 42  HIS AAA C   1 ? 
ATOM   14   O  O   . HIS A 1 3   ? -5.546  -18.326 -9.604  1.000 16.726 ? 42  HIS AAA O   1 ? 
ATOM   15   C  CB  . HIS A 1 3   ? -5.114  -21.265 -8.732  1.000 19.190 ? 42  HIS AAA CB  1 ? 
ATOM   16   C  CG  . HIS A 1 3   ? -6.484  -21.626 -9.191  1.000 19.490 ? 42  HIS AAA CG  1 ? 
ATOM   17   N  ND1 . HIS A 1 3   ? -7.472  -22.033 -8.319  1.000 20.209 ? 42  HIS AAA ND1 1 ? 
ATOM   18   C  CD2 . HIS A 1 3   ? -7.025  -21.656 -10.425 1.000 24.624 ? 42  HIS AAA CD2 1 ? 
ATOM   19   C  CE1 . HIS A 1 3   ? -8.572  -22.323 -9.014  1.000 24.145 ? 42  HIS AAA CE1 1 ? 
ATOM   20   N  NE2 . HIS A 1 3   ? -8.317  -22.066 -10.272 1.000 21.957 ? 42  HIS AAA NE2 1 ? 
ATOM   21   N  N   . MET A 1 4   ? -7.086  -18.526 -7.980  1.000 15.043 ? 43  MET AAA N   1 ? 
ATOM   22   C  CA  . MET A 1 4   ? -7.914  -17.465 -8.539  1.000 15.273 ? 43  MET AAA CA  1 ? 
ATOM   23   C  C   . MET A 1 4   ? -7.488  -16.057 -8.127  1.000 16.213 ? 43  MET AAA C   1 ? 
ATOM   24   O  O   . MET A 1 4   ? -7.980  -15.076 -8.710  1.000 19.616 ? 43  MET AAA O   1 ? 
ATOM   25   C  CB  . MET A 1 4   ? -9.375  -17.703 -8.183  1.000 18.785 ? 43  MET AAA CB  1 ? 
ATOM   26   C  CG  . MET A 1 4   ? -9.824  -19.030 -8.757  1.000 18.350 ? 43  MET AAA CG  1 ? 
ATOM   27   S  SD  . MET A 1 4   ? -11.611 -19.189 -8.873  1.000 24.160 ? 43  MET AAA SD  1 ? 
ATOM   28   C  CE  . MET A 1 4   ? -12.185 -18.511 -7.327  1.000 26.858 ? 43  MET AAA CE  1 ? 
ATOM   29   N  N   . ASN A 1 5   ? -6.614  -15.972 -7.120  1.000 14.044 ? 44  ASN AAA N   1 ? 
ATOM   30   C  CA  . ASN A 1 5   ? -5.994  -14.689 -6.790  1.000 13.911 ? 44  ASN AAA CA  1 ? 
ATOM   31   C  C   . ASN A 1 5   ? -4.661  -14.576 -7.518  1.000 14.821 ? 44  ASN AAA C   1 ? 
ATOM   32   O  O   . ASN A 1 5   ? -3.979  -15.590 -7.709  1.000 16.339 ? 44  ASN AAA O   1 ? 
ATOM   33   C  CB  . ASN A 1 5   ? -5.754  -14.560 -5.304  1.000 13.678 ? 44  ASN AAA CB  1 ? 
ATOM   34   C  CG  . ASN A 1 5   ? -7.015  -14.371 -4.490  1.000 13.524 ? 44  ASN AAA CG  1 ? 
ATOM   35   O  OD1 . ASN A 1 5   ? -7.904  -13.611 -4.867  1.000 15.817 ? 44  ASN AAA OD1 1 ? 
ATOM   36   N  ND2 . ASN A 1 5   ? -7.112  -15.087 -3.382  1.000 15.248 ? 44  ASN AAA ND2 1 ? 
ATOM   37   N  N   . PRO A 1 6   ? -4.238  -13.388 -7.984  1.000 13.878 ? 45  PRO AAA N   1 ? 
ATOM   38   C  CA  . PRO A 1 6   ? -2.934  -13.273 -8.644  1.000 14.339 ? 45  PRO AAA CA  1 ? 
ATOM   39   C  C   . PRO A 1 6   ? -1.819  -13.413 -7.626  1.000 14.121 ? 45  PRO AAA C   1 ? 
ATOM   40   O  O   . PRO A 1 6   ? -2.013  -13.209 -6.435  1.000 15.811 ? 45  PRO AAA O   1 ? 
ATOM   41   C  CB  . PRO A 1 6   ? -2.947  -11.841 -9.185  1.000 14.490 ? 45  PRO AAA CB  1 ? 
ATOM   42   C  CG  . PRO A 1 6   ? -3.870  -11.094 -8.207  1.000 14.739 ? 45  PRO AAA CG  1 ? 
ATOM   43   C  CD  . PRO A 1 6   ? -4.969  -12.104 -7.892  1.000 16.060 ? 45  PRO AAA CD  1 ? 
ATOM   44   N  N   . PRO A 1 7   ? -0.579  -13.693 -8.094  1.000 15.747 ? 46  PRO AAA N   1 ? 
ATOM   45   C  CA  . PRO A 1 7   ? 0.567   -13.616 -7.213  1.000 14.342 ? 46  PRO AAA CA  1 ? 
ATOM   46   C  C   . PRO A 1 7   ? 0.623   -12.178 -6.701  1.000 15.240 ? 46  PRO AAA C   1 ? 
ATOM   47   O  O   . PRO A 1 7   ? 0.195   -11.253 -7.404  1.000 15.821 ? 46  PRO AAA O   1 ? 
ATOM   48   C  CB  . PRO A 1 7   ? 1.770   -13.882 -8.151  1.000 17.189 ? 46  PRO AAA CB  1 ? 
ATOM   49   C  CG  . PRO A 1 7   ? 1.256   -13.516 -9.486  1.000 16.869 ? 46  PRO AAA CG  1 ? 
ATOM   50   C  CD  . PRO A 1 7   ? -0.204  -13.936 -9.485  1.000 17.199 ? 46  PRO AAA CD  1 ? 
ATOM   51   N  N   . PRO A 1 8   ? 1.139   -11.995 -5.471  1.000 16.925 ? 47  PRO AAA N   1 ? 
ATOM   52   C  CA  . PRO A 1 8   ? 1.225   -10.646 -4.934  1.000 16.919 ? 47  PRO AAA CA  1 ? 
ATOM   53   C  C   . PRO A 1 8   ? 2.267   -9.858  -5.712  1.000 16.524 ? 47  PRO AAA C   1 ? 
ATOM   54   O  O   . PRO A 1 8   ? 3.079   -10.438 -6.454  1.000 16.723 ? 47  PRO AAA O   1 ? 
ATOM   55   C  CB  . PRO A 1 8   ? 1.676   -10.905 -3.488  1.000 20.201 ? 47  PRO AAA CB  1 ? 
ATOM   56   C  CG  . PRO A 1 8   ? 2.479   -12.203 -3.608  1.000 21.482 ? 47  PRO AAA CG  1 ? 
ATOM   57   C  CD  . PRO A 1 8   ? 1.604   -13.034 -4.529  1.000 19.057 ? 47  PRO AAA CD  1 ? 
ATOM   58   N  N   . PRO A 1 9   ? 2.366   -8.532  -5.531  1.000 13.862 ? 48  PRO AAA N   1 ? 
ATOM   59   C  CA  . PRO A 1 9   ? 3.458   -7.789  -6.156  1.000 14.614 ? 48  PRO AAA CA  1 ? 
ATOM   60   C  C   . PRO A 1 9   ? 4.782   -8.361  -5.615  1.000 14.080 ? 48  PRO AAA C   1 ? 
ATOM   61   O  O   . PRO A 1 9   ? 4.868   -8.771  -4.497  1.000 16.213 ? 48  PRO AAA O   1 ? 
ATOM   62   C  CB  . PRO A 1 9   ? 3.148   -6.296  -5.798  1.000 13.712 ? 48  PRO AAA CB  1 ? 
ATOM   63   C  CG  . PRO A 1 9   ? 1.668   -6.357  -5.369  1.000 14.738 ? 48  PRO AAA CG  1 ? 
ATOM   64   C  CD  . PRO A 1 9   ? 1.451   -7.685  -4.701  1.000 13.488 ? 48  PRO AAA CD  1 ? 
ATOM   65   N  N   . GLU A 1 10  ? 5.795   -8.226  -6.480  1.000 18.871 ? 49  GLU AAA N   1 ? 
ATOM   66   C  CA  . GLU A 1 10  ? 7.187   -8.542  -6.232  1.000 22.220 ? 49  GLU AAA CA  1 ? 
ATOM   67   C  C   . GLU A 1 10  ? 7.675   -7.851  -4.952  1.000 18.345 ? 49  GLU AAA C   1 ? 
ATOM   68   O  O   . GLU A 1 10  ? 7.485   -6.633  -4.837  1.000 16.529 ? 49  GLU AAA O   1 ? 
ATOM   69   C  CB  . GLU A 1 10  ? 7.950   -7.925  -7.419  1.000 21.511 ? 49  GLU AAA CB  1 ? 
ATOM   70   C  CG  . GLU A 1 10  ? 9.347   -8.430  -7.541  1.000 25.143 ? 49  GLU AAA CG  1 ? 
ATOM   71   C  CD  . GLU A 1 10  ? 9.986   -8.019  -8.820  1.000 25.216 ? 49  GLU AAA CD  1 ? 
ATOM   72   O  OE1 . GLU A 1 10  ? 10.141  -8.904  -9.690  1.000 29.092 ? 49  GLU AAA OE1 1 ? 
ATOM   73   O  OE2 . GLU A 1 10  ? 10.373  -6.871  -8.917  1.000 20.935 ? 49  GLU AAA OE2 1 ? 
ATOM   74   N  N   . THR A 1 11  ? 8.336   -8.563  -4.033  1.000 17.040 ? 50  THR AAA N   1 ? 
ATOM   75   C  CA  . THR A 1 11  ? 9.002   -7.937  -2.884  1.000 16.867 ? 50  THR AAA CA  1 ? 
ATOM   76   C  C   . THR A 1 11  ? 10.508  -8.261  -2.855  1.000 15.151 ? 50  THR AAA C   1 ? 
ATOM   77   O  O   . THR A 1 11  ? 11.182  -7.728  -1.976  1.000 17.926 ? 50  THR AAA O   1 ? 
ATOM   78   C  CB  . THR A 1 11  ? 8.336   -8.299  -1.557  1.000 18.960 ? 50  THR AAA CB  1 ? 
ATOM   79   O  OG1 . THR A 1 11  ? 8.341   -9.734  -1.542  1.000 23.507 ? 50  THR AAA OG1 1 ? 
ATOM   80   C  CG2 . THR A 1 11  ? 6.892   -7.832  -1.496  1.000 19.631 ? 50  THR AAA CG2 1 ? 
ATOM   81   N  N   . SER A 1 12  ? 10.954  -9.133  -3.768  1.000 17.542 ? 51  SER AAA N   1 ? 
ATOM   82   C  CA  . SER A 1 12  ? 12.368  -9.483  -3.850  1.000 17.497 ? 51  SER AAA CA  1 ? 
ATOM   83   C  C   . SER A 1 12  ? 12.666  -9.659  -5.331  1.000 18.531 ? 51  SER AAA C   1 ? 
ATOM   84   O  O   . SER A 1 12  ? 11.912  -10.277 -6.101  1.000 22.603 ? 51  SER AAA O   1 ? 
ATOM   85   C  CB  . SER A 1 12  ? 12.610  -10.755 -3.057  1.000 20.737 ? 51  SER AAA CB  1 ? 
ATOM   86   O  OG  . SER A 1 12  ? 13.744  -11.419 -3.589  1.000 27.676 ? 51  SER AAA OG  1 ? 
ATOM   87   N  N   . ASN A 1 13  ? 13.802  -9.113  -5.781  1.000 15.934 ? 52  ASN AAA N   1 ? 
ATOM   88   C  CA  . ASN A 1 13  ? 14.234  -9.308  -7.144  1.000 16.246 ? 52  ASN AAA CA  1 ? 
ATOM   89   C  C   . ASN A 1 13  ? 15.681  -8.846  -7.225  1.000 15.358 ? 52  ASN AAA C   1 ? 
ATOM   90   O  O   . ASN A 1 13  ? 15.967  -7.649  -7.187  1.000 13.956 ? 52  ASN AAA O   1 ? 
ATOM   91   C  CB  . ASN A 1 13  ? 13.398  -8.543  -8.171  1.000 20.885 ? 52  ASN AAA CB  1 ? 
ATOM   92   C  CG  . ASN A 1 13  ? 13.808  -8.863  -9.595  1.000 21.644 ? 52  ASN AAA CG  1 ? 
ATOM   93   O  OD1 . ASN A 1 13  ? 14.916  -9.335  -9.873  1.000 21.863 ? 52  ASN AAA OD1 1 ? 
ATOM   94   N  ND2 . ASN A 1 13  ? 12.881  -8.619  -10.504 1.000 30.747 ? 52  ASN AAA ND2 1 ? 
ATOM   95   N  N   . PRO A 1 14  ? 16.673  -9.752  -7.332  1.000 14.397 ? 53  PRO AAA N   1 ? 
ATOM   96   C  CA  . PRO A 1 14  ? 18.059  -9.314  -7.384  1.000 14.152 ? 53  PRO AAA CA  1 ? 
ATOM   97   C  C   . PRO A 1 14  ? 18.385  -8.442  -8.590  1.000 15.627 ? 53  PRO AAA C   1 ? 
ATOM   98   O  O   . PRO A 1 14  ? 19.420  -7.797  -8.550  1.000 20.126 ? 53  PRO AAA O   1 ? 
ATOM   99   C  CB  . PRO A 1 14  ? 18.851  -10.622 -7.487  1.000 15.842 ? 53  PRO AAA CB  1 ? 
ATOM   100  C  CG  . PRO A 1 14  ? 17.972  -11.557 -6.716  1.000 18.044 ? 53  PRO AAA CG  1 ? 
ATOM   101  C  CD  . PRO A 1 14  ? 16.557  -11.216 -7.180  1.000 16.050 ? 53  PRO AAA CD  1 ? 
ATOM   102  N  N   . ASN A 1 15  ? 17.530  -8.443  -9.618  1.000 16.219 ? 54  ASN AAA N   1 ? 
ATOM   103  C  CA  . ASN A 1 15  ? 17.833  -7.654  -10.807 1.000 19.027 ? 54  ASN AAA CA  1 ? 
ATOM   104  C  C   . ASN A 1 15  ? 17.542  -6.170  -10.573 1.000 21.335 ? 54  ASN AAA C   1 ? 
ATOM   105  O  O   . ASN A 1 15  ? 18.030  -5.309  -11.316 1.000 21.225 ? 54  ASN AAA O   1 ? 
ATOM   106  C  CB  . ASN A 1 15  ? 17.045  -8.210  -11.990 1.000 21.001 ? 54  ASN AAA CB  1 ? 
ATOM   107  C  CG  . ASN A 1 15  ? 17.626  -9.550  -12.410 1.000 22.924 ? 54  ASN AAA CG  1 ? 
ATOM   108  O  OD1 . ASN A 1 15  ? 18.833  -9.734  -12.348 1.000 26.142 ? 54  ASN AAA OD1 1 ? 
ATOM   109  N  ND2 . ASN A 1 15  ? 16.783  -10.487 -12.813 1.000 27.300 ? 54  ASN AAA ND2 1 ? 
ATOM   110  N  N   . LYS A 1 16  ? 16.657  -5.900  -9.622  1.000 17.752 ? 55  LYS AAA N   1 ? 
ATOM   111  C  CA  . LYS A 1 16  ? 16.199  -4.537  -9.433  1.000 19.433 ? 55  LYS AAA CA  1 ? 
ATOM   112  C  C   . LYS A 1 16  ? 17.193  -3.757  -8.592  1.000 18.421 ? 55  LYS AAA C   1 ? 
ATOM   113  O  O   . LYS A 1 16  ? 17.618  -4.173  -7.532  1.000 17.586 ? 55  LYS AAA O   1 ? 
ATOM   114  C  CB  . LYS A 1 16  ? 14.881  -4.478  -8.700  1.000 17.130 ? 55  LYS AAA CB  1 ? 
ATOM   115  C  CG  . LYS A 1 16  ? 14.344  -3.037  -8.704  1.000 17.567 ? 55  LYS AAA CG  1 ? 
ATOM   116  C  CD  . LYS A 1 16  ? 13.049  -2.937  -7.948  1.000 15.919 ? 55  LYS AAA CD  1 ? 
ATOM   117  C  CE  . LYS A 1 16  ? 12.448  -1.568  -7.695  1.000 15.914 ? 55  LYS AAA CE  1 ? 
ATOM   118  N  NZ  . LYS A 1 16  ? 13.342  -0.639  -6.985  1.000 13.055 ? 55  LYS AAA NZ  1 ? 
ATOM   119  N  N   . PRO A 1 17  ? 17.496  -2.524  -9.022  1.000 21.542 ? 56  PRO AAA N   1 ? 
ATOM   120  C  CA  . PRO A 1 17  ? 18.392  -1.671  -8.258  1.000 21.794 ? 56  PRO AAA CA  1 ? 
ATOM   121  C  C   . PRO A 1 17  ? 17.664  -1.154  -7.023  1.000 15.412 ? 56  PRO AAA C   1 ? 
ATOM   122  O  O   . PRO A 1 17  ? 16.456  -0.898  -7.021  1.000 19.255 ? 56  PRO AAA O   1 ? 
ATOM   123  C  CB  . PRO A 1 17  ? 18.714  -0.567  -9.284  1.000 23.716 ? 56  PRO AAA CB  1 ? 
ATOM   124  C  CG  . PRO A 1 17  ? 17.426  -0.457  -10.071 1.000 22.373 ? 56  PRO AAA CG  1 ? 
ATOM   125  C  CD  . PRO A 1 17  ? 16.941  -1.885  -10.244 1.000 23.129 ? 56  PRO AAA CD  1 ? 
ATOM   126  N  N   . LYS A 1 18  ? 18.438  -1.033  -5.955  1.000 18.820 ? 57  LYS AAA N   1 ? 
ATOM   127  C  CA  . LYS A 1 18  ? 17.897  -0.545  -4.709  1.000 18.264 ? 57  LYS AAA CA  1 ? 
ATOM   128  C  C   . LYS A 1 18  ? 18.969  0.124   -3.857  1.000 19.162 ? 57  LYS AAA C   1 ? 
ATOM   129  O  O   . LYS A 1 18  ? 20.182  -0.062  -4.015  1.000 18.325 ? 57  LYS AAA O   1 ? 
ATOM   130  C  CB  . LYS A 1 18  ? 17.283  -1.664  -3.862  1.000 19.279 ? 57  LYS AAA CB  1 ? 
ATOM   131  C  CG  . LYS A 1 18  ? 18.327  -2.669  -3.374  1.000 19.374 ? 57  LYS AAA CG  1 ? 
ATOM   132  C  CD  . LYS A 1 18  ? 18.220  -3.861  -4.260  1.000 20.413 ? 57  LYS AAA CD  1 ? 
ATOM   133  C  CE  . LYS A 1 18  ? 16.883  -4.631  -4.351  1.000 20.262 ? 57  LYS AAA CE  1 ? 
ATOM   134  N  NZ  . LYS A 1 18  ? 16.969  -5.723  -5.377  1.000 15.216 ? 57  LYS AAA NZ  1 ? 
ATOM   135  N  N   . ARG A 1 19  ? 18.502  0.861   -2.877  1.000 17.065 ? 58  ARG AAA N   1 ? 
ATOM   136  C  CA  . ARG A 1 19  ? 19.412  1.545   -2.000  1.000 17.266 ? 58  ARG AAA CA  1 ? 
ATOM   137  C  C   . ARG A 1 19  ? 18.616  1.971   -0.794  1.000 19.937 ? 58  ARG AAA C   1 ? 
ATOM   138  O  O   . ARG A 1 19  ? 17.396  2.035   -0.852  1.000 22.110 ? 58  ARG AAA O   1 ? 
ATOM   139  C  CB  . ARG A 1 19  ? 20.122  2.670   -2.766  1.000 21.229 ? 58  ARG AAA CB  1 ? 
ATOM   140  C  CG  . ARG A 1 19  ? 19.253  3.860   -3.051  1.000 20.649 ? 58  ARG AAA CG  1 ? 
ATOM   141  C  CD  . ARG A 1 19  ? 20.058  4.985   -3.680  1.000 17.946 ? 58  ARG AAA CD  1 ? 
ATOM   142  N  NE  . ARG A 1 19  ? 18.908  5.763   -4.025  1.000 16.218 ? 58  ARG AAA NE  1 ? 
ATOM   143  C  CZ  . ARG A 1 19  ? 18.896  7.019   -4.395  1.000 16.797 ? 58  ARG AAA CZ  1 ? 
ATOM   144  N  NH1 . ARG A 1 19  ? 20.005  7.729   -4.552  1.000 21.116 ? 58  ARG AAA NH1 1 ? 
ATOM   145  N  NH2 . ARG A 1 19  ? 17.722  7.598   -4.594  1.000 19.592 ? 58  ARG AAA NH2 1 ? 
ATOM   146  N  N   . GLN A 1 20  ? 19.336  2.255   0.273   1.000 18.564 ? 59  GLN AAA N   1 ? 
ATOM   147  C  CA  . GLN A 1 20  ? 18.710  2.844   1.433   1.000 21.161 ? 59  GLN AAA CA  1 ? 
ATOM   148  C  C   . GLN A 1 20  ? 18.875  4.355   1.291   1.000 23.076 ? 59  GLN AAA C   1 ? 
ATOM   149  O  O   . GLN A 1 20  ? 19.928  4.808   0.833   1.000 24.554 ? 59  GLN AAA O   1 ? 
ATOM   150  C  CB  . GLN A 1 20  ? 19.418  2.346   2.687   1.000 26.200 ? 59  GLN AAA CB  1 ? 
ATOM   151  C  CG  . GLN A 1 20  ? 19.209  0.856   2.945   1.000 29.794 ? 59  GLN AAA CG  1 ? 
ATOM   152  C  CD  . GLN A 1 20  ? 19.765  0.396   4.273   1.000 40.752 ? 59  GLN AAA CD  1 ? 
ATOM   153  O  OE1 . GLN A 1 20  ? 20.738  -0.355  4.335   1.000 48.605 ? 59  GLN AAA OE1 1 ? 
ATOM   154  N  NE2 . GLN A 1 20  ? 19.149  0.852   5.354   1.000 41.077 ? 59  GLN AAA NE2 1 ? 
ATOM   155  N  N   . THR A 1 21  ? 17.816  5.130   1.607   1.000 18.434 ? 60  THR AAA N   1 ? 
ATOM   156  C  CA  . THR A 1 21  ? 17.940  6.572   1.761   1.000 16.736 ? 60  THR AAA CA  1 ? 
ATOM   157  C  C   . THR A 1 21  ? 17.314  6.930   3.110   1.000 16.127 ? 60  THR AAA C   1 ? 
ATOM   158  O  O   . THR A 1 21  ? 16.489  6.184   3.654   1.000 15.066 ? 60  THR AAA O   1 ? 
ATOM   159  C  CB  . THR A 1 21  ? 17.327  7.351   0.585   1.000 17.349 ? 60  THR AAA CB  1 ? 
ATOM   160  O  OG1 . THR A 1 21  ? 15.892  7.309   0.738   1.000 16.654 ? 60  THR AAA OG1 1 ? 
ATOM   161  C  CG2 . THR A 1 21  ? 17.719  6.779   -0.777  1.000 18.283 ? 60  THR AAA CG2 1 ? 
ATOM   162  N  N   . ASN A 1 22  ? 17.684  8.108   3.634   1.000 15.136 ? 61  ASN AAA N   1 ? 
ATOM   163  C  CA  . ASN A 1 22  ? 17.027  8.588   4.840   1.000 14.952 ? 61  ASN AAA CA  1 ? 
ATOM   164  C  C   . ASN A 1 22  ? 15.503  8.736   4.662   1.000 14.140 ? 61  ASN AAA C   1 ? 
ATOM   165  O  O   . ASN A 1 22  ? 14.770  8.600   5.622   1.000 14.612 ? 61  ASN AAA O   1 ? 
ATOM   166  C  CB  . ASN A 1 22  ? 17.646  9.913   5.329   1.000 14.682 ? 61  ASN AAA CB  1 ? 
ATOM   167  C  CG  . ASN A 1 22  ? 17.428  11.080  4.383   1.000 15.308 ? 61  ASN AAA CG  1 ? 
ATOM   168  O  OD1 . ASN A 1 22  ? 17.673  11.003  3.166   1.000 18.801 ? 61  ASN AAA OD1 1 ? 
ATOM   169  N  ND2 . ASN A 1 22  ? 16.863  12.159  4.919   1.000 17.905 ? 61  ASN AAA ND2 1 ? 
ATOM   170  N  N   . GLN A 1 23  ? 15.065  9.089   3.434   1.000 13.879 ? 62  GLN AAA N   1 ? 
ATOM   171  C  CA  . GLN A 1 23  ? 13.626  9.187   3.176   1.000 13.024 ? 62  GLN AAA CA  1 ? 
ATOM   172  C  C   . GLN A 1 23  ? 12.936  7.825   3.241   1.000 13.590 ? 62  GLN AAA C   1 ? 
ATOM   173  O  O   . GLN A 1 23  ? 11.857  7.743   3.811   1.000 13.220 ? 62  GLN AAA O   1 ? 
ATOM   174  C  CB  . GLN A 1 23  ? 13.360  9.831   1.814   1.000 14.058 ? 62  GLN AAA CB  1 ? 
ATOM   175  C  CG  . GLN A 1 23  ? 13.905  11.264  1.750   1.000 15.013 ? 62  GLN AAA CG  1 ? 
ATOM   176  C  CD  . GLN A 1 23  ? 13.507  11.899  0.450   1.000 15.978 ? 62  GLN AAA CD  1 ? 
ATOM   177  O  OE1 . GLN A 1 23  ? 13.501  11.248  -0.612  1.000 16.696 ? 62  GLN AAA OE1 1 ? 
ATOM   178  N  NE2 . GLN A 1 23  ? 13.308  13.207  0.478   1.000 16.630 ? 62  GLN AAA NE2 1 ? 
ATOM   179  N  N   . LEU A 1 24  ? 13.593  6.790   2.702   1.000 13.645 ? 63  LEU AAA N   1 ? 
ATOM   180  C  CA  . LEU A 1 24  ? 13.030  5.434   2.809   1.000 12.716 ? 63  LEU AAA CA  1 ? 
ATOM   181  C  C   . LEU A 1 24  ? 13.007  4.956   4.253   1.000 13.642 ? 63  LEU AAA C   1 ? 
ATOM   182  O  O   . LEU A 1 24  ? 12.042  4.295   4.630   1.000 15.378 ? 63  LEU AAA O   1 ? 
ATOM   183  C  CB  . LEU A 1 24  ? 13.750  4.464   1.880   1.000 13.552 ? 63  LEU AAA CB  1 ? 
ATOM   184  C  CG  . LEU A 1 24  ? 13.387  4.664   0.407   1.000 12.970 ? 63  LEU AAA CG  1 ? 
ATOM   185  C  CD1 . LEU A 1 24  ? 14.424  3.988   -0.471  1.000 16.514 ? 63  LEU AAA CD1 1 ? 
ATOM   186  C  CD2 . LEU A 1 24  ? 11.987  4.081   0.176   1.000 14.118 ? 63  LEU AAA CD2 1 ? 
ATOM   187  N  N   . GLN A 1 25  ? 14.036  5.310   5.052   1.000 15.321 ? 64  GLN AAA N   1 ? 
ATOM   188  C  CA  . GLN A 1 25  ? 14.030  4.959   6.471   1.000 16.950 ? 64  GLN AAA CA  1 ? 
ATOM   189  C  C   . GLN A 1 25  ? 12.842  5.627   7.179   1.000 15.015 ? 64  GLN AAA C   1 ? 
ATOM   190  O  O   . GLN A 1 25  ? 12.153  4.998   7.967   1.000 15.912 ? 64  GLN AAA O   1 ? 
ATOM   191  C  CB  . GLN A 1 25  ? 15.357  5.390   7.098   1.000 18.122 ? 64  GLN AAA CB  1 ? 
ATOM   192  C  CG  . GLN A 1 25  ? 16.542  4.575   6.595   1.000 24.908 ? 64  GLN AAA CG  1 ? 
ATOM   193  C  CD  . GLN A 1 25  ? 17.869  5.091   7.095   0.500 26.203 ? 64  GLN AAA CD  1 ? 
ATOM   194  O  OE1 . GLN A 1 25  ? 18.220  6.256   6.915   0.500 27.701 ? 64  GLN AAA OE1 1 ? 
ATOM   195  N  NE2 . GLN A 1 25  ? 18.622  4.218   7.740   0.500 27.915 ? 64  GLN AAA NE2 1 ? 
ATOM   196  N  N   . TYR A 1 26  ? 12.593  6.913   6.878   1.000 15.295 ? 65  TYR AAA N   1 ? 
ATOM   197  C  CA  . TYR A 1 26  ? 11.434  7.600   7.431   1.000 15.556 ? 65  TYR AAA CA  1 ? 
ATOM   198  C  C   . TYR A 1 26  ? 10.123  6.943   6.980   1.000 15.596 ? 65  TYR AAA C   1 ? 
ATOM   199  O  O   . TYR A 1 26  ? 9.187   6.815   7.776   1.000 15.454 ? 65  TYR AAA O   1 ? 
ATOM   200  C  CB  . TYR A 1 26  ? 11.508  9.057   6.992   1.000 14.929 ? 65  TYR AAA CB  1 ? 
ATOM   201  C  CG  . TYR A 1 26  ? 10.320  9.905   7.382   1.000 15.765 ? 65  TYR AAA CG  1 ? 
ATOM   202  C  CD1 . TYR A 1 26  ? 9.223   10.045  6.540   1.000 15.510 ? 65  TYR AAA CD1 1 ? 
ATOM   203  C  CD2 . TYR A 1 26  ? 10.336  10.652  8.550   1.000 17.680 ? 65  TYR AAA CD2 1 ? 
ATOM   204  C  CE1 . TYR A 1 26  ? 8.157   10.886  6.848   1.000 17.097 ? 65  TYR AAA CE1 1 ? 
ATOM   205  C  CE2 . TYR A 1 26  ? 9.263   11.483  8.867   1.000 17.404 ? 65  TYR AAA CE2 1 ? 
ATOM   206  C  CZ  . TYR A 1 26  ? 8.165   11.622  8.029   1.000 16.320 ? 65  TYR AAA CZ  1 ? 
ATOM   207  O  OH  . TYR A 1 26  ? 7.100   12.458  8.320   1.000 16.516 ? 65  TYR AAA OH  1 ? 
ATOM   208  N  N   . LEU A 1 27  ? 10.021  6.530   5.698   1.000 13.670 ? 66  LEU AAA N   1 ? 
ATOM   209  C  CA  . LEU A 1 27  ? 8.814   5.828   5.276   1.000 13.925 ? 66  LEU AAA CA  1 ? 
ATOM   210  C  C   . LEU A 1 27  ? 8.535   4.552   6.067   1.000 14.289 ? 66  LEU AAA C   1 ? 
ATOM   211  O  O   . LEU A 1 27  ? 7.362   4.257   6.270   1.000 14.753 ? 66  LEU AAA O   1 ? 
ATOM   212  C  CB  . LEU A 1 27  ? 8.898   5.592   3.767   1.000 13.096 ? 66  LEU AAA CB  1 ? 
ATOM   213  C  CG  . LEU A 1 27  ? 8.582   6.833   2.927   1.000 13.352 ? 66  LEU AAA CG  1 ? 
ATOM   214  C  CD1 . LEU A 1 27  ? 9.187   6.718   1.527   1.000 15.867 ? 66  LEU AAA CD1 1 ? 
ATOM   215  C  CD2 . LEU A 1 27  ? 7.077   6.991   2.824   1.000 16.493 ? 66  LEU AAA CD2 1 ? 
ATOM   216  N  N   . LEU A 1 28  ? 9.571   3.827   6.487   1.000 13.813 ? 67  LEU AAA N   1 ? 
ATOM   217  C  CA  . LEU A 1 28  ? 9.350   2.641   7.315   1.000 14.471 ? 67  LEU AAA CA  1 ? 
ATOM   218  C  C   . LEU A 1 28  ? 9.054   3.007   8.776   1.000 16.260 ? 67  LEU AAA C   1 ? 
ATOM   219  O  O   . LEU A 1 28  ? 8.080   2.544   9.379   1.000 17.479 ? 67  LEU AAA O   1 ? 
ATOM   220  C  CB  . LEU A 1 28  ? 10.555  1.707   7.225   1.000 15.989 ? 67  LEU AAA CB  1 ? 
ATOM   221  C  CG  . LEU A 1 28  ? 10.429  0.439   8.090   1.000 17.450 ? 67  LEU AAA CG  1 ? 
ATOM   222  C  CD1 . LEU A 1 28  ? 9.196   -0.399  7.740   1.000 18.044 ? 67  LEU AAA CD1 1 ? 
ATOM   223  C  CD2 . LEU A 1 28  ? 11.676  -0.396  7.936   1.000 19.455 ? 67  LEU AAA CD2 1 ? 
ATOM   224  N  N   . ARG A 1 29  ? 9.961   3.797   9.365   1.000 16.390 ? 68  ARG AAA N   1 ? 
ATOM   225  C  CA  . ARG A 1 29  ? 9.994   4.008   10.813  1.000 17.484 ? 68  ARG AAA CA  1 ? 
ATOM   226  C  C   . ARG A 1 29  ? 8.899   4.965   11.273  1.000 17.331 ? 68  ARG AAA C   1 ? 
ATOM   227  O  O   . ARG A 1 29  ? 8.469   4.862   12.423  1.000 22.269 ? 68  ARG AAA O   1 ? 
ATOM   228  C  CB  . ARG A 1 29  ? 11.396  4.468   11.239  1.000 22.374 ? 68  ARG AAA CB  1 ? 
ATOM   229  C  CG  . ARG A 1 29  ? 12.478  3.398   11.112  1.000 23.996 ? 68  ARG AAA CG  1 ? 
ATOM   230  C  CD  . ARG A 1 29  ? 13.807  4.006   11.553  1.000 29.190 ? 68  ARG AAA CD  1 ? 
ATOM   231  N  NE  . ARG A 1 29  ? 14.938  3.085   11.658  0.500 31.499 ? 68  ARG AAA NE  1 ? 
ATOM   232  C  CZ  . ARG A 1 29  ? 15.587  2.783   12.786  0.500 33.758 ? 68  ARG AAA CZ  1 ? 
ATOM   233  N  NH1 . ARG A 1 29  ? 15.232  3.327   13.940  0.500 36.341 ? 68  ARG AAA NH1 1 ? 
ATOM   234  N  NH2 . ARG A 1 29  ? 16.593  1.929   12.758  0.500 34.886 ? 68  ARG AAA NH2 1 ? 
ATOM   235  N  N   . VAL A 1 30  ? 8.466   5.897   10.412  1.000 14.854 ? 69  VAL AAA N   1 ? 
ATOM   236  C  CA  . VAL A 1 30  ? 7.424   6.853   10.773  1.000 15.201 ? 69  VAL AAA CA  1 ? 
ATOM   237  C  C   . VAL A 1 30  ? 6.131   6.573   10.010  1.000 15.421 ? 69  VAL AAA C   1 ? 
ATOM   238  O  O   . VAL A 1 30  ? 5.065   6.407   10.611  1.000 18.522 ? 69  VAL AAA O   1 ? 
ATOM   239  C  CB  . VAL A 1 30  ? 7.878   8.306   10.529  1.000 16.021 ? 69  VAL AAA CB  1 ? 
ATOM   240  C  CG1 . VAL A 1 30  ? 6.747   9.296   10.819  1.000 17.586 ? 69  VAL AAA CG1 1 ? 
ATOM   241  C  CG2 . VAL A 1 30  ? 9.108   8.628   11.380  1.000 17.655 ? 69  VAL AAA CG2 1 ? 
ATOM   242  N  N   . VAL A 1 31  ? 6.191   6.554   8.670   1.000 16.296 ? 70  VAL AAA N   1 ? 
ATOM   243  C  CA  . VAL A 1 31  ? 4.968   6.522   7.887   1.000 14.465 ? 70  VAL AAA CA  1 ? 
ATOM   244  C  C   . VAL A 1 31  ? 4.266   5.170   8.010   1.000 13.789 ? 70  VAL AAA C   1 ? 
ATOM   245  O  O   . VAL A 1 31  ? 3.078   5.127   8.389   1.000 16.472 ? 70  VAL AAA O   1 ? 
ATOM   246  C  CB  . VAL A 1 31  ? 5.184   6.917   6.422   1.000 14.476 ? 70  VAL AAA CB  1 ? 
ATOM   247  C  CG1 . VAL A 1 31  ? 3.863   6.908   5.654   1.000 17.127 ? 70  VAL AAA CG1 1 ? 
ATOM   248  C  CG2 . VAL A 1 31  ? 5.879   8.270   6.315   1.000 15.462 ? 70  VAL AAA CG2 1 ? 
ATOM   249  N  N   . LEU A 1 32  ? 4.952   4.097   7.614   1.000 15.425 ? 71  LEU AAA N   1 ? 
ATOM   250  C  CA  . LEU A 1 32  ? 4.321   2.780   7.644   1.000 17.325 ? 71  LEU AAA CA  1 ? 
ATOM   251  C  C   . LEU A 1 32  ? 3.940   2.423   9.085   1.000 17.940 ? 71  LEU AAA C   1 ? 
ATOM   252  O  O   . LEU A 1 32  ? 2.808   1.970   9.344   1.000 17.570 ? 71  LEU AAA O   1 ? 
ATOM   253  C  CB  . LEU A 1 32  ? 5.273   1.756   7.041   1.000 17.373 ? 71  LEU AAA CB  1 ? 
ATOM   254  C  CG  . LEU A 1 32  ? 4.661   0.355   7.024   1.000 19.911 ? 71  LEU AAA CG  1 ? 
ATOM   255  C  CD1 . LEU A 1 32  ? 3.479   0.259   6.082   1.000 19.922 ? 71  LEU AAA CD1 1 ? 
ATOM   256  C  CD2 . LEU A 1 32  ? 5.715   -0.699  6.755   1.000 23.548 ? 71  LEU AAA CD2 1 ? 
ATOM   257  N  N   . LYS A 1 33  ? 4.832   2.692   10.041  1.000 18.385 ? 72  LYS AAA N   1 ? 
ATOM   258  C  CA  . LYS A 1 33  ? 4.556   2.397   11.445  1.000 20.403 ? 72  LYS AAA CA  1 ? 
ATOM   259  C  C   . LYS A 1 33  ? 3.252   3.062   11.910  1.000 20.422 ? 72  LYS AAA C   1 ? 
ATOM   260  O  O   . LYS A 1 33  ? 2.431   2.401   12.553  1.000 22.443 ? 72  LYS AAA O   1 ? 
ATOM   261  C  CB  . LYS A 1 33  ? 5.695   2.903   12.345  1.000 23.946 ? 72  LYS AAA CB  1 ? 
ATOM   262  C  CG  . LYS A 1 33  ? 5.526   2.511   13.817  0.500 23.074 ? 72  LYS AAA CG  1 ? 
ATOM   263  C  CD  . LYS A 1 33  ? 6.578   3.051   14.777  0.500 24.603 ? 72  LYS AAA CD  1 ? 
ATOM   264  C  CE  . LYS A 1 33  ? 6.570   4.556   14.981  0.500 24.657 ? 72  LYS AAA CE  1 ? 
ATOM   265  N  NZ  . LYS A 1 33  ? 5.704   5.046   16.090  0.500 23.617 ? 72  LYS AAA NZ  1 ? 
ATOM   266  N  N   . THR A 1 34  ? 3.066   4.349   11.597  1.000 18.400 ? 73  THR AAA N   1 ? 
ATOM   267  C  CA  . THR A 1 34  ? 1.900   5.131   11.996  1.000 19.809 ? 73  THR AAA CA  1 ? 
ATOM   268  C  C   . THR A 1 34  ? 0.646   4.499   11.393  1.000 19.605 ? 73  THR AAA C   1 ? 
ATOM   269  O  O   . THR A 1 34  ? -0.371  4.309   12.040  1.000 20.705 ? 73  THR AAA O   1 ? 
ATOM   270  C  CB  . THR A 1 34  ? 2.043   6.602   11.550  1.000 21.803 ? 73  THR AAA CB  1 ? 
ATOM   271  O  OG1 . THR A 1 34  ? 3.032   7.167   12.405  1.000 26.258 ? 73  THR AAA OG1 1 ? 
ATOM   272  C  CG2 . THR A 1 34  ? 0.766   7.410   11.709  1.000 24.881 ? 73  THR AAA CG2 1 ? 
ATOM   273  N  N   . LEU A 1 35  ? 0.687   4.183   10.099  1.000 16.488 ? 74  LEU AAA N   1 ? 
ATOM   274  C  CA  . LEU A 1 35  ? -0.515  3.706   9.427   1.000 15.939 ? 74  LEU AAA CA  1 ? 
ATOM   275  C  C   . LEU A 1 35  ? -0.834  2.278   9.866   1.000 15.502 ? 74  LEU AAA C   1 ? 
ATOM   276  O  O   . LEU A 1 35  ? -2.008  1.921   9.938   1.000 16.330 ? 74  LEU AAA O   1 ? 
ATOM   277  C  CB  . LEU A 1 35  ? -0.345  3.762   7.889   1.000 15.085 ? 74  LEU AAA CB  1 ? 
ATOM   278  C  CG  . LEU A 1 35  ? -0.875  5.041   7.225   1.000 17.340 ? 74  LEU AAA CG  1 ? 
ATOM   279  C  CD1 . LEU A 1 35  ? -0.107  6.305   7.627   1.000 17.715 ? 74  LEU AAA CD1 1 ? 
ATOM   280  C  CD2 . LEU A 1 35  ? -0.886  4.902   5.701   1.000 17.986 ? 74  LEU AAA CD2 1 ? 
ATOM   281  N  N   . TRP A 1 36  ? 0.194   1.470   10.098  1.000 15.619 ? 75  TRP AAA N   1 ? 
ATOM   282  C  CA  . TRP A 1 36  ? -0.016  0.060   10.368  1.000 15.673 ? 75  TRP AAA CA  1 ? 
ATOM   283  C  C   . TRP A 1 36  ? -0.802  -0.149  11.658  1.000 17.184 ? 75  TRP AAA C   1 ? 
ATOM   284  O  O   . TRP A 1 36  ? -1.566  -1.109  11.730  1.000 17.990 ? 75  TRP AAA O   1 ? 
ATOM   285  C  CB  . TRP A 1 36  ? 1.324   -0.649  10.456  1.000 16.422 ? 75  TRP AAA CB  1 ? 
ATOM   286  C  CG  . TRP A 1 36  ? 1.250   -2.138  10.515  1.000 17.952 ? 75  TRP AAA CG  1 ? 
ATOM   287  C  CD1 . TRP A 1 36  ? 1.140   -2.922  11.636  1.000 17.880 ? 75  TRP AAA CD1 1 ? 
ATOM   288  C  CD2 . TRP A 1 36  ? 1.220   -3.034  9.388   1.000 14.921 ? 75  TRP AAA CD2 1 ? 
ATOM   289  N  NE1 . TRP A 1 36  ? 1.083   -4.239  11.276  1.000 20.290 ? 75  TRP AAA NE1 1 ? 
ATOM   290  C  CE2 . TRP A 1 36  ? 1.161   -4.339  9.899   1.000 16.007 ? 75  TRP AAA CE2 1 ? 
ATOM   291  C  CE3 . TRP A 1 36  ? 1.289   -2.849  7.998   1.000 15.576 ? 75  TRP AAA CE3 1 ? 
ATOM   292  C  CZ2 . TRP A 1 36  ? 1.125   -5.450  9.064   1.000 15.545 ? 75  TRP AAA CZ2 1 ? 
ATOM   293  C  CZ3 . TRP A 1 36  ? 1.266   -3.941  7.168   1.000 16.087 ? 75  TRP AAA CZ3 1 ? 
ATOM   294  C  CH2 . TRP A 1 36  ? 1.158   -5.230  7.700   1.000 16.070 ? 75  TRP AAA CH2 1 ? 
ATOM   295  N  N   . LYS A 1 37  ? -0.606  0.740   12.639  1.000 17.837 ? 76  LYS AAA N   1 ? 
ATOM   296  C  CA  . LYS A 1 37  ? -1.264  0.555   13.932  1.000 17.934 ? 76  LYS AAA CA  1 ? 
ATOM   297  C  C   . LYS A 1 37  ? -2.593  1.290   14.006  1.000 19.468 ? 76  LYS AAA C   1 ? 
ATOM   298  O  O   . LYS A 1 37  ? -3.288  1.228   15.030  1.000 21.577 ? 76  LYS AAA O   1 ? 
ATOM   299  C  CB  . LYS A 1 37  ? -0.310  0.985   15.055  1.000 21.857 ? 76  LYS AAA CB  1 ? 
ATOM   300  C  CG  . LYS A 1 37  ? 0.040   2.458   15.115  1.000 24.146 ? 76  LYS AAA CG  1 ? 
ATOM   301  C  CD  . LYS A 1 37  ? 1.125   2.659   16.204  1.000 28.707 ? 76  LYS AAA CD  1 ? 
ATOM   302  C  CE  . LYS A 1 37  ? 1.829   4.006   16.206  1.000 38.329 ? 76  LYS AAA CE  1 ? 
ATOM   303  N  NZ  . LYS A 1 37  ? 0.928   5.131   16.561  1.000 39.983 ? 76  LYS AAA NZ  1 ? 
ATOM   304  N  N   . HIS A 1 38  ? -2.999  1.996   12.965  1.000 17.912 ? 77  HIS AAA N   1 ? 
ATOM   305  C  CA  . HIS A 1 38  ? -4.298  2.646   12.989  1.000 18.006 ? 77  HIS AAA CA  1 ? 
ATOM   306  C  C   . HIS A 1 38  ? -5.434  1.623   13.136  1.000 17.892 ? 77  HIS AAA C   1 ? 
ATOM   307  O  O   . HIS A 1 38  ? -5.324  0.499   12.644  1.000 17.942 ? 77  HIS AAA O   1 ? 
ATOM   308  C  CB  . HIS A 1 38  ? -4.453  3.471   11.707  1.000 16.665 ? 77  HIS AAA CB  1 ? 
ATOM   309  C  CG  . HIS A 1 38  ? -5.599  4.412   11.761  1.000 17.800 ? 77  HIS AAA CG  1 ? 
ATOM   310  N  ND1 . HIS A 1 38  ? -6.889  4.015   11.545  1.000 16.912 ? 77  HIS AAA ND1 1 ? 
ATOM   311  C  CD2 . HIS A 1 38  ? -5.672  5.738   12.001  1.000 19.750 ? 77  HIS AAA CD2 1 ? 
ATOM   312  C  CE1 . HIS A 1 38  ? -7.718  5.026   11.696  1.000 18.173 ? 77  HIS AAA CE1 1 ? 
ATOM   313  N  NE2 . HIS A 1 38  ? -6.984  6.104   11.956  1.000 20.098 ? 77  HIS AAA NE2 1 ? 
ATOM   314  N  N   A GLN A 1 39  ? -6.534  2.017   13.823  0.500 16.985 ? 78  GLN AAA N   1 ? 
ATOM   315  N  N   B GLN A 1 39  ? -6.518  2.060   13.809  0.500 17.641 ? 78  GLN AAA N   1 ? 
ATOM   316  C  CA  A GLN A 1 39  ? -7.670  1.128   14.054  0.500 17.795 ? 78  GLN AAA CA  1 ? 
ATOM   317  C  CA  B GLN A 1 39  ? -7.694  1.247   14.071  0.500 18.808 ? 78  GLN AAA CA  1 ? 
ATOM   318  C  C   A GLN A 1 39  ? -8.174  0.575   12.726  0.500 15.821 ? 78  GLN AAA C   1 ? 
ATOM   319  C  C   B GLN A 1 39  ? -8.246  0.668   12.768  0.500 16.218 ? 78  GLN AAA C   1 ? 
ATOM   320  O  O   A GLN A 1 39  ? -8.625  -0.569  12.679  0.500 17.193 ? 78  GLN AAA O   1 ? 
ATOM   321  O  O   B GLN A 1 39  ? -8.823  -0.409  12.763  0.500 17.086 ? 78  GLN AAA O   1 ? 
ATOM   322  C  CB  A GLN A 1 39  ? -8.829  1.819   14.795  0.500 18.211 ? 78  GLN AAA CB  1 ? 
ATOM   323  C  CB  B GLN A 1 39  ? -8.762  2.079   14.798  0.500 20.733 ? 78  GLN AAA CB  1 ? 
ATOM   324  C  CG  A GLN A 1 39  ? -10.119 1.006   14.973  0.500 20.449 ? 78  GLN AAA CG  1 ? 
ATOM   325  C  CG  B GLN A 1 39  ? -9.317  3.197   13.934  0.500 22.008 ? 78  GLN AAA CG  1 ? 
ATOM   326  C  CD  A GLN A 1 39  ? -11.168 1.778   15.746  0.500 19.282 ? 78  GLN AAA CD  1 ? 
ATOM   327  C  CD  B GLN A 1 39  ? -10.157 4.270   14.582  0.500 24.904 ? 78  GLN AAA CD  1 ? 
ATOM   328  O  OE1 A GLN A 1 39  ? -11.636 1.342   16.809  0.500 20.559 ? 78  GLN AAA OE1 1 ? 
ATOM   329  O  OE1 B GLN A 1 39  ? -10.977 4.920   13.929  0.500 24.419 ? 78  GLN AAA OE1 1 ? 
ATOM   330  N  NE2 A GLN A 1 39  ? -11.504 2.964   15.267  0.500 16.472 ? 78  GLN AAA NE2 1 ? 
ATOM   331  N  NE2 B GLN A 1 39  ? -9.934  4.502   15.864  0.500 22.031 ? 78  GLN AAA NE2 1 ? 
ATOM   332  N  N   . PHE A 1 40  ? -8.054  1.379   11.649  1.000 15.716 ? 79  PHE AAA N   1 ? 
ATOM   333  C  CA  . PHE A 1 40  ? -8.651  0.994   10.380  1.000 14.897 ? 79  PHE AAA CA  1 ? 
ATOM   334  C  C   . PHE A 1 40  ? -7.639  0.382   9.399   1.000 13.927 ? 79  PHE AAA C   1 ? 
ATOM   335  O  O   . PHE A 1 40  ? -7.969  0.255   8.193   1.000 14.644 ? 79  PHE AAA O   1 ? 
ATOM   336  C  CB  . PHE A 1 40  ? -9.317  2.203   9.735   1.000 14.098 ? 79  PHE AAA CB  1 ? 
ATOM   337  C  CG  . PHE A 1 40  ? -10.538 2.742   10.427  1.000 14.717 ? 79  PHE AAA CG  1 ? 
ATOM   338  C  CD1 . PHE A 1 40  ? -11.324 1.960   11.279  1.000 15.701 ? 79  PHE AAA CD1 1 ? 
ATOM   339  C  CD2 . PHE A 1 40  ? -10.951 4.035   10.179  1.000 16.380 ? 79  PHE AAA CD2 1 ? 
ATOM   340  C  CE1 . PHE A 1 40  ? -12.468 2.474   11.874  1.000 17.479 ? 79  PHE AAA CE1 1 ? 
ATOM   341  C  CE2 . PHE A 1 40  ? -12.120 4.541   10.740  1.000 20.297 ? 79  PHE AAA CE2 1 ? 
ATOM   342  C  CZ  . PHE A 1 40  ? -12.863 3.765   11.610  1.000 18.627 ? 79  PHE AAA CZ  1 ? 
ATOM   343  N  N   . ALA A 1 41  ? -6.447  -0.022  9.868   1.000 13.206 ? 80  ALA AAA N   1 ? 
ATOM   344  C  CA  . ALA A 1 41  ? -5.417  -0.571  8.983   1.000 13.340 ? 80  ALA AAA CA  1 ? 
ATOM   345  C  C   . ALA A 1 41  ? -5.755  -1.938  8.427   1.000 15.047 ? 80  ALA AAA C   1 ? 
ATOM   346  O  O   . ALA A 1 41  ? -5.253  -2.306  7.372   1.000 14.568 ? 80  ALA AAA O   1 ? 
ATOM   347  C  CB  . ALA A 1 41  ? -4.050  -0.602  9.632   1.000 14.999 ? 80  ALA AAA CB  1 ? 
ATOM   348  N  N   . TRP A 1 42  ? -6.456  -2.771  9.206   1.000 14.266 ? 81  TRP AAA N   1 ? 
ATOM   349  C  CA  . TRP A 1 42  ? -6.500  -4.200  8.931   1.000 13.692 ? 81  TRP AAA CA  1 ? 
ATOM   350  C  C   . TRP A 1 42  ? -6.860  -4.589  7.491   1.000 14.854 ? 81  TRP AAA C   1 ? 
ATOM   351  O  O   . TRP A 1 42  ? -6.216  -5.512  6.978   1.000 15.791 ? 81  TRP AAA O   1 ? 
ATOM   352  C  CB  . TRP A 1 42  ? -7.298  -4.998  10.003  1.000 16.103 ? 81  TRP AAA CB  1 ? 
ATOM   353  C  CG  . TRP A 1 42  ? -8.756  -4.708  10.028  1.000 17.174 ? 81  TRP AAA CG  1 ? 
ATOM   354  C  CD1 . TRP A 1 42  ? -9.419  -3.812  10.819  1.000 18.416 ? 81  TRP AAA CD1 1 ? 
ATOM   355  C  CD2 . TRP A 1 42  ? -9.729  -5.290  9.165   1.000 17.393 ? 81  TRP AAA CD2 1 ? 
ATOM   356  N  NE1 . TRP A 1 42  ? -10.751 -3.815  10.506  1.000 18.447 ? 81  TRP AAA NE1 1 ? 
ATOM   357  C  CE2 . TRP A 1 42  ? -10.981 -4.732  9.520   1.000 18.730 ? 81  TRP AAA CE2 1 ? 
ATOM   358  C  CE3 . TRP A 1 42  ? -9.687  -6.280  8.169   1.000 19.057 ? 81  TRP AAA CE3 1 ? 
ATOM   359  C  CZ2 . TRP A 1 42  ? -12.155 -5.122  8.885   1.000 19.638 ? 81  TRP AAA CZ2 1 ? 
ATOM   360  C  CZ3 . TRP A 1 42  ? -10.846 -6.632  7.515   1.000 22.097 ? 81  TRP AAA CZ3 1 ? 
ATOM   361  C  CH2 . TRP A 1 42  ? -12.076 -6.072  7.887   1.000 19.791 ? 81  TRP AAA CH2 1 ? 
ATOM   362  N  N   . PRO A 1 43  ? -7.838  -3.977  6.792   1.000 13.435 ? 82  PRO AAA N   1 ? 
ATOM   363  C  CA  . PRO A 1 43  ? -8.154  -4.378  5.410   1.000 12.842 ? 82  PRO AAA CA  1 ? 
ATOM   364  C  C   . PRO A 1 43  ? -6.983  -4.167  4.453   1.000 11.898 ? 82  PRO AAA C   1 ? 
ATOM   365  O  O   . PRO A 1 43  ? -7.032  -4.742  3.366   1.000 13.452 ? 82  PRO AAA O   1 ? 
ATOM   366  C  CB  . PRO A 1 43  ? -9.335  -3.488  4.980   1.000 14.600 ? 82  PRO AAA CB  1 ? 
ATOM   367  C  CG  . PRO A 1 43  ? -9.938  -3.077  6.333   1.000 13.800 ? 82  PRO AAA CG  1 ? 
ATOM   368  C  CD  . PRO A 1 43  ? -8.725  -2.883  7.221   1.000 13.194 ? 82  PRO AAA CD  1 ? 
ATOM   369  N  N   . PHE A 1 44  ? -6.015  -3.350  4.868   1.000 12.236 ? 83  PHE AAA N   1 ? 
ATOM   370  C  CA  . PHE A 1 44  ? -4.942  -2.913  3.988   1.000 12.349 ? 83  PHE AAA CA  1 ? 
ATOM   371  C  C   . PHE A 1 44  ? -3.642  -3.600  4.354   1.000 12.177 ? 83  PHE AAA C   1 ? 
ATOM   372  O  O   . PHE A 1 44  ? -2.617  -3.308  3.740   1.000 12.507 ? 83  PHE AAA O   1 ? 
ATOM   373  C  CB  . PHE A 1 44  ? -4.798  -1.394  4.061   1.000 11.833 ? 83  PHE AAA CB  1 ? 
ATOM   374  C  CG  . PHE A 1 44  ? -6.102  -0.717  3.784   1.000 12.231 ? 83  PHE AAA CG  1 ? 
ATOM   375  C  CD1 . PHE A 1 44  ? -6.586  -0.636  2.466   1.000 12.553 ? 83  PHE AAA CD1 1 ? 
ATOM   376  C  CD2 . PHE A 1 44  ? -6.881  -0.208  4.807   1.000 12.416 ? 83  PHE AAA CD2 1 ? 
ATOM   377  C  CE1 . PHE A 1 44  ? -7.840  -0.075  2.205   1.000 14.397 ? 83  PHE AAA CE1 1 ? 
ATOM   378  C  CE2 . PHE A 1 44  ? -8.130  0.375   4.538   1.000 12.344 ? 83  PHE AAA CE2 1 ? 
ATOM   379  C  CZ  . PHE A 1 44  ? -8.606  0.435   3.237   1.000 13.124 ? 83  PHE AAA CZ  1 ? 
ATOM   380  N  N   . GLN A 1 45  ? -3.619  -4.529  5.316   1.000 12.647 ? 84  GLN AAA N   1 ? 
ATOM   381  C  CA  . GLN A 1 45  ? -2.373  -5.114  5.768   1.000 12.668 ? 84  GLN AAA CA  1 ? 
ATOM   382  C  C   . GLN A 1 45  ? -1.923  -6.347  4.967   1.000 12.284 ? 84  GLN AAA C   1 ? 
ATOM   383  O  O   . GLN A 1 45  ? -0.854  -6.875  5.236   1.000 13.005 ? 84  GLN AAA O   1 ? 
ATOM   384  C  CB  . GLN A 1 45  ? -2.486  -5.480  7.255   1.000 13.540 ? 84  GLN AAA CB  1 ? 
ATOM   385  C  CG  . GLN A 1 45  ? -2.478  -4.261  8.181   1.000 14.971 ? 84  GLN AAA CG  1 ? 
ATOM   386  C  CD  . GLN A 1 45  ? -2.695  -4.643  9.637   1.000 16.183 ? 84  GLN AAA CD  1 ? 
ATOM   387  O  OE1 . GLN A 1 45  ? -3.341  -5.637  9.923   1.000 19.428 ? 84  GLN AAA OE1 1 ? 
ATOM   388  N  NE2 . GLN A 1 45  ? -2.198  -3.831  10.558  1.000 16.826 ? 84  GLN AAA NE2 1 ? 
ATOM   389  N  N   . GLN A 1 46  ? -2.684  -6.713  3.937   1.000 11.998 ? 85  GLN AAA N   1 ? 
ATOM   390  C  CA  . GLN A 1 46  ? -2.359  -7.837  3.078   1.000 12.231 ? 85  GLN AAA CA  1 ? 
ATOM   391  C  C   . GLN A 1 46  ? -3.133  -7.666  1.779   1.000 12.654 ? 85  GLN AAA C   1 ? 
ATOM   392  O  O   . GLN A 1 46  ? -4.098  -6.900  1.717   1.000 11.784 ? 85  GLN AAA O   1 ? 
ATOM   393  C  CB  . GLN A 1 46  ? -2.723  -9.154  3.794   1.000 13.977 ? 85  GLN AAA CB  1 ? 
ATOM   394  C  CG  . GLN A 1 46  ? -4.211  -9.292  4.106   1.000 15.015 ? 85  GLN AAA CG  1 ? 
ATOM   395  C  CD  . GLN A 1 46  ? -4.661  -8.469  5.294   1.000 14.620 ? 85  GLN AAA CD  1 ? 
ATOM   396  O  OE1 . GLN A 1 46  ? -4.034  -8.531  6.349   1.000 16.791 ? 85  GLN AAA OE1 1 ? 
ATOM   397  N  NE2 . GLN A 1 46  ? -5.729  -7.693  5.117   1.000 15.880 ? 85  GLN AAA NE2 1 ? 
ATOM   398  N  N   . PRO A 1 47  ? -2.714  -8.372  0.699   1.000 12.380 ? 86  PRO AAA N   1 ? 
ATOM   399  C  CA  . PRO A 1 47  ? -3.442  -8.297  -0.565  1.000 13.717 ? 86  PRO AAA CA  1 ? 
ATOM   400  C  C   . PRO A 1 47  ? -4.921  -8.655  -0.385  1.000 13.491 ? 86  PRO AAA C   1 ? 
ATOM   401  O  O   . PRO A 1 47  ? -5.284  -9.461  0.482   1.000 14.184 ? 86  PRO AAA O   1 ? 
ATOM   402  C  CB  . PRO A 1 47  ? -2.747  -9.337  -1.463  1.000 14.543 ? 86  PRO AAA CB  1 ? 
ATOM   403  C  CG  . PRO A 1 47  ? -1.354  -9.353  -0.915  1.000 14.098 ? 86  PRO AAA CG  1 ? 
ATOM   404  C  CD  . PRO A 1 47  ? -1.504  -9.210  0.589   1.000 14.006 ? 86  PRO AAA CD  1 ? 
ATOM   405  N  N   . VAL A 1 48  ? -5.771  -8.041  -1.198  1.000 14.199 ? 87  VAL AAA N   1 ? 
ATOM   406  C  CA  . VAL A 1 48  ? -7.186  -8.371  -1.201  1.000 14.719 ? 87  VAL AAA CA  1 ? 
ATOM   407  C  C   . VAL A 1 48  ? -7.371  -9.831  -1.647  1.000 14.609 ? 87  VAL AAA C   1 ? 
ATOM   408  O  O   . VAL A 1 48  ? -6.901  -10.224 -2.715  1.000 14.900 ? 87  VAL AAA O   1 ? 
ATOM   409  C  CB  . VAL A 1 48  ? -7.958  -7.390  -2.088  1.000 15.272 ? 87  VAL AAA CB  1 ? 
ATOM   410  C  CG1 . VAL A 1 48  ? -9.404  -7.845  -2.211  1.000 17.534 ? 87  VAL AAA CG1 1 ? 
ATOM   411  C  CG2 . VAL A 1 48  ? -7.955  -5.981  -1.503  1.000 15.347 ? 87  VAL AAA CG2 1 ? 
ATOM   412  N  N   . ASP A 1 49  ? -8.006  -10.623 -0.763  1.000 14.930 ? 88  ASP AAA N   1 ? 
ATOM   413  C  CA  . ASP A 1 49  ? -8.290  -12.008 -1.137  1.000 15.259 ? 88  ASP AAA CA  1 ? 
ATOM   414  C  C   . ASP A 1 49  ? -9.696  -12.020 -1.732  1.000 14.148 ? 88  ASP AAA C   1 ? 
ATOM   415  O  O   . ASP A 1 49  ? -10.676 -12.029 -1.007  1.000 14.574 ? 88  ASP AAA O   1 ? 
ATOM   416  C  CB  . ASP A 1 49  ? -8.134  -12.922 0.074   1.000 16.464 ? 88  ASP AAA CB  1 ? 
ATOM   417  C  CG  . ASP A 1 49  ? -8.419  -14.390 -0.205  1.000 18.719 ? 88  ASP AAA CG  1 ? 
ATOM   418  O  OD1 . ASP A 1 49  ? -9.021  -14.697 -1.224  1.000 16.109 ? 88  ASP AAA OD1 1 ? 
ATOM   419  O  OD2 . ASP A 1 49  ? -8.036  -15.201 0.656   1.000 22.692 ? 88  ASP AAA OD2 1 ? 
ATOM   420  N  N   . ALA A 1 50  ? -9.759  -11.900 -3.065  1.000 14.142 ? 89  ALA AAA N   1 ? 
ATOM   421  C  CA  . ALA A 1 50  ? -11.012 -11.760 -3.804  1.000 14.754 ? 89  ALA AAA CA  1 ? 
ATOM   422  C  C   . ALA A 1 50  ? -11.859 -13.026 -3.712  1.000 15.320 ? 89  ALA AAA C   1 ? 
ATOM   423  O  O   . ALA A 1 50  ? -13.078 -12.947 -3.842  1.000 15.907 ? 89  ALA AAA O   1 ? 
ATOM   424  C  CB  . ALA A 1 50  ? -10.752 -11.401 -5.247  1.000 18.455 ? 89  ALA AAA CB  1 ? 
ATOM   425  N  N   . VAL A 1 51  ? -11.217 -14.167 -3.494  1.000 14.467 ? 90  VAL AAA N   1 ? 
ATOM   426  C  CA  . VAL A 1 51  ? -11.956 -15.407 -3.347  1.000 15.299 ? 90  VAL AAA CA  1 ? 
ATOM   427  C  C   . VAL A 1 51  ? -12.691 -15.415 -2.009  1.000 15.641 ? 90  VAL AAA C   1 ? 
ATOM   428  O  O   . VAL A 1 51  ? -13.900 -15.585 -1.963  1.000 16.666 ? 90  VAL AAA O   1 ? 
ATOM   429  C  CB  . VAL A 1 51  ? -11.023 -16.621 -3.527  1.000 16.461 ? 90  VAL AAA CB  1 ? 
ATOM   430  C  CG1 . VAL A 1 51  ? -11.786 -17.920 -3.293  1.000 19.734 ? 90  VAL AAA CG1 1 ? 
ATOM   431  C  CG2 . VAL A 1 51  ? -10.387 -16.545 -4.893  1.000 18.141 ? 90  VAL AAA CG2 1 ? 
ATOM   432  N  N   . LYS A 1 52  ? -11.944 -15.191 -0.920  1.000 15.552 ? 91  LYS AAA N   1 ? 
ATOM   433  C  CA  . LYS A 1 52  ? -12.585 -15.193 0.385   1.000 17.361 ? 91  LYS AAA CA  1 ? 
ATOM   434  C  C   . LYS A 1 52  ? -13.703 -14.139 0.506   1.000 18.276 ? 91  LYS AAA C   1 ? 
ATOM   435  O  O   . LYS A 1 52  ? -14.715 -14.370 1.187   1.000 17.749 ? 91  LYS AAA O   1 ? 
ATOM   436  C  CB  . LYS A 1 52  ? -11.561 -14.965 1.495   1.000 21.036 ? 91  LYS AAA CB  1 ? 
ATOM   437  C  CG  . LYS A 1 52  ? -12.116 -15.320 2.869   1.000 23.937 ? 91  LYS AAA CG  1 ? 
ATOM   438  C  CD  . LYS A 1 52  ? -11.064 -15.838 3.844   1.000 26.996 ? 91  LYS AAA CD  1 ? 
ATOM   439  C  CE  . LYS A 1 52  ? -11.671 -16.454 5.100   1.000 24.896 ? 91  LYS AAA CE  1 ? 
ATOM   440  N  NZ  . LYS A 1 52  ? -10.737 -16.352 6.233   1.000 27.868 ? 91  LYS AAA NZ  1 ? 
ATOM   441  N  N   . LEU A 1 53  ? -13.491 -12.960 -0.073  1.000 16.615 ? 92  LEU AAA N   1 ? 
ATOM   442  C  CA  . LEU A 1 53  ? -14.469 -11.878 0.010   1.000 18.430 ? 92  LEU AAA CA  1 ? 
ATOM   443  C  C   . LEU A 1 53  ? -15.578 -11.993 -1.039  1.000 19.576 ? 92  LEU AAA C   1 ? 
ATOM   444  O  O   . LEU A 1 53  ? -16.441 -11.109 -1.109  1.000 18.728 ? 92  LEU AAA O   1 ? 
ATOM   445  C  CB  . LEU A 1 53  ? -13.756 -10.538 -0.165  1.000 17.754 ? 92  LEU AAA CB  1 ? 
ATOM   446  C  CG  . LEU A 1 53  ? -12.728 -10.222 0.914   1.000 18.801 ? 92  LEU AAA CG  1 ? 
ATOM   447  C  CD1 . LEU A 1 53  ? -11.806 -9.095  0.521   1.000 22.177 ? 92  LEU AAA CD1 1 ? 
ATOM   448  C  CD2 . LEU A 1 53  ? -13.387 -9.968  2.255   1.000 21.809 ? 92  LEU AAA CD2 1 ? 
ATOM   449  N  N   . ASN A 1 54  ? -15.559 -13.046 -1.850  1.000 17.680 ? 93  ASN AAA N   1 ? 
ATOM   450  C  CA  . ASN A 1 54  ? -16.560 -13.204 -2.897  1.000 18.543 ? 93  ASN AAA CA  1 ? 
ATOM   451  C  C   . ASN A 1 54  ? -16.637 -11.970 -3.798  1.000 17.924 ? 93  ASN AAA C   1 ? 
ATOM   452  O  O   . ASN A 1 54  ? -17.722 -11.403 -4.035  1.000 21.385 ? 93  ASN AAA O   1 ? 
ATOM   453  C  CB  . ASN A 1 54  ? -17.938 -13.540 -2.318  1.000 22.388 ? 93  ASN AAA CB  1 ? 
ATOM   454  C  CG  . ASN A 1 54  ? -18.926 -13.832 -3.429  1.000 27.826 ? 93  ASN AAA CG  1 ? 
ATOM   455  O  OD1 . ASN A 1 54  ? -18.558 -14.354 -4.497  1.000 31.755 ? 93  ASN AAA OD1 1 ? 
ATOM   456  N  ND2 . ASN A 1 54  ? -20.187 -13.518 -3.182  1.000 33.964 ? 93  ASN AAA ND2 1 ? 
ATOM   457  N  N   . LEU A 1 55  ? -15.470 -11.539 -4.301  1.000 15.964 ? 94  LEU AAA N   1 ? 
ATOM   458  C  CA  . LEU A 1 55  ? -15.423 -10.402 -5.206  1.000 16.213 ? 94  LEU AAA CA  1 ? 
ATOM   459  C  C   . LEU A 1 55  ? -14.753 -10.884 -6.483  1.000 14.882 ? 94  LEU AAA C   1 ? 
ATOM   460  O  O   . LEU A 1 55  ? -13.625 -10.490 -6.762  1.000 14.049 ? 94  LEU AAA O   1 ? 
ATOM   461  C  CB  . LEU A 1 55  ? -14.615 -9.244  -4.598  1.000 16.136 ? 94  LEU AAA CB  1 ? 
ATOM   462  C  CG  . LEU A 1 55  ? -15.180 -8.675  -3.292  1.000 19.157 ? 94  LEU AAA CG  1 ? 
ATOM   463  C  CD1 . LEU A 1 55  ? -14.200 -7.673  -2.658  1.000 20.409 ? 94  LEU AAA CD1 1 ? 
ATOM   464  C  CD2 . LEU A 1 55  ? -16.602 -8.149  -3.420  1.000 20.421 ? 94  LEU AAA CD2 1 ? 
ATOM   465  N  N   . PRO A 1 56  ? -15.403 -11.732 -7.319  1.000 14.965 ? 95  PRO AAA N   1 ? 
ATOM   466  C  CA  . PRO A 1 56  ? -14.713 -12.310 -8.464  1.000 15.028 ? 95  PRO AAA CA  1 ? 
ATOM   467  C  C   . PRO A 1 56  ? -14.281 -11.314 -9.525  1.000 15.172 ? 95  PRO AAA C   1 ? 
ATOM   468  O  O   . PRO A 1 56  ? -13.364 -11.613 -10.269 1.000 16.556 ? 95  PRO AAA O   1 ? 
ATOM   469  C  CB  . PRO A 1 56  ? -15.752 -13.290 -9.071  1.000 15.270 ? 95  PRO AAA CB  1 ? 
ATOM   470  C  CG  . PRO A 1 56  ? -17.036 -12.745 -8.585  1.000 16.137 ? 95  PRO AAA CG  1 ? 
ATOM   471  C  CD  . PRO A 1 56  ? -16.750 -12.290 -7.146  1.000 19.023 ? 95  PRO AAA CD  1 ? 
ATOM   472  N  N   . ASP A 1 57  ? -14.850 -10.106 -9.518  1.000 14.936 ? 96  ASP AAA N   1 ? 
ATOM   473  C  CA  . ASP A 1 57  ? -14.465 -9.087  -10.494 1.000 14.388 ? 96  ASP AAA CA  1 ? 
ATOM   474  C  C   . ASP A 1 57  ? -13.293 -8.223  -9.990  1.000 13.807 ? 96  ASP AAA C   1 ? 
ATOM   475  O  O   . ASP A 1 57  ? -12.868 -7.364  -10.750 1.000 16.065 ? 96  ASP AAA O   1 ? 
ATOM   476  C  CB  . ASP A 1 57  ? -15.652 -8.170  -10.856 1.000 16.706 ? 96  ASP AAA CB  1 ? 
ATOM   477  C  CG  . ASP A 1 57  ? -16.125 -7.278  -9.713  1.000 20.064 ? 96  ASP AAA CG  1 ? 
ATOM   478  O  OD1 . ASP A 1 57  ? -15.815 -7.565  -8.545  1.000 18.421 ? 96  ASP AAA OD1 1 ? 
ATOM   479  O  OD2 . ASP A 1 57  ? -16.872 -6.323  -10.007 1.000 23.338 ? 96  ASP AAA OD2 1 ? 
ATOM   480  N  N   . TYR A 1 58  ? -12.751 -8.471  -8.784  1.000 14.754 ? 97  TYR AAA N   1 ? 
ATOM   481  C  CA  . TYR A 1 58  ? -11.871 -7.457  -8.208  1.000 14.242 ? 97  TYR AAA CA  1 ? 
ATOM   482  C  C   . TYR A 1 58  ? -10.627 -7.291  -9.062  1.000 16.111 ? 97  TYR AAA C   1 ? 
ATOM   483  O  O   . TYR A 1 58  ? -10.257 -6.172  -9.397  1.000 15.192 ? 97  TYR AAA O   1 ? 
ATOM   484  C  CB  . TYR A 1 58  ? -11.485 -7.871  -6.784  1.000 14.541 ? 97  TYR AAA CB  1 ? 
ATOM   485  C  CG  . TYR A 1 58  ? -10.628 -6.811  -6.108  1.000 15.140 ? 97  TYR AAA CG  1 ? 
ATOM   486  C  CD1 . TYR A 1 58  ? -11.209 -5.670  -5.550  1.000 14.620 ? 97  TYR AAA CD1 1 ? 
ATOM   487  C  CD2 . TYR A 1 58  ? -9.244  -6.895  -6.114  1.000 14.930 ? 97  TYR AAA CD2 1 ? 
ATOM   488  C  CE1 . TYR A 1 58  ? -10.417 -4.670  -4.988  1.000 15.070 ? 97  TYR AAA CE1 1 ? 
ATOM   489  C  CE2 . TYR A 1 58  ? -8.437  -5.891  -5.582  1.000 16.367 ? 97  TYR AAA CE2 1 ? 
ATOM   490  C  CZ  . TYR A 1 58  ? -9.040  -4.798  -4.987  1.000 16.519 ? 97  TYR AAA CZ  1 ? 
ATOM   491  O  OH  . TYR A 1 58  ? -8.253  -3.775  -4.457  1.000 16.788 ? 97  TYR AAA OH  1 ? 
ATOM   492  N  N   . TYR A 1 59  ? -9.998  -8.425  -9.415  1.000 15.248 ? 98  TYR AAA N   1 ? 
ATOM   493  C  CA  . TYR A 1 59  ? -8.791  -8.376  -10.230 1.000 15.903 ? 98  TYR AAA CA  1 ? 
ATOM   494  C  C   . TYR A 1 59  ? -9.100  -8.243  -11.730 1.000 16.931 ? 98  TYR AAA C   1 ? 
ATOM   495  O  O   . TYR A 1 59  ? -8.144  -8.155  -12.492 1.000 18.773 ? 98  TYR AAA O   1 ? 
ATOM   496  C  CB  . TYR A 1 59  ? -7.825  -9.507  -9.847  1.000 14.248 ? 98  TYR AAA CB  1 ? 
ATOM   497  C  CG  . TYR A 1 59  ? -7.277  -9.362  -8.444  1.000 14.735 ? 98  TYR AAA CG  1 ? 
ATOM   498  C  CD1 . TYR A 1 59  ? -6.374  -8.345  -8.172  1.000 16.271 ? 98  TYR AAA CD1 1 ? 
ATOM   499  C  CD2 . TYR A 1 59  ? -7.684  -10.196 -7.406  1.000 13.829 ? 98  TYR AAA CD2 1 ? 
ATOM   500  C  CE1 . TYR A 1 59  ? -5.837  -8.201  -6.904  1.000 15.408 ? 98  TYR AAA CE1 1 ? 
ATOM   501  C  CE2 . TYR A 1 59  ? -7.166  -10.058 -6.126  1.000 13.865 ? 98  TYR AAA CE2 1 ? 
ATOM   502  C  CZ  . TYR A 1 59  ? -6.247  -9.031  -5.878  1.000 13.800 ? 98  TYR AAA CZ  1 ? 
ATOM   503  O  OH  . TYR A 1 59  ? -5.722  -8.838  -4.635  1.000 15.142 ? 98  TYR AAA OH  1 ? 
ATOM   504  N  N   . LYS A 1 60  ? -10.379 -8.133  -12.125 1.000 15.757 ? 99  LYS AAA N   1 ? 
ATOM   505  C  CA  . LYS A 1 60  ? -10.764 -7.701  -13.467 1.000 18.785 ? 99  LYS AAA CA  1 ? 
ATOM   506  C  C   . LYS A 1 60  ? -10.715 -6.172  -13.553 1.000 18.732 ? 99  LYS AAA C   1 ? 
ATOM   507  O  O   . LYS A 1 60  ? -10.451 -5.618  -14.631 1.000 21.980 ? 99  LYS AAA O   1 ? 
ATOM   508  C  CB  . LYS A 1 60  ? -12.145 -8.229  -13.875 1.000 20.553 ? 99  LYS AAA CB  1 ? 
ATOM   509  C  CG  . LYS A 1 60  ? -12.362 -9.713  -13.617 1.000 24.021 ? 99  LYS AAA CG  1 ? 
ATOM   510  C  CD  . LYS A 1 60  ? -11.632 -10.723 -14.490 1.000 27.759 ? 99  LYS AAA CD  1 ? 
ATOM   511  C  CE  . LYS A 1 60  ? -12.138 -12.114 -14.169 1.000 26.417 ? 99  LYS AAA CE  1 ? 
ATOM   512  N  NZ  . LYS A 1 60  ? -11.654 -13.154 -15.109 1.000 28.947 ? 99  LYS AAA NZ  1 ? 
ATOM   513  N  N   A ILE A 1 61  ? -11.037 -5.516  -12.415 0.500 17.391 ? 100 ILE AAA N   1 ? 
ATOM   514  N  N   B ILE A 1 61  ? -10.940 -5.491  -12.413 0.500 16.909 ? 100 ILE AAA N   1 ? 
ATOM   515  C  CA  A ILE A 1 61  ? -11.128 -4.067  -12.277 0.500 17.826 ? 100 ILE AAA CA  1 ? 
ATOM   516  C  CA  B ILE A 1 61  ? -11.048 -4.038  -12.380 0.500 16.624 ? 100 ILE AAA CA  1 ? 
ATOM   517  C  C   A ILE A 1 61  ? -9.749  -3.511  -11.898 0.500 16.412 ? 100 ILE AAA C   1 ? 
ATOM   518  C  C   B ILE A 1 61  ? -9.774  -3.406  -11.822 0.500 15.592 ? 100 ILE AAA C   1 ? 
ATOM   519  O  O   A ILE A 1 61  ? -9.223  -2.619  -12.574 0.500 18.619 ? 100 ILE AAA O   1 ? 
ATOM   520  O  O   B ILE A 1 61  ? -9.407  -2.308  -12.251 0.500 16.888 ? 100 ILE AAA O   1 ? 
ATOM   521  C  CB  A ILE A 1 61  ? -12.239 -3.729  -11.247 0.500 18.459 ? 100 ILE AAA CB  1 ? 
ATOM   522  C  CB  B ILE A 1 61  ? -12.288 -3.645  -11.559 0.500 16.779 ? 100 ILE AAA CB  1 ? 
ATOM   523  C  CG1 A ILE A 1 61  ? -13.610 -4.224  -11.725 0.500 20.102 ? 100 ILE AAA CG1 1 ? 
ATOM   524  C  CG1 B ILE A 1 61  ? -13.558 -4.208  -12.207 0.500 16.832 ? 100 ILE AAA CG1 1 ? 
ATOM   525  C  CG2 A ILE A 1 61  ? -12.290 -2.245  -10.932 0.500 19.283 ? 100 ILE AAA CG2 1 ? 
ATOM   526  C  CG2 B ILE A 1 61  ? -12.365 -2.139  -11.364 0.500 16.870 ? 100 ILE AAA CG2 1 ? 
ATOM   527  C  CD1 A ILE A 1 61  ? -14.011 -3.635  -13.049 0.500 20.192 ? 100 ILE AAA CD1 1 ? 
ATOM   528  C  CD1 B ILE A 1 61  ? -14.748 -4.185  -11.296 0.500 16.661 ? 100 ILE AAA CD1 1 ? 
ATOM   529  N  N   . ILE A 1 62  ? -9.173  -4.066  -10.831 1.000 14.627 ? 101 ILE AAA N   1 ? 
ATOM   530  C  CA  . ILE A 1 62  ? -7.929  -3.579  -10.250 1.000 13.987 ? 101 ILE AAA CA  1 ? 
ATOM   531  C  C   . ILE A 1 62  ? -6.760  -4.362  -10.829 1.000 13.751 ? 101 ILE AAA C   1 ? 
ATOM   532  O  O   . ILE A 1 62  ? -6.525  -5.508  -10.449 1.000 16.399 ? 101 ILE AAA O   1 ? 
ATOM   533  C  CB  . ILE A 1 62  ? -8.021  -3.679  -8.717  1.000 13.145 ? 101 ILE AAA CB  1 ? 
ATOM   534  C  CG1 . ILE A 1 62  ? -9.181  -2.835  -8.172  1.000 14.015 ? 101 ILE AAA CG1 1 ? 
ATOM   535  C  CG2 . ILE A 1 62  ? -6.683  -3.317  -8.058  1.000 14.171 ? 101 ILE AAA CG2 1 ? 
ATOM   536  C  CD1 . ILE A 1 62  ? -9.176  -1.382  -8.600  1.000 14.614 ? 101 ILE AAA CD1 1 ? 
ATOM   537  N  N   . LYS A 1 63  ? -6.109  -3.751  -11.814 1.000 14.884 ? 102 LYS AAA N   1 ? 
ATOM   538  C  CA  . LYS A 1 63  ? -5.028  -4.407  -12.533 1.000 15.187 ? 102 LYS AAA CA  1 ? 
ATOM   539  C  C   . LYS A 1 63  ? -3.669  -4.027  -11.953 1.000 16.463 ? 102 LYS AAA C   1 ? 
ATOM   540  O  O   . LYS A 1 63  ? -2.658  -4.626  -12.326 1.000 19.154 ? 102 LYS AAA O   1 ? 
ATOM   541  C  CB  . LYS A 1 63  ? -5.046  -3.997  -14.003 1.000 16.895 ? 102 LYS AAA CB  1 ? 
ATOM   542  C  CG  . LYS A 1 63  ? -6.266  -4.469  -14.769 1.000 19.732 ? 102 LYS AAA CG  1 ? 
ATOM   543  C  CD  . LYS A 1 63  ? -6.526  -5.915  -14.442 1.000 25.143 ? 102 LYS AAA CD  1 ? 
ATOM   544  C  CE  . LYS A 1 63  ? -7.064  -6.744  -15.584 1.000 30.521 ? 102 LYS AAA CE  1 ? 
ATOM   545  N  NZ  . LYS A 1 63  ? -7.362  -8.092  -15.076 1.000 24.788 ? 102 LYS AAA NZ  1 ? 
ATOM   546  N  N   . THR A 1 64  ? -3.575  -3.051  -11.047 1.000 17.283 ? 103 THR AAA N   1 ? 
ATOM   547  C  CA  . THR A 1 64  ? -2.329  -2.739  -10.353 1.000 18.836 ? 103 THR AAA CA  1 ? 
ATOM   548  C  C   . THR A 1 64  ? -2.574  -2.754  -8.845  1.000 15.749 ? 103 THR AAA C   1 ? 
ATOM   549  O  O   . THR A 1 64  ? -2.681  -1.704  -8.191  1.000 17.365 ? 103 THR AAA O   1 ? 
ATOM   550  C  CB  . THR A 1 64  ? -1.692  -1.435  -10.850 1.000 24.452 ? 103 THR AAA CB  1 ? 
ATOM   551  O  OG1 . THR A 1 64  ? -2.511  -0.355  -10.415 1.000 32.822 ? 103 THR AAA OG1 1 ? 
ATOM   552  C  CG2 . THR A 1 64  ? -1.607  -1.402  -12.353 1.000 23.510 ? 103 THR AAA CG2 1 ? 
ATOM   553  N  N   . PRO A 1 65  ? -2.723  -3.942  -8.246  1.000 14.052 ? 104 PRO AAA N   1 ? 
ATOM   554  C  CA  . PRO A 1 65  ? -3.037  -4.055  -6.816  1.000 14.434 ? 104 PRO AAA CA  1 ? 
ATOM   555  C  C   . PRO A 1 65  ? -1.849  -3.643  -5.958  1.000 13.278 ? 104 PRO AAA C   1 ? 
ATOM   556  O  O   . PRO A 1 65  ? -0.683  -3.807  -6.338  1.000 13.620 ? 104 PRO AAA O   1 ? 
ATOM   557  C  CB  . PRO A 1 65  ? -3.297  -5.529  -6.572  1.000 17.645 ? 104 PRO AAA CB  1 ? 
ATOM   558  C  CG  . PRO A 1 65  ? -2.987  -6.251  -7.904  1.000 16.556 ? 104 PRO AAA CG  1 ? 
ATOM   559  C  CD  . PRO A 1 65  ? -2.650  -5.246  -8.951  1.000 16.232 ? 104 PRO AAA CD  1 ? 
ATOM   560  N  N   . MET A 1 66  ? -2.148  -3.089  -4.780  1.000 12.476 ? 105 MET AAA N   1 ? 
ATOM   561  C  CA  . MET A 1 66  ? -1.073  -2.837  -3.833  1.000 11.100 ? 105 MET AAA CA  1 ? 
ATOM   562  C  C   . MET A 1 66  ? -1.694  -2.831  -2.448  1.000 10.915 ? 105 MET AAA C   1 ? 
ATOM   563  O  O   . MET A 1 66  ? -2.885  -2.482  -2.298  1.000 11.870 ? 105 MET AAA O   1 ? 
ATOM   564  C  CB  . MET A 1 66  ? -0.383  -1.502  -4.119  1.000 11.408 ? 105 MET AAA CB  1 ? 
ATOM   565  C  CG  . MET A 1 66  ? 0.807   -1.202  -3.236  1.000 11.811 ? 105 MET AAA CG  1 ? 
ATOM   566  S  SD  . MET A 1 66  ? 2.095   -2.456  -3.188  1.000 11.554 ? 105 MET AAA SD  1 ? 
ATOM   567  C  CE  . MET A 1 66  ? 2.473   -2.672  -4.920  1.000 12.130 ? 105 MET AAA CE  1 ? 
ATOM   568  N  N   . ASP A 1 67  ? -0.894  -3.067  -1.428  1.000 10.826 ? 106 ASP AAA N   1 ? 
ATOM   569  C  CA  . ASP A 1 67  ? -1.341  -3.201  -0.036  1.000 10.989 ? 106 ASP AAA CA  1 ? 
ATOM   570  C  C   . ASP A 1 67  ? -0.163  -2.895  0.862   1.000 11.141 ? 106 ASP AAA C   1 ? 
ATOM   571  O  O   . ASP A 1 67  ? 0.986   -2.964  0.421   1.000 10.727 ? 106 ASP AAA O   1 ? 
ATOM   572  C  CB  . ASP A 1 67  ? -1.960  -4.590  0.193   1.000 11.692 ? 106 ASP AAA CB  1 ? 
ATOM   573  C  CG  . ASP A 1 67  ? -0.855  -5.661  0.181   1.000 11.443 ? 106 ASP AAA CG  1 ? 
ATOM   574  O  OD1 . ASP A 1 67  ? -0.492  -6.071  -0.954  1.000 12.076 ? 106 ASP AAA OD1 1 ? 
ATOM   575  O  OD2 . ASP A 1 67  ? -0.281  -5.959  1.256   1.000 12.401 ? 106 ASP AAA OD2 1 ? 
ATOM   576  N  N   . MET A 1 68  ? -0.443  -2.617  2.129   1.000 11.633 ? 107 MET AAA N   1 ? 
ATOM   577  C  CA  . MET A 1 68  ? 0.590   -2.302  3.100   1.000 10.949 ? 107 MET AAA CA  1 ? 
ATOM   578  C  C   . MET A 1 68  ? 1.443   -3.450  3.575   1.000 11.652 ? 107 MET AAA C   1 ? 
ATOM   579  O  O   . MET A 1 68  ? 2.574   -3.218  3.954   1.000 13.049 ? 107 MET AAA O   1 ? 
ATOM   580  C  CB  . MET A 1 68  ? 0.069   -1.597  4.352   1.000 12.738 ? 107 MET AAA CB  1 ? 
ATOM   581  C  CG  . MET A 1 68  ? -0.606  -0.275  4.071   1.000 13.872 ? 107 MET AAA CG  1 ? 
ATOM   582  S  SD  . MET A 1 68  ? -0.689  0.795   5.547   1.000 14.303 ? 107 MET AAA SD  1 ? 
ATOM   583  C  CE  . MET A 1 68  ? -1.744  -0.125  6.686   1.000 14.254 ? 107 MET AAA CE  1 ? 
ATOM   584  N  N   . GLY A 1 69  ? 0.944   -4.680  3.448   1.000 11.408 ? 108 GLY AAA N   1 ? 
ATOM   585  C  CA  . GLY A 1 69  ? 1.809   -5.804  3.728   1.000 13.035 ? 108 GLY AAA CA  1 ? 
ATOM   586  C  C   . GLY A 1 69  ? 2.944   -5.904  2.718   1.000 13.251 ? 108 GLY AAA C   1 ? 
ATOM   587  O  O   . GLY A 1 69  ? 4.123   -6.129  3.080   1.000 12.560 ? 108 GLY AAA O   1 ? 
ATOM   588  N  N   . THR A 1 70  ? 2.570   -5.710  1.453   1.000 12.263 ? 109 THR AAA N   1 ? 
ATOM   589  C  CA  . THR A 1 70  ? 3.564   -5.653  0.376   1.000 12.384 ? 109 THR AAA CA  1 ? 
ATOM   590  C  C   . THR A 1 70  ? 4.531   -4.492  0.613   1.000 10.945 ? 109 THR AAA C   1 ? 
ATOM   591  O  O   . THR A 1 70  ? 5.750   -4.654  0.489   1.000 12.048 ? 109 THR AAA O   1 ? 
ATOM   592  C  CB  . THR A 1 70  ? 2.882   -5.567  -0.982  1.000 12.738 ? 109 THR AAA CB  1 ? 
ATOM   593  O  OG1 . THR A 1 70  ? 2.074   -6.740  -1.158  1.000 13.180 ? 109 THR AAA OG1 1 ? 
ATOM   594  C  CG2 . THR A 1 70  ? 3.879   -5.483  -2.125  1.000 13.143 ? 109 THR AAA CG2 1 ? 
ATOM   595  N  N   . ILE A 1 71  ? 3.990   -3.308  0.916   1.000 11.724 ? 110 ILE AAA N   1 ? 
ATOM   596  C  CA  . ILE A 1 71  ? 4.879   -2.162  1.130   1.000 11.176 ? 110 ILE AAA CA  1 ? 
ATOM   597  C  C   . ILE A 1 71  ? 5.822   -2.401  2.316   1.000 11.629 ? 110 ILE AAA C   1 ? 
ATOM   598  O  O   . ILE A 1 71  ? 7.023   -2.111  2.223   1.000 12.107 ? 110 ILE AAA O   1 ? 
ATOM   599  C  CB  . ILE A 1 71  ? 4.036   -0.890  1.348   1.000 11.368 ? 110 ILE AAA CB  1 ? 
ATOM   600  C  CG1 . ILE A 1 71  ? 3.301   -0.543  0.067   1.000 11.253 ? 110 ILE AAA CG1 1 ? 
ATOM   601  C  CG2 . ILE A 1 71  ? 4.935   0.263   1.794   1.000 12.214 ? 110 ILE AAA CG2 1 ? 
ATOM   602  C  CD1 . ILE A 1 71  ? 2.185   0.489   0.291   1.000 12.039 ? 110 ILE AAA CD1 1 ? 
ATOM   603  N  N   . LYS A 1 72  ? 5.302   -3.007  3.420   1.000 12.659 ? 111 LYS AAA N   1 ? 
ATOM   604  C  CA  . LYS A 1 72  ? 6.157   -3.313  4.568   1.000 13.829 ? 111 LYS AAA CA  1 ? 
ATOM   605  C  C   . LYS A 1 72  ? 7.312   -4.234  4.173   1.000 14.756 ? 111 LYS AAA C   1 ? 
ATOM   606  O  O   . LYS A 1 72  ? 8.466   -4.018  4.543   1.000 14.654 ? 111 LYS AAA O   1 ? 
ATOM   607  C  CB  . LYS A 1 72  ? 5.261   -3.934  5.646   1.000 14.782 ? 111 LYS AAA CB  1 ? 
ATOM   608  C  CG  . LYS A 1 72  ? 5.976   -4.274  6.947   1.000 17.925 ? 111 LYS AAA CG  1 ? 
ATOM   609  C  CD  . LYS A 1 72  ? 4.975   -4.788  7.940   1.000 19.900 ? 111 LYS AAA CD  1 ? 
ATOM   610  C  CE  . LYS A 1 72  ? 5.554   -4.935  9.334   1.000 27.476 ? 111 LYS AAA CE  1 ? 
ATOM   611  N  NZ  . LYS A 1 72  ? 6.249   -6.232  9.410   1.000 25.741 ? 111 LYS AAA NZ  1 ? 
ATOM   612  N  N   . LYS A 1 73  ? 7.008   -5.270  3.394   1.000 14.952 ? 112 LYS AAA N   1 ? 
ATOM   613  C  CA  . LYS A 1 73  ? 8.059   -6.191  2.975   1.000 15.569 ? 112 LYS AAA CA  1 ? 
ATOM   614  C  C   . LYS A 1 73  ? 9.060   -5.454  2.092   1.000 14.484 ? 112 LYS AAA C   1 ? 
ATOM   615  O  O   . LYS A 1 73  ? 10.287  -5.639  2.190   1.000 13.986 ? 112 LYS AAA O   1 ? 
ATOM   616  C  CB  . LYS A 1 73  ? 7.425   -7.348  2.188   1.000 16.852 ? 112 LYS AAA CB  1 ? 
ATOM   617  C  CG  . LYS A 1 73  ? 6.744   -8.455  2.984   1.000 23.849 ? 112 LYS AAA CG  1 ? 
ATOM   618  C  CD  . LYS A 1 73  ? 6.193   -9.517  1.996   1.000 29.333 ? 112 LYS AAA CD  1 ? 
ATOM   619  C  CE  . LYS A 1 73  ? 5.405   -10.653 2.607   1.000 32.792 ? 112 LYS AAA CE  1 ? 
ATOM   620  N  NZ  . LYS A 1 73  ? 4.016   -10.262 2.957   1.000 42.367 ? 112 LYS AAA NZ  1 ? 
ATOM   621  N  N   . ARG A 1 74  ? 8.574   -4.605  1.183   1.000 12.597 ? 113 ARG AAA N   1 ? 
ATOM   622  C  CA  . ARG A 1 74  ? 9.459   -3.877  0.271   1.000 11.976 ? 113 ARG AAA CA  1 ? 
ATOM   623  C  C   . ARG A 1 74  ? 10.364  -2.955  1.076   1.000 12.632 ? 113 ARG AAA C   1 ? 
ATOM   624  O  O   . ARG A 1 74  ? 11.574  -2.889  0.796   1.000 13.803 ? 113 ARG AAA O   1 ? 
ATOM   625  C  CB  . ARG A 1 74  ? 8.638   -3.093  -0.753  1.000 11.968 ? 113 ARG AAA CB  1 ? 
ATOM   626  C  CG  . ARG A 1 74  ? 8.059   -3.938  -1.884  1.000 12.169 ? 113 ARG AAA CG  1 ? 
ATOM   627  C  CD  . ARG A 1 74  ? 7.260   -3.132  -2.881  1.000 12.093 ? 113 ARG AAA CD  1 ? 
ATOM   628  N  NE  . ARG A 1 74  ? 6.868   -4.002  -3.992  1.000 11.078 ? 113 ARG AAA NE  1 ? 
ATOM   629  C  CZ  . ARG A 1 74  ? 6.428   -3.551  -5.177  1.000 12.044 ? 113 ARG AAA CZ  1 ? 
ATOM   630  N  NH1 . ARG A 1 74  ? 6.149   -2.269  -5.416  1.000 13.986 ? 113 ARG AAA NH1 1 ? 
ATOM   631  N  NH2 . ARG A 1 74  ? 6.284   -4.452  -6.147  1.000 13.827 ? 113 ARG AAA NH2 1 ? 
ATOM   632  N  N   . LEU A 1 75  ? 9.830   -2.283  2.101   1.000 11.926 ? 114 LEU AAA N   1 ? 
ATOM   633  C  CA  . LEU A 1 75  ? 10.699  -1.443  2.915   1.000 11.956 ? 114 LEU AAA CA  1 ? 
ATOM   634  C  C   . LEU A 1 75  ? 11.681  -2.288  3.743   1.000 15.030 ? 114 LEU AAA C   1 ? 
ATOM   635  O  O   . LEU A 1 75  ? 12.877  -1.971  3.789   1.000 15.360 ? 114 LEU AAA O   1 ? 
ATOM   636  C  CB  . LEU A 1 75  ? 9.815   -0.604  3.845   1.000 12.850 ? 114 LEU AAA CB  1 ? 
ATOM   637  C  CG  . LEU A 1 75  ? 9.101   0.536   3.124   1.000 12.119 ? 114 LEU AAA CG  1 ? 
ATOM   638  C  CD1 . LEU A 1 75  ? 8.023   1.119   4.035   1.000 13.165 ? 114 LEU AAA CD1 1 ? 
ATOM   639  C  CD2 . LEU A 1 75  ? 10.075  1.645   2.710   1.000 12.551 ? 114 LEU AAA CD2 1 ? 
ATOM   640  N  N   . GLU A 1 76  ? 11.204  -3.350  4.382   1.000 15.536 ? 115 GLU AAA N   1 ? 
ATOM   641  C  CA  . GLU A 1 76  ? 12.074  -4.145  5.251   1.000 17.763 ? 115 GLU AAA CA  1 ? 
ATOM   642  C  C   . GLU A 1 76  ? 13.152  -4.869  4.450   1.000 18.691 ? 115 GLU AAA C   1 ? 
ATOM   643  O  O   . GLU A 1 76  ? 14.250  -5.088  4.971   1.000 21.403 ? 115 GLU AAA O   1 ? 
ATOM   644  C  CB  . GLU A 1 76  ? 11.276  -5.168  6.054   1.000 17.400 ? 115 GLU AAA CB  1 ? 
ATOM   645  C  CG  . GLU A 1 76  ? 10.365  -4.512  7.095   1.000 21.127 ? 115 GLU AAA CG  1 ? 
ATOM   646  C  CD  . GLU A 1 76  ? 9.399   -5.465  7.778   1.000 23.473 ? 115 GLU AAA CD  1 ? 
ATOM   647  O  OE1 . GLU A 1 76  ? 9.174   -6.541  7.249   1.000 28.459 ? 115 GLU AAA OE1 1 ? 
ATOM   648  O  OE2 . GLU A 1 76  ? 8.830   -5.053  8.778   1.000 28.614 ? 115 GLU AAA OE2 1 ? 
ATOM   649  N  N   . ASN A 1 77  ? 12.845  -5.204  3.191   1.000 17.644 ? 116 ASN AAA N   1 ? 
ATOM   650  C  CA  . ASN A 1 77  ? 13.782  -5.921  2.333   1.000 20.701 ? 116 ASN AAA CA  1 ? 
ATOM   651  C  C   . ASN A 1 77  ? 14.582  -4.975  1.452   1.000 18.903 ? 116 ASN AAA C   1 ? 
ATOM   652  O  O   . ASN A 1 77  ? 15.287  -5.464  0.552   1.000 25.647 ? 116 ASN AAA O   1 ? 
ATOM   653  C  CB  . ASN A 1 77  ? 13.029  -6.775  1.314   1.000 25.717 ? 116 ASN AAA CB  1 ? 
ATOM   654  C  CG  . ASN A 1 77  ? 12.388  -7.996  1.910   1.000 33.993 ? 116 ASN AAA CG  1 ? 
ATOM   655  O  OD1 . ASN A 1 77  ? 12.622  -8.323  3.078   1.000 38.216 ? 116 ASN AAA OD1 1 ? 
ATOM   656  N  ND2 . ASN A 1 77  ? 11.525  -8.626  1.128   1.000 36.425 ? 116 ASN AAA ND2 1 ? 
ATOM   657  N  N   . ASN A 1 78  ? 14.531  -3.676  1.665   1.000 19.570 ? 117 ASN AAA N   1 ? 
ATOM   658  C  CA  . ASN A 1 78  ? 15.213  -2.686  0.835   1.000 17.517 ? 117 ASN AAA CA  1 ? 
ATOM   659  C  C   . ASN A 1 78  ? 14.997  -3.000  -0.647  1.000 21.659 ? 117 ASN AAA C   1 ? 
ATOM   660  O  O   . ASN A 1 78  ? 15.915  -3.333  -1.407  1.000 26.272 ? 117 ASN AAA O   1 ? 
ATOM   661  C  CB  . ASN A 1 78  ? 16.691  -2.578  1.259   1.000 25.287 ? 117 ASN AAA CB  1 ? 
ATOM   662  C  CG  . ASN A 1 78  ? 16.854  -2.318  2.750   1.000 29.699 ? 117 ASN AAA CG  1 ? 
ATOM   663  O  OD1 . ASN A 1 78  ? 16.476  -1.255  3.261   1.000 33.044 ? 117 ASN AAA OD1 1 ? 
ATOM   664  N  ND2 . ASN A 1 78  ? 17.386  -3.294  3.469   1.000 34.280 ? 117 ASN AAA ND2 1 ? 
ATOM   665  N  N   . TYR A 1 79  ? 13.742  -2.953  -1.079  1.000 15.465 ? 118 TYR AAA N   1 ? 
ATOM   666  C  CA  . TYR A 1 79  ? 13.417  -3.198  -2.464  1.000 14.322 ? 118 TYR AAA CA  1 ? 
ATOM   667  C  C   . TYR A 1 79  ? 13.511  -1.939  -3.305  1.000 13.013 ? 118 TYR AAA C   1 ? 
ATOM   668  O  O   . TYR A 1 79  ? 13.627  -2.030  -4.504  1.000 13.004 ? 118 TYR AAA O   1 ? 
ATOM   669  C  CB  . TYR A 1 79  ? 12.003  -3.769  -2.498  1.000 14.402 ? 118 TYR AAA CB  1 ? 
ATOM   670  C  CG  . TYR A 1 79  ? 11.424  -4.014  -3.865  1.000 13.463 ? 118 TYR AAA CG  1 ? 
ATOM   671  C  CD1 . TYR A 1 79  ? 11.722  -5.169  -4.568  1.000 13.159 ? 118 TYR AAA CD1 1 ? 
ATOM   672  C  CD2 . TYR A 1 79  ? 10.516  -3.128  -4.436  1.000 13.342 ? 118 TYR AAA CD2 1 ? 
ATOM   673  C  CE1 . TYR A 1 79  ? 11.168  -5.431  -5.807  1.000 13.518 ? 118 TYR AAA CE1 1 ? 
ATOM   674  C  CE2 . TYR A 1 79  ? 9.982   -3.333  -5.682  1.000 13.422 ? 118 TYR AAA CE2 1 ? 
ATOM   675  C  CZ  . TYR A 1 79  ? 10.272  -4.506  -6.361  1.000 13.647 ? 118 TYR AAA CZ  1 ? 
ATOM   676  O  OH  . TYR A 1 79  ? 9.739   -4.754  -7.592  1.000 15.899 ? 118 TYR AAA OH  1 ? 
ATOM   677  N  N   . TYR A 1 80  ? 13.290  -0.772  -2.685  1.000 12.882 ? 119 TYR AAA N   1 ? 
ATOM   678  C  CA  . TYR A 1 80  ? 13.116  0.477   -3.399  1.000 13.450 ? 119 TYR AAA CA  1 ? 
ATOM   679  C  C   . TYR A 1 80  ? 14.465  1.149   -3.688  1.000 14.974 ? 119 TYR AAA C   1 ? 
ATOM   680  O  O   . TYR A 1 80  ? 15.444  0.933   -2.951  1.000 16.823 ? 119 TYR AAA O   1 ? 
ATOM   681  C  CB  . TYR A 1 80  ? 12.297  1.434   -2.525  1.000 12.665 ? 119 TYR AAA CB  1 ? 
ATOM   682  C  CG  . TYR A 1 80  ? 10.873  0.986   -2.285  1.000 11.874 ? 119 TYR AAA CG  1 ? 
ATOM   683  C  CD1 . TYR A 1 80  ? 9.965   0.863   -3.335  1.000 11.768 ? 119 TYR AAA CD1 1 ? 
ATOM   684  C  CD2 . TYR A 1 80  ? 10.472  0.681   -1.006  1.000 11.780 ? 119 TYR AAA CD2 1 ? 
ATOM   685  C  CE1 . TYR A 1 80  ? 8.624   0.601   -3.109  1.000 11.706 ? 119 TYR AAA CE1 1 ? 
ATOM   686  C  CE2 . TYR A 1 80  ? 9.132   0.417   -0.751  1.000 11.399 ? 119 TYR AAA CE2 1 ? 
ATOM   687  C  CZ  . TYR A 1 80  ? 8.230   0.340   -1.804  1.000 11.186 ? 119 TYR AAA CZ  1 ? 
ATOM   688  O  OH  . TYR A 1 80  ? 6.918   0.073   -1.537  1.000 12.577 ? 119 TYR AAA OH  1 ? 
ATOM   689  N  N   . TRP A 1 81  ? 14.477  1.920   -4.773  1.000 13.453 ? 120 TRP AAA N   1 ? 
ATOM   690  C  CA  . TRP A 1 81  ? 15.560  2.869   -5.071  1.000 14.755 ? 120 TRP AAA CA  1 ? 
ATOM   691  C  C   . TRP A 1 81  ? 15.324  4.230   -4.412  1.000 14.733 ? 120 TRP AAA C   1 ? 
ATOM   692  O  O   . TRP A 1 81  ? 16.271  4.889   -3.978  1.000 15.206 ? 120 TRP AAA O   1 ? 
ATOM   693  C  CB  . TRP A 1 81  ? 15.712  3.062   -6.589  1.000 13.845 ? 120 TRP AAA CB  1 ? 
ATOM   694  C  CG  . TRP A 1 81  ? 16.907  3.902   -6.957  1.000 14.047 ? 120 TRP AAA CG  1 ? 
ATOM   695  C  CD1 . TRP A 1 81  ? 16.907  5.237   -7.316  1.000 14.898 ? 120 TRP AAA CD1 1 ? 
ATOM   696  C  CD2 . TRP A 1 81  ? 18.283  3.482   -6.935  1.000 13.977 ? 120 TRP AAA CD2 1 ? 
ATOM   697  N  NE1 . TRP A 1 81  ? 18.201  5.662   -7.521  1.000 16.932 ? 120 TRP AAA NE1 1 ? 
ATOM   698  C  CE2 . TRP A 1 81  ? 19.057  4.632   -7.277  1.000 14.656 ? 120 TRP AAA CE2 1 ? 
ATOM   699  C  CE3 . TRP A 1 81  ? 18.948  2.285   -6.616  1.000 14.543 ? 120 TRP AAA CE3 1 ? 
ATOM   700  C  CZ2 . TRP A 1 81  ? 20.442  4.565   -7.360  1.000 16.084 ? 120 TRP AAA CZ2 1 ? 
ATOM   701  C  CZ3 . TRP A 1 81  ? 20.329  2.235   -6.700  1.000 15.813 ? 120 TRP AAA CZ3 1 ? 
ATOM   702  C  CH2 . TRP A 1 81  ? 21.055  3.386   -7.033  1.000 15.167 ? 120 TRP AAA CH2 1 ? 
ATOM   703  N  N   . ASN A 1 82  ? 14.065  4.694   -4.331  1.000 14.413 ? 121 ASN AAA N   1 ? 
ATOM   704  C  CA  . ASN A 1 82  ? 13.814  6.031   -3.814  1.000 13.036 ? 121 ASN AAA CA  1 ? 
ATOM   705  C  C   . ASN A 1 82  ? 12.442  6.092   -3.162  1.000 13.994 ? 121 ASN AAA C   1 ? 
ATOM   706  O  O   . ASN A 1 82  ? 11.623  5.165   -3.249  1.000 13.973 ? 121 ASN AAA O   1 ? 
ATOM   707  C  CB  . ASN A 1 82  ? 13.966  7.095   -4.902  1.000 13.408 ? 121 ASN AAA CB  1 ? 
ATOM   708  C  CG  . ASN A 1 82  ? 13.026  6.951   -6.060  1.000 14.082 ? 121 ASN AAA CG  1 ? 
ATOM   709  O  OD1 . ASN A 1 82  ? 11.887  6.498   -5.834  1.000 14.364 ? 121 ASN AAA OD1 1 ? 
ATOM   710  N  ND2 . ASN A 1 82  ? 13.388  7.331   -7.269  1.000 15.046 ? 121 ASN AAA ND2 1 ? 
ATOM   711  N  N   . ALA A 1 83  ? 12.217  7.205   -2.463  1.000 13.585 ? 122 ALA AAA N   1 ? 
ATOM   712  C  CA  . ALA A 1 83  ? 10.971  7.438   -1.750  1.000 13.915 ? 122 ALA AAA CA  1 ? 
ATOM   713  C  C   . ALA A 1 83  ? 9.812   7.469   -2.720  1.000 12.072 ? 122 ALA AAA C   1 ? 
ATOM   714  O  O   . ALA A 1 83  ? 8.717   7.024   -2.341  1.000 12.840 ? 122 ALA AAA O   1 ? 
ATOM   715  C  CB  . ALA A 1 83  ? 11.048  8.743   -0.994  1.000 16.533 ? 122 ALA AAA CB  1 ? 
ATOM   716  N  N   . GLN A 1 84  ? 9.964   8.029   -3.905  1.000 12.890 ? 123 GLN AAA N   1 ? 
ATOM   717  C  CA  . GLN A 1 84  ? 8.875   8.157   -4.855  1.000 13.898 ? 123 GLN AAA CA  1 ? 
ATOM   718  C  C   . GLN A 1 84  ? 8.261   6.786   -5.182  1.000 11.882 ? 123 GLN AAA C   1 ? 
ATOM   719  O  O   . GLN A 1 84  ? 7.035   6.682   -5.333  1.000 13.004 ? 123 GLN AAA O   1 ? 
ATOM   720  C  CB  . GLN A 1 84  ? 9.294   8.893   -6.133  1.000 17.417 ? 123 GLN AAA CB  1 ? 
ATOM   721  C  CG  . GLN A 1 84  ? 8.096   9.229   -7.032  1.000 20.801 ? 123 GLN AAA CG  1 ? 
ATOM   722  C  CD  . GLN A 1 84  ? 6.896   9.793   -6.276  0.500 21.915 ? 123 GLN AAA CD  1 ? 
ATOM   723  O  OE1 . GLN A 1 84  ? 5.773   9.268   -6.331  0.500 27.491 ? 123 GLN AAA OE1 1 ? 
ATOM   724  N  NE2 . GLN A 1 84  ? 7.122   10.830  -5.479  0.500 26.313 ? 123 GLN AAA NE2 1 ? 
ATOM   725  N  N   A GLU A 1 85  ? 9.088   5.755   -5.348  0.500 12.294 ? 124 GLU AAA N   1 ? 
ATOM   726  N  N   B GLU A 1 85  ? 9.095   5.742   -5.283  0.500 11.505 ? 124 GLU AAA N   1 ? 
ATOM   727  C  CA  A GLU A 1 85  ? 8.511   4.450   -5.641  0.500 12.461 ? 124 GLU AAA CA  1 ? 
ATOM   728  C  CA  B GLU A 1 85  ? 8.615   4.398   -5.610  0.500 11.301 ? 124 GLU AAA CA  1 ? 
ATOM   729  C  C   A GLU A 1 85  ? 7.545   4.046   -4.530  0.500 11.688 ? 124 GLU AAA C   1 ? 
ATOM   730  C  C   B GLU A 1 85  ? 7.683   3.856   -4.526  0.500 10.856 ? 124 GLU AAA C   1 ? 
ATOM   731  O  O   A GLU A 1 85  ? 6.420   3.598   -4.795  0.500 11.006 ? 124 GLU AAA O   1 ? 
ATOM   732  O  O   B GLU A 1 85  ? 6.713   3.140   -4.790  0.500 9.767  ? 124 GLU AAA O   1 ? 
ATOM   733  C  CB  A GLU A 1 85  ? 9.616   3.396   -5.753  0.500 12.956 ? 124 GLU AAA CB  1 ? 
ATOM   734  C  CB  B GLU A 1 85  ? 9.813   3.448   -5.772  0.500 10.517 ? 124 GLU AAA CB  1 ? 
ATOM   735  C  CG  A GLU A 1 85  ? 10.382  3.428   -7.057  0.500 14.530 ? 124 GLU AAA CG  1 ? 
ATOM   736  C  CG  B GLU A 1 85  ? 10.671  3.712   -7.004  0.500 10.824 ? 124 GLU AAA CG  1 ? 
ATOM   737  C  CD  A GLU A 1 85  ? 11.496  2.417   -6.913  0.500 14.836 ? 124 GLU AAA CD  1 ? 
ATOM   738  C  CD  B GLU A 1 85  ? 11.757  2.672   -7.210  0.500 10.558 ? 124 GLU AAA CD  1 ? 
ATOM   739  O  OE1 A GLU A 1 85  ? 11.314  1.305   -7.380  0.500 19.102 ? 124 GLU AAA OE1 1 ? 
ATOM   740  O  OE1 B GLU A 1 85  ? 12.009  1.887   -6.292  0.500 10.181 ? 124 GLU AAA OE1 1 ? 
ATOM   741  O  OE2 A GLU A 1 85  ? 12.473  2.734   -6.276  0.500 16.578 ? 124 GLU AAA OE2 1 ? 
ATOM   742  O  OE2 B GLU A 1 85  ? 12.313  2.632   -8.354  0.500 11.231 ? 124 GLU AAA OE2 1 ? 
ATOM   743  N  N   . CYS A 1 86  ? 8.007   4.180   -3.283  1.000 10.627 ? 125 CYS AAA N   1 ? 
ATOM   744  C  CA  . CYS A 1 86  ? 7.224   3.740   -2.139  1.000 12.305 ? 125 CYS AAA CA  1 ? 
ATOM   745  C  C   . CYS A 1 86  ? 5.959   4.593   -1.997  1.000 11.344 ? 125 CYS AAA C   1 ? 
ATOM   746  O  O   . CYS A 1 86  ? 4.860   4.072   -1.790  1.000 11.542 ? 125 CYS AAA O   1 ? 
ATOM   747  C  CB  . CYS A 1 86  ? 8.107   3.868   -0.892  1.000 11.128 ? 125 CYS AAA CB  1 ? 
ATOM   748  S  SG  . CYS A 1 86  ? 7.199   3.416   0.596   1.000 13.402 ? 125 CYS AAA SG  1 ? 
ATOM   749  N  N   . ILE A 1 87  ? 6.073   5.919   -2.128  1.000 11.253 ? 126 ILE AAA N   1 ? 
ATOM   750  C  CA  . ILE A 1 87  ? 4.908   6.792   -2.048  1.000 11.295 ? 126 ILE AAA CA  1 ? 
ATOM   751  C  C   . ILE A 1 87  ? 3.912   6.381   -3.146  1.000 12.266 ? 126 ILE AAA C   1 ? 
ATOM   752  O  O   . ILE A 1 87  ? 2.689   6.376   -2.942  1.000 12.660 ? 126 ILE AAA O   1 ? 
ATOM   753  C  CB  . ILE A 1 87  ? 5.382   8.265   -2.128  1.000 12.585 ? 126 ILE AAA CB  1 ? 
ATOM   754  C  CG1 . ILE A 1 87  ? 6.127   8.657   -0.855  1.000 14.737 ? 126 ILE AAA CG1 1 ? 
ATOM   755  C  CG2 . ILE A 1 87  ? 4.189   9.182   -2.412  1.000 12.989 ? 126 ILE AAA CG2 1 ? 
ATOM   756  C  CD1 . ILE A 1 87  ? 6.921   9.979   -1.017  1.000 15.246 ? 126 ILE AAA CD1 1 ? 
ATOM   757  N  N   . GLN A 1 88  ? 4.397   6.044   -4.349  1.000 11.661 ? 127 GLN AAA N   1 ? 
ATOM   758  C  CA  . GLN A 1 88  ? 3.510   5.646   -5.414  1.000 12.502 ? 127 GLN AAA CA  1 ? 
ATOM   759  C  C   . GLN A 1 88  ? 2.763   4.365   -5.019  1.000 11.989 ? 127 GLN AAA C   1 ? 
ATOM   760  O  O   . GLN A 1 88  ? 1.577   4.251   -5.325  1.000 12.342 ? 127 GLN AAA O   1 ? 
ATOM   761  C  CB  . GLN A 1 88  ? 4.288   5.415   -6.714  1.000 14.563 ? 127 GLN AAA CB  1 ? 
ATOM   762  C  CG  . GLN A 1 88  ? 3.375   4.935   -7.853  1.000 20.073 ? 127 GLN AAA CG  1 ? 
ATOM   763  C  CD  . GLN A 1 88  ? 2.235   5.884   -8.139  1.000 28.820 ? 127 GLN AAA CD  1 ? 
ATOM   764  O  OE1 . GLN A 1 88  ? 1.052   5.661   -7.805  1.000 33.382 ? 127 GLN AAA OE1 1 ? 
ATOM   765  N  NE2 . GLN A 1 88  ? 2.600   7.002   -8.747  1.000 29.415 ? 127 GLN AAA NE2 1 ? 
ATOM   766  N  N   . ASP A 1 89  ? 3.410   3.441   -4.288  1.000 11.722 ? 128 ASP AAA N   1 ? 
ATOM   767  C  CA  . ASP A 1 89  ? 2.712   2.238   -3.850  1.000 11.211 ? 128 ASP AAA CA  1 ? 
ATOM   768  C  C   . ASP A 1 89  ? 1.564   2.623   -2.907  1.000 10.139 ? 128 ASP AAA C   1 ? 
ATOM   769  O  O   . ASP A 1 89  ? 0.473   2.085   -3.023  1.000 10.764 ? 128 ASP AAA O   1 ? 
ATOM   770  C  CB  . ASP A 1 89  ? 3.682   1.245   -3.192  1.000 11.705 ? 128 ASP AAA CB  1 ? 
ATOM   771  C  CG  . ASP A 1 89  ? 4.578   0.493   -4.176  1.000 12.425 ? 128 ASP AAA CG  1 ? 
ATOM   772  O  OD1 . ASP A 1 89  ? 4.262   0.488   -5.397  1.000 12.648 ? 128 ASP AAA OD1 1 ? 
ATOM   773  O  OD2 . ASP A 1 89  ? 5.549   -0.074  -3.695  1.000 12.833 ? 128 ASP AAA OD2 1 ? 
ATOM   774  N  N   . PHE A 1 90  ? 1.830   3.493   -1.935  1.000 9.880  ? 129 PHE AAA N   1 ? 
ATOM   775  C  CA  . PHE A 1 90  ? 0.720   3.933   -1.077  1.000 10.237 ? 129 PHE AAA CA  1 ? 
ATOM   776  C  C   . PHE A 1 90  ? -0.405  4.559   -1.880  1.000 10.834 ? 129 PHE AAA C   1 ? 
ATOM   777  O  O   . PHE A 1 90  ? -1.575  4.237   -1.660  1.000 11.857 ? 129 PHE AAA O   1 ? 
ATOM   778  C  CB  . PHE A 1 90  ? 1.218   4.922   -0.025  1.000 11.563 ? 129 PHE AAA CB  1 ? 
ATOM   779  C  CG  . PHE A 1 90  ? 1.898   4.317   1.177   1.000 11.323 ? 129 PHE AAA CG  1 ? 
ATOM   780  C  CD1 . PHE A 1 90  ? 1.141   3.780   2.221   1.000 11.966 ? 129 PHE AAA CD1 1 ? 
ATOM   781  C  CD2 . PHE A 1 90  ? 3.287   4.313   1.272   1.000 12.067 ? 129 PHE AAA CD2 1 ? 
ATOM   782  C  CE1 . PHE A 1 90  ? 1.774   3.261   3.346   1.000 12.839 ? 129 PHE AAA CE1 1 ? 
ATOM   783  C  CE2 . PHE A 1 90  ? 3.909   3.794   2.416   1.000 12.359 ? 129 PHE AAA CE2 1 ? 
ATOM   784  C  CZ  . PHE A 1 90  ? 3.159   3.261   3.442   1.000 12.670 ? 129 PHE AAA CZ  1 ? 
ATOM   785  N  N   . ASN A 1 91  ? -0.062  5.440   -2.813  1.000 10.893 ? 130 ASN AAA N   1 ? 
ATOM   786  C  CA  . ASN A 1 91  ? -1.090  6.095   -3.603  1.000 13.033 ? 130 ASN AAA CA  1 ? 
ATOM   787  C  C   . ASN A 1 91  ? -1.878  5.087   -4.440  1.000 11.576 ? 130 ASN AAA C   1 ? 
ATOM   788  O  O   . ASN A 1 91  ? -3.104  5.219   -4.571  1.000 13.070 ? 130 ASN AAA O   1 ? 
ATOM   789  C  CB  . ASN A 1 91  ? -0.529  7.271   -4.391  1.000 15.044 ? 130 ASN AAA CB  1 ? 
ATOM   790  C  CG  . ASN A 1 91  ? -0.212  8.427   -3.443  1.000 19.077 ? 130 ASN AAA CG  1 ? 
ATOM   791  O  OD1 . ASN A 1 91  ? -0.942  8.651   -2.471  1.000 26.678 ? 130 ASN AAA OD1 1 ? 
ATOM   792  N  ND2 . ASN A 1 91  ? 0.863   9.129   -3.669  1.000 22.513 ? 130 ASN AAA ND2 1 ? 
ATOM   793  N  N   . THR A 1 92  ? -1.201  4.080   -4.964  1.000 11.416 ? 131 THR AAA N   1 ? 
ATOM   794  C  CA  . THR A 1 92  ? -1.887  3.052   -5.735  1.000 11.737 ? 131 THR AAA CA  1 ? 
ATOM   795  C  C   . THR A 1 92  ? -2.886  2.307   -4.839  1.000 10.674 ? 131 THR AAA C   1 ? 
ATOM   796  O  O   . THR A 1 92  ? -4.045  2.030   -5.235  1.000 11.078 ? 131 THR AAA O   1 ? 
ATOM   797  C  CB  . THR A 1 92  ? -0.872  2.038   -6.289  1.000 11.502 ? 131 THR AAA CB  1 ? 
ATOM   798  O  OG1 . THR A 1 92  ? -0.102  2.749   -7.278  1.000 13.708 ? 131 THR AAA OG1 1 ? 
ATOM   799  C  CG2 . THR A 1 92  ? -1.543  0.849   -6.954  1.000 13.522 ? 131 THR AAA CG2 1 ? 
ATOM   800  N  N   . MET A 1 93  ? -2.478  1.980   -3.607  1.000 10.154 ? 132 MET AAA N   1 ? 
ATOM   801  C  CA  . MET A 1 93  ? -3.362  1.267   -2.667  1.000 10.662 ? 132 MET AAA CA  1 ? 
ATOM   802  C  C   . MET A 1 93  ? -4.619  2.099   -2.410  1.000 10.652 ? 132 MET AAA C   1 ? 
ATOM   803  O  O   . MET A 1 93  ? -5.737  1.569   -2.480  1.000 11.035 ? 132 MET AAA O   1 ? 
ATOM   804  C  CB  . MET A 1 93  ? -2.621  1.073   -1.366  1.000 11.149 ? 132 MET AAA CB  1 ? 
ATOM   805  C  CG  . MET A 1 93  ? -3.483  0.343   -0.279  1.000 12.019 ? 132 MET AAA CG  1 ? 
ATOM   806  S  SD  . MET A 1 93  ? -2.576  0.171   1.245   1.000 12.302 ? 132 MET AAA SD  1 ? 
ATOM   807  C  CE  . MET A 1 93  ? -2.743  1.841   1.889   1.000 14.304 ? 132 MET AAA CE  1 ? 
ATOM   808  N  N   . PHE A 1 94  ? -4.445  3.402   -2.163  1.000 10.856 ? 133 PHE AAA N   1 ? 
ATOM   809  C  CA  . PHE A 1 94  ? -5.631  4.230   -1.854  1.000 10.684 ? 133 PHE AAA CA  1 ? 
ATOM   810  C  C   . PHE A 1 94  ? -6.525  4.294   -3.086  1.000 11.745 ? 133 PHE AAA C   1 ? 
ATOM   811  O  O   . PHE A 1 94  ? -7.756  4.151   -2.995  1.000 12.337 ? 133 PHE AAA O   1 ? 
ATOM   812  C  CB  . PHE A 1 94  ? -5.200  5.640   -1.407  1.000 11.019 ? 133 PHE AAA CB  1 ? 
ATOM   813  C  CG  . PHE A 1 94  ? -4.502  5.649   -0.069  1.000 11.017 ? 133 PHE AAA CG  1 ? 
ATOM   814  C  CD1 . PHE A 1 94  ? -5.074  5.006   1.012   1.000 13.438 ? 133 PHE AAA CD1 1 ? 
ATOM   815  C  CD2 . PHE A 1 94  ? -3.296  6.314   0.114   1.000 12.410 ? 133 PHE AAA CD2 1 ? 
ATOM   816  C  CE1 . PHE A 1 94  ? -4.415  4.992   2.234   1.000 15.673 ? 133 PHE AAA CE1 1 ? 
ATOM   817  C  CE2 . PHE A 1 94  ? -2.626  6.255   1.328   1.000 13.756 ? 133 PHE AAA CE2 1 ? 
ATOM   818  C  CZ  . PHE A 1 94  ? -3.225  5.647   2.402   1.000 14.520 ? 133 PHE AAA CZ  1 ? 
ATOM   819  N  N   . THR A 1 95  ? -5.930  4.590   -4.245  1.000 12.936 ? 134 THR AAA N   1 ? 
ATOM   820  C  CA  A THR A 1 95  ? -6.733  4.769   -5.438  0.500 13.753 ? 134 THR AAA CA  1 ? 
ATOM   821  C  CA  B THR A 1 95  ? -6.653  4.720   -5.505  0.500 12.242 ? 134 THR AAA CA  1 ? 
ATOM   822  C  C   . THR A 1 95  ? -7.438  3.458   -5.816  1.000 12.997 ? 134 THR AAA C   1 ? 
ATOM   823  O  O   . THR A 1 95  ? -8.591  3.496   -6.251  1.000 13.963 ? 134 THR AAA O   1 ? 
ATOM   824  C  CB  A THR A 1 95  ? -5.932  5.533   -6.505  0.500 15.231 ? 134 THR AAA CB  1 ? 
ATOM   825  C  CB  B THR A 1 95  ? -5.709  4.900   -6.704  0.500 11.586 ? 134 THR AAA CB  1 ? 
ATOM   826  O  OG1 A THR A 1 95  ? -4.771  4.747   -6.713  0.500 21.176 ? 134 THR AAA OG1 1 ? 
ATOM   827  O  OG1 B THR A 1 95  ? -5.048  6.129   -6.442  0.500 11.923 ? 134 THR AAA OG1 1 ? 
ATOM   828  C  CG2 A THR A 1 95  ? -5.529  6.932   -6.091  0.500 15.599 ? 134 THR AAA CG2 1 ? 
ATOM   829  C  CG2 B THR A 1 95  ? -6.448  5.035   -8.017  0.500 12.227 ? 134 THR AAA CG2 1 ? 
ATOM   830  N  N   . ASN A 1 96  ? -6.841  2.293   -5.626  1.000 12.050 ? 135 ASN AAA N   1 ? 
ATOM   831  C  CA  . ASN A 1 96  ? -7.569  1.056   -5.920  1.000 13.051 ? 135 ASN AAA CA  1 ? 
ATOM   832  C  C   . ASN A 1 96  ? -8.857  1.040   -5.100  1.000 12.514 ? 135 ASN AAA C   1 ? 
ATOM   833  O  O   . ASN A 1 96  ? -9.897  0.600   -5.564  1.000 12.969 ? 135 ASN AAA O   1 ? 
ATOM   834  C  CB  . ASN A 1 96  ? -6.782  -0.172  -5.461  1.000 14.578 ? 135 ASN AAA CB  1 ? 
ATOM   835  C  CG  . ASN A 1 96  ? -5.512  -0.531  -6.208  1.000 15.972 ? 135 ASN AAA CG  1 ? 
ATOM   836  O  OD1 . ASN A 1 96  ? -5.277  -0.020  -7.307  1.000 17.944 ? 135 ASN AAA OD1 1 ? 
ATOM   837  N  ND2 . ASN A 1 96  ? -4.827  -1.460  -5.569  1.000 17.248 ? 135 ASN AAA ND2 1 ? 
ATOM   838  N  N   . CYS A 1 97  ? -8.759  1.381   -3.818  1.000 11.569 ? 136 CYS AAA N   1 ? 
ATOM   839  C  CA  . CYS A 1 97  ? -9.920  1.343   -2.928  1.000 11.372 ? 136 CYS AAA CA  1 ? 
ATOM   840  C  C   . CYS A 1 97  ? -11.007 2.303   -3.450  1.000 11.500 ? 136 CYS AAA C   1 ? 
ATOM   841  O  O   . CYS A 1 97  ? -12.185 1.920   -3.522  1.000 12.189 ? 136 CYS AAA O   1 ? 
ATOM   842  C  CB  . CYS A 1 97  ? -9.451  1.683   -1.507  1.000 11.800 ? 136 CYS AAA CB  1 ? 
ATOM   843  S  SG  . CYS A 1 97  ? -10.803 1.557   -0.308  1.000 14.489 ? 136 CYS AAA SG  1 ? 
ATOM   844  N  N   . TYR A 1 98  ? -10.591 3.508   -3.824  1.000 11.212 ? 137 TYR AAA N   1 ? 
ATOM   845  C  CA  . TYR A 1 98  ? -11.566 4.485   -4.263  1.000 12.576 ? 137 TYR AAA CA  1 ? 
ATOM   846  C  C   . TYR A 1 98  ? -12.173 4.175   -5.634  1.000 13.875 ? 137 TYR AAA C   1 ? 
ATOM   847  O  O   . TYR A 1 98  ? -13.322 4.583   -5.889  1.000 16.626 ? 137 TYR AAA O   1 ? 
ATOM   848  C  CB  . TYR A 1 98  ? -10.920 5.869   -4.311  1.000 13.162 ? 137 TYR AAA CB  1 ? 
ATOM   849  C  CG  . TYR A 1 98  ? -10.272 6.285   -3.026  1.000 13.083 ? 137 TYR AAA CG  1 ? 
ATOM   850  C  CD1 . TYR A 1 98  ? -10.750 5.880   -1.801  1.000 12.345 ? 137 TYR AAA CD1 1 ? 
ATOM   851  C  CD2 . TYR A 1 98  ? -9.157  7.091   -3.019  1.000 12.093 ? 137 TYR AAA CD2 1 ? 
ATOM   852  C  CE1 . TYR A 1 98  ? -10.191 6.252   -0.592  1.000 12.908 ? 137 TYR AAA CE1 1 ? 
ATOM   853  C  CE2 . TYR A 1 98  ? -8.584  7.512   -1.830  1.000 12.709 ? 137 TYR AAA CE2 1 ? 
ATOM   854  C  CZ  . TYR A 1 98  ? -9.091  7.085   -0.607  1.000 12.026 ? 137 TYR AAA CZ  1 ? 
ATOM   855  O  OH  . TYR A 1 98  ? -8.500  7.420   0.577   1.000 15.575 ? 137 TYR AAA OH  1 ? 
ATOM   856  N  N   A ILE A 1 99  ? -11.476 3.435   -6.494  0.500 12.696 ? 138 ILE AAA N   1 ? 
ATOM   857  N  N   B ILE A 1 99  ? -11.410 3.494   -6.503  0.500 12.656 ? 138 ILE AAA N   1 ? 
ATOM   858  C  CA  A ILE A 1 99  ? -12.045 3.105   -7.793  0.500 13.541 ? 138 ILE AAA CA  1 ? 
ATOM   859  C  CA  B ILE A 1 99  ? -11.889 3.053   -7.806  0.500 13.505 ? 138 ILE AAA CA  1 ? 
ATOM   860  C  C   A ILE A 1 99  ? -12.942 1.868   -7.703  0.500 13.524 ? 138 ILE AAA C   1 ? 
ATOM   861  C  C   B ILE A 1 99  ? -12.956 1.983   -7.594  0.500 13.311 ? 138 ILE AAA C   1 ? 
ATOM   862  O  O   A ILE A 1 99  ? -13.923 1.723   -8.452  0.500 13.960 ? 138 ILE AAA O   1 ? 
ATOM   863  O  O   B ILE A 1 99  ? -14.078 2.126   -8.109  0.500 13.717 ? 138 ILE AAA O   1 ? 
ATOM   864  C  CB  A ILE A 1 99  ? -10.893 2.865   -8.776  0.500 15.319 ? 138 ILE AAA CB  1 ? 
ATOM   865  C  CB  B ILE A 1 99  ? -10.722 2.518   -8.673  0.500 14.639 ? 138 ILE AAA CB  1 ? 
ATOM   866  C  CG1 A ILE A 1 99  ? -10.137 4.153   -9.096  0.500 16.642 ? 138 ILE AAA CG1 1 ? 
ATOM   867  C  CG1 B ILE A 1 99  ? -9.906  3.643   -9.311  0.500 15.144 ? 138 ILE AAA CG1 1 ? 
ATOM   868  C  CG2 A ILE A 1 99  ? -11.425 2.221   -10.034 0.500 16.524 ? 138 ILE AAA CG2 1 ? 
ATOM   869  C  CG2 B ILE A 1 99  ? -11.235 1.565   -9.750  0.500 15.128 ? 138 ILE AAA CG2 1 ? 
ATOM   870  C  CD1 A ILE A 1 99  ? -9.073  3.938   -10.155 0.500 16.005 ? 138 ILE AAA CD1 1 ? 
ATOM   871  C  CD1 B ILE A 1 99  ? -10.729 4.560   -10.203 0.500 16.242 ? 138 ILE AAA CD1 1 ? 
ATOM   872  N  N   . TYR A 1 100 ? -12.630 0.955   -6.782  1.000 13.525 ? 139 TYR AAA N   1 ? 
ATOM   873  C  CA  . TYR A 1 100 ? -13.421 -0.273  -6.700  1.000 12.428 ? 139 TYR AAA CA  1 ? 
ATOM   874  C  C   . TYR A 1 100 ? -14.729 -0.067  -5.944  1.000 14.287 ? 139 TYR AAA C   1 ? 
ATOM   875  O  O   . TYR A 1 100 ? -15.761 -0.665  -6.303  1.000 15.083 ? 139 TYR AAA O   1 ? 
ATOM   876  C  CB  . TYR A 1 100 ? -12.637 -1.462  -6.141  1.000 13.619 ? 139 TYR AAA CB  1 ? 
ATOM   877  C  CG  . TYR A 1 100 ? -13.423 -2.746  -6.212  1.000 12.681 ? 139 TYR AAA CG  1 ? 
ATOM   878  C  CD1 . TYR A 1 100 ? -13.598 -3.408  -7.424  1.000 14.022 ? 139 TYR AAA CD1 1 ? 
ATOM   879  C  CD2 . TYR A 1 100 ? -14.044 -3.270  -5.088  1.000 13.763 ? 139 TYR AAA CD2 1 ? 
ATOM   880  C  CE1 . TYR A 1 100 ? -14.360 -4.563  -7.492  1.000 14.739 ? 139 TYR AAA CE1 1 ? 
ATOM   881  C  CE2 . TYR A 1 100 ? -14.806 -4.425  -5.138  1.000 14.032 ? 139 TYR AAA CE2 1 ? 
ATOM   882  C  CZ  . TYR A 1 100 ? -14.953 -5.073  -6.356  1.000 15.211 ? 139 TYR AAA CZ  1 ? 
ATOM   883  O  OH  . TYR A 1 100 ? -15.729 -6.201  -6.440  1.000 16.748 ? 139 TYR AAA OH  1 ? 
ATOM   884  N  N   . ASN A 1 101 ? -14.680 0.754   -4.893  1.000 13.689 ? 140 ASN AAA N   1 ? 
ATOM   885  C  CA  . ASN A 1 101 ? -15.768 0.852   -3.918  1.000 13.462 ? 140 ASN AAA CA  1 ? 
ATOM   886  C  C   . ASN A 1 101 ? -16.559 2.146   -4.091  1.000 14.767 ? 140 ASN AAA C   1 ? 
ATOM   887  O  O   . ASN A 1 101 ? -16.104 3.129   -4.662  1.000 18.921 ? 140 ASN AAA O   1 ? 
ATOM   888  C  CB  . ASN A 1 101 ? -15.206 0.738   -2.500  1.000 13.123 ? 140 ASN AAA CB  1 ? 
ATOM   889  C  CG  . ASN A 1 101 ? -14.528 -0.592  -2.295  1.000 14.264 ? 140 ASN AAA CG  1 ? 
ATOM   890  O  OD1 . ASN A 1 101 ? -15.214 -1.588  -2.073  1.000 15.072 ? 140 ASN AAA OD1 1 ? 
ATOM   891  N  ND2 . ASN A 1 101 ? -13.202 -0.598  -2.304  1.000 13.696 ? 140 ASN AAA ND2 1 ? 
ATOM   892  N  N   . LYS A 1 102 ? -17.791 2.173   -3.590  1.000 16.155 ? 141 LYS AAA N   1 ? 
ATOM   893  C  CA  . LYS A 1 102 ? -18.629 3.359   -3.710  1.000 17.670 ? 141 LYS AAA CA  1 ? 
ATOM   894  C  C   . LYS A 1 102 ? -18.188 4.407   -2.700  1.000 15.493 ? 141 LYS AAA C   1 ? 
ATOM   895  O  O   . LYS A 1 102 ? -17.808 4.078   -1.569  1.000 15.784 ? 141 LYS AAA O   1 ? 
ATOM   896  C  CB  . LYS A 1 102 ? -20.070 2.965   -3.390  1.000 18.596 ? 141 LYS AAA CB  1 ? 
ATOM   897  C  CG  . LYS A 1 102 ? -20.717 1.999   -4.383  1.000 27.659 ? 141 LYS AAA CG  1 ? 
ATOM   898  C  CD  . LYS A 1 102 ? -22.186 1.705   -4.101  0.500 27.305 ? 141 LYS AAA CD  1 ? 
ATOM   899  C  CE  . LYS A 1 102 ? -22.700 0.458   -4.795  0.500 29.908 ? 141 LYS AAA CE  1 ? 
ATOM   900  N  NZ  . LYS A 1 102 ? -22.610 -0.736  -3.914  1.000 37.358 ? 141 LYS AAA NZ  1 ? 
ATOM   901  N  N   . PRO A 1 103 ? -18.295 5.715   -2.992  1.000 16.300 ? 142 PRO AAA N   1 ? 
ATOM   902  C  CA  . PRO A 1 103 ? -17.953 6.725   -1.997  1.000 17.602 ? 142 PRO AAA CA  1 ? 
ATOM   903  C  C   . PRO A 1 103 ? -18.809 6.526   -0.758  1.000 18.908 ? 142 PRO AAA C   1 ? 
ATOM   904  O  O   . PRO A 1 103 ? -19.987 6.189   -0.837  1.000 19.546 ? 142 PRO AAA O   1 ? 
ATOM   905  C  CB  . PRO A 1 103 ? -18.351 8.057   -2.674  1.000 19.303 ? 142 PRO AAA CB  1 ? 
ATOM   906  C  CG  . PRO A 1 103 ? -18.225 7.748   -4.138  1.000 20.352 ? 142 PRO AAA CG  1 ? 
ATOM   907  C  CD  . PRO A 1 103 ? -18.648 6.292   -4.307  1.000 16.988 ? 142 PRO AAA CD  1 ? 
ATOM   908  N  N   . GLY A 1 104 ? -18.179 6.722   0.392   1.000 20.921 ? 143 GLY AAA N   1 ? 
ATOM   909  C  CA  . GLY A 1 104 ? -18.938 6.564   1.613   1.000 19.687 ? 143 GLY AAA CA  1 ? 
ATOM   910  C  C   . GLY A 1 104 ? -19.067 5.125   2.116   1.000 19.000 ? 143 GLY AAA C   1 ? 
ATOM   911  O  O   . GLY A 1 104 ? -19.458 4.954   3.269   1.000 20.827 ? 143 GLY AAA O   1 ? 
ATOM   912  N  N   . ASP A 1 105 ? -18.705 4.095   1.311   1.000 17.115 ? 144 ASP AAA N   1 ? 
ATOM   913  C  CA  . ASP A 1 105 ? -18.610 2.750   1.858   1.000 17.492 ? 144 ASP AAA CA  1 ? 
ATOM   914  C  C   . ASP A 1 105 ? -17.615 2.695   3.026   1.000 15.652 ? 144 ASP AAA C   1 ? 
ATOM   915  O  O   . ASP A 1 105 ? -16.633 3.431   3.081   1.000 14.343 ? 144 ASP AAA O   1 ? 
ATOM   916  C  CB  . ASP A 1 105 ? -18.091 1.721   0.843   1.000 17.200 ? 144 ASP AAA CB  1 ? 
ATOM   917  C  CG  . ASP A 1 105 ? -19.099 1.260   -0.199  1.000 21.947 ? 144 ASP AAA CG  1 ? 
ATOM   918  O  OD1 . ASP A 1 105 ? -20.270 1.680   -0.108  1.000 23.479 ? 144 ASP AAA OD1 1 ? 
ATOM   919  O  OD2 . ASP A 1 105 ? -18.654 0.525   -1.117  1.000 23.584 ? 144 ASP AAA OD2 1 ? 
ATOM   920  N  N   . ASP A 1 106 ? -17.813 1.755   3.947   1.000 14.098 ? 145 ASP AAA N   1 ? 
ATOM   921  C  CA  . ASP A 1 106 ? -16.931 1.606   5.093   1.000 14.267 ? 145 ASP AAA CA  1 ? 
ATOM   922  C  C   . ASP A 1 106 ? -15.458 1.527   4.668   1.000 13.294 ? 145 ASP AAA C   1 ? 
ATOM   923  O  O   . ASP A 1 106 ? -14.623 2.204   5.279   1.000 13.763 ? 145 ASP AAA O   1 ? 
ATOM   924  C  CB  . ASP A 1 106 ? -17.297 0.352   5.909   1.000 14.616 ? 145 ASP AAA CB  1 ? 
ATOM   925  C  CG  . ASP A 1 106 ? -18.539 0.517   6.777   1.000 17.707 ? 145 ASP AAA CG  1 ? 
ATOM   926  O  OD1 . ASP A 1 106 ? -18.987 1.670   6.986   1.000 16.641 ? 145 ASP AAA OD1 1 ? 
ATOM   927  O  OD2 . ASP A 1 106 ? -19.027 -0.537  7.223   1.000 18.844 ? 145 ASP AAA OD2 1 ? 
ATOM   928  N  N   A ILE A 1 107 ? -15.102 0.689   3.687   0.500 13.018 ? 146 ILE AAA N   1 ? 
ATOM   929  N  N   B ILE A 1 107 ? -15.158 0.701   3.657   0.500 12.963 ? 146 ILE AAA N   1 ? 
ATOM   930  C  CA  A ILE A 1 107 ? -13.666 0.559   3.454   0.500 12.745 ? 146 ILE AAA CA  1 ? 
ATOM   931  C  CA  B ILE A 1 107 ? -13.764 0.461   3.306   0.500 12.814 ? 146 ILE AAA CA  1 ? 
ATOM   932  C  C   A ILE A 1 107 ? -13.103 1.873   2.894   0.500 12.374 ? 146 ILE AAA C   1 ? 
ATOM   933  C  C   B ILE A 1 107 ? -13.123 1.753   2.783   0.500 12.428 ? 146 ILE AAA C   1 ? 
ATOM   934  O  O   A ILE A 1 107 ? -11.954 2.231   3.166   0.500 11.280 ? 146 ILE AAA O   1 ? 
ATOM   935  O  O   B ILE A 1 107 ? -11.936 1.973   2.986   0.500 12.047 ? 146 ILE AAA O   1 ? 
ATOM   936  C  CB  A ILE A 1 107 ? -13.313 -0.656  2.574   0.500 13.799 ? 146 ILE AAA CB  1 ? 
ATOM   937  C  CB  B ILE A 1 107 ? -13.643 -0.687  2.290   0.500 13.532 ? 146 ILE AAA CB  1 ? 
ATOM   938  C  CG1 A ILE A 1 107 ? -11.817 -0.971  2.640   0.500 14.219 ? 146 ILE AAA CG1 1 ? 
ATOM   939  C  CG1 B ILE A 1 107 ? -12.186 -1.129  2.137   0.500 13.866 ? 146 ILE AAA CG1 1 ? 
ATOM   940  C  CG2 A ILE A 1 107 ? -13.836 -0.520  1.148   0.500 13.680 ? 146 ILE AAA CG2 1 ? 
ATOM   941  C  CG2 B ILE A 1 107 ? -14.294 -0.314  0.968   0.500 13.038 ? 146 ILE AAA CG2 1 ? 
ATOM   942  C  CD1 A ILE A 1 107 ? -11.426 -2.267  1.994   0.500 15.695 ? 146 ILE AAA CD1 1 ? 
ATOM   943  C  CD1 B ILE A 1 107 ? -11.613 -1.776  3.382   0.500 14.282 ? 146 ILE AAA CD1 1 ? 
ATOM   944  N  N   . VAL A 1 108 ? -13.932 2.605   2.152   1.000 12.303 ? 147 VAL AAA N   1 ? 
ATOM   945  C  CA  . VAL A 1 108 ? -13.515 3.911   1.670   1.000 11.822 ? 147 VAL AAA CA  1 ? 
ATOM   946  C  C   . VAL A 1 108 ? -13.252 4.853   2.841   1.000 12.757 ? 147 VAL AAA C   1 ? 
ATOM   947  O  O   . VAL A 1 108 ? -12.274 5.587   2.854   1.000 12.286 ? 147 VAL AAA O   1 ? 
ATOM   948  C  CB  . VAL A 1 108 ? -14.518 4.505   0.657   1.000 11.631 ? 147 VAL AAA CB  1 ? 
ATOM   949  C  CG1 . VAL A 1 108 ? -14.163 5.941   0.279   1.000 12.428 ? 147 VAL AAA CG1 1 ? 
ATOM   950  C  CG2 . VAL A 1 108 ? -14.602 3.649   -0.605  1.000 12.801 ? 147 VAL AAA CG2 1 ? 
ATOM   951  N  N   . LEU A 1 109 ? -14.176 4.898   3.822   1.000 12.381 ? 148 LEU AAA N   1 ? 
ATOM   952  C  CA  . LEU A 1 109 ? -13.924 5.802   4.946   1.000 13.225 ? 148 LEU AAA CA  1 ? 
ATOM   953  C  C   . LEU A 1 109 ? -12.653 5.352   5.661   1.000 12.164 ? 148 LEU AAA C   1 ? 
ATOM   954  O  O   . LEU A 1 109 ? -11.907 6.188   6.199   1.000 13.023 ? 148 LEU AAA O   1 ? 
ATOM   955  C  CB  . LEU A 1 109 ? -15.126 5.664   5.892   1.000 15.437 ? 148 LEU AAA CB  1 ? 
ATOM   956  C  CG  . LEU A 1 109 ? -16.477 6.105   5.310   1.000 19.220 ? 148 LEU AAA CG  1 ? 
ATOM   957  C  CD1 . LEU A 1 109 ? -17.612 5.707   6.256   1.000 19.090 ? 148 LEU AAA CD1 1 ? 
ATOM   958  C  CD2 . LEU A 1 109 ? -16.480 7.590   5.016   1.000 25.306 ? 148 LEU AAA CD2 1 ? 
ATOM   959  N  N   . MET A 1 110 ? -12.409 4.029   5.734   1.000 12.459 ? 149 MET AAA N   1 ? 
ATOM   960  C  CA  . MET A 1 110 ? -11.208 3.541   6.398   1.000 12.571 ? 149 MET AAA CA  1 ? 
ATOM   961  C  C   . MET A 1 110 ? -9.960  3.988   5.637   1.000 11.512 ? 149 MET AAA C   1 ? 
ATOM   962  O  O   . MET A 1 110 ? -9.025  4.527   6.226   1.000 12.479 ? 149 MET AAA O   1 ? 
ATOM   963  C  CB  . MET A 1 110 ? -11.231 2.015   6.524   1.000 12.954 ? 149 MET AAA CB  1 ? 
ATOM   964  C  CG  . MET A 1 110 ? -12.359 1.599   7.497   1.000 13.988 ? 149 MET AAA CG  1 ? 
ATOM   965  S  SD  . MET A 1 110 ? -12.748 -0.173  7.372   1.000 17.040 ? 149 MET AAA SD  1 ? 
ATOM   966  C  CE  . MET A 1 110 ? -11.491 -0.744  8.483   1.000 17.648 ? 149 MET AAA CE  1 ? 
ATOM   967  N  N   . ALA A 1 111 ? -9.986  3.799   4.306   1.000 12.064 ? 150 ALA AAA N   1 ? 
ATOM   968  C  CA  . ALA A 1 111 ? -8.852  4.265   3.502   1.000 10.868 ? 150 ALA AAA CA  1 ? 
ATOM   969  C  C   . ALA A 1 111 ? -8.664  5.780   3.638   1.000 12.553 ? 150 ALA AAA C   1 ? 
ATOM   970  O  O   . ALA A 1 111 ? -7.512  6.236   3.719   1.000 12.770 ? 150 ALA AAA O   1 ? 
ATOM   971  C  CB  . ALA A 1 111 ? -9.059  3.925   2.020   1.000 12.621 ? 150 ALA AAA CB  1 ? 
ATOM   972  N  N   . GLU A 1 112 ? -9.753  6.545   3.661   1.000 12.570 ? 151 GLU AAA N   1 ? 
ATOM   973  C  CA  . GLU A 1 112 ? -9.597  7.987   3.781   1.000 13.288 ? 151 GLU AAA CA  1 ? 
ATOM   974  C  C   . GLU A 1 112 ? -8.927  8.397   5.087   1.000 13.144 ? 151 GLU AAA C   1 ? 
ATOM   975  O  O   . GLU A 1 112 ? -8.165  9.363   5.125   1.000 13.985 ? 151 GLU AAA O   1 ? 
ATOM   976  C  CB  . GLU A 1 112 ? -10.935 8.699   3.660   1.000 13.603 ? 151 GLU AAA CB  1 ? 
ATOM   977  C  CG  . GLU A 1 112 ? -11.460 8.609   2.236   1.000 17.116 ? 151 GLU AAA CG  1 ? 
ATOM   978  C  CD  . GLU A 1 112 ? -12.858 9.129   1.995   1.000 19.383 ? 151 GLU AAA CD  1 ? 
ATOM   979  O  OE1 . GLU A 1 112 ? -13.607 9.215   2.964   1.000 23.582 ? 151 GLU AAA OE1 1 ? 
ATOM   980  O  OE2 . GLU A 1 112 ? -13.138 9.501   0.851   1.000 26.475 ? 151 GLU AAA OE2 1 ? 
ATOM   981  N  N   . ALA A 1 113 ? -9.254  7.707   6.190   1.000 13.424 ? 152 ALA AAA N   1 ? 
ATOM   982  C  CA  . ALA A 1 113 ? -8.579  7.984   7.456   1.000 12.764 ? 152 ALA AAA CA  1 ? 
ATOM   983  C  C   . ALA A 1 113 ? -7.073  7.713   7.352   1.000 13.479 ? 152 ALA AAA C   1 ? 
ATOM   984  O  O   . ALA A 1 113 ? -6.253  8.527   7.833   1.000 14.102 ? 152 ALA AAA O   1 ? 
ATOM   985  C  CB  . ALA A 1 113 ? -9.241  7.206   8.576   1.000 13.965 ? 152 ALA AAA CB  1 ? 
ATOM   986  N  N   . LEU A 1 114 ? -6.689  6.584   6.740   1.000 12.206 ? 153 LEU AAA N   1 ? 
ATOM   987  C  CA  . LEU A 1 114 ? -5.259  6.316   6.601   1.000 12.640 ? 153 LEU AAA CA  1 ? 
ATOM   988  C  C   . LEU A 1 114 ? -4.606  7.329   5.672   1.000 12.540 ? 153 LEU AAA C   1 ? 
ATOM   989  O  O   . LEU A 1 114 ? -3.467  7.717   5.937   1.000 12.360 ? 153 LEU AAA O   1 ? 
ATOM   990  C  CB  . LEU A 1 114 ? -5.032  4.889   6.050   1.000 14.409 ? 153 LEU AAA CB  1 ? 
ATOM   991  C  CG  . LEU A 1 114 ? -5.620  3.768   6.907   1.000 19.356 ? 153 LEU AAA CG  1 ? 
ATOM   992  C  CD1 . LEU A 1 114 ? -5.447  2.449   6.183   1.000 23.297 ? 153 LEU AAA CD1 1 ? 
ATOM   993  C  CD2 . LEU A 1 114 ? -5.050  3.723   8.295   1.000 22.879 ? 153 LEU AAA CD2 1 ? 
ATOM   994  N  N   . GLU A 1 115 ? -5.315  7.714   4.611   1.000 12.057 ? 154 GLU AAA N   1 ? 
ATOM   995  C  CA  . GLU A 1 115 ? -4.745  8.673   3.672   1.000 13.644 ? 154 GLU AAA CA  1 ? 
ATOM   996  C  C   . GLU A 1 115 ? -4.493  10.028  4.341   1.000 13.071 ? 154 GLU AAA C   1 ? 
ATOM   997  O  O   . GLU A 1 115 ? -3.505  10.684  4.045   1.000 13.032 ? 154 GLU AAA O   1 ? 
ATOM   998  C  CB  . GLU A 1 115 ? -5.605  8.783   2.438   1.000 13.385 ? 154 GLU AAA CB  1 ? 
ATOM   999  C  CG  . GLU A 1 115 ? -4.883  9.621   1.389   1.000 14.242 ? 154 GLU AAA CG  1 ? 
ATOM   1000 C  CD  . GLU A 1 115 ? -5.686  9.803   0.128   1.000 17.384 ? 154 GLU AAA CD  1 ? 
ATOM   1001 O  OE1 . GLU A 1 115 ? -6.927  9.666   0.148   1.000 18.541 ? 154 GLU AAA OE1 1 ? 
ATOM   1002 O  OE2 . GLU A 1 115 ? -4.995  10.130  -0.893  1.000 24.415 ? 154 GLU AAA OE2 1 ? 
ATOM   1003 N  N   . LYS A 1 116 ? -5.408  10.453  5.221   1.000 12.288 ? 155 LYS AAA N   1 ? 
ATOM   1004 C  CA  . LYS A 1 116 ? -5.230  11.749  5.855   1.000 13.017 ? 155 LYS AAA CA  1 ? 
ATOM   1005 C  C   . LYS A 1 116 ? -3.953  11.708  6.693   1.000 13.007 ? 155 LYS AAA C   1 ? 
ATOM   1006 O  O   . LYS A 1 116 ? -3.150  12.668  6.716   1.000 13.777 ? 155 LYS AAA O   1 ? 
ATOM   1007 C  CB  . LYS A 1 116 ? -6.469  11.995  6.731   1.000 15.274 ? 155 LYS AAA CB  1 ? 
ATOM   1008 C  CG  . LYS A 1 116 ? -6.357  13.299  7.504   1.000 17.884 ? 155 LYS AAA CG  1 ? 
ATOM   1009 C  CD  . LYS A 1 116 ? -7.637  13.512  8.297   1.000 22.234 ? 155 LYS AAA CD  1 ? 
ATOM   1010 C  CE  . LYS A 1 116 ? -7.626  14.762  9.149   1.000 25.597 ? 155 LYS AAA CE  1 ? 
ATOM   1011 N  NZ  . LYS A 1 116 ? -7.725  15.930  8.261   1.000 31.054 ? 155 LYS AAA NZ  1 ? 
ATOM   1012 N  N   . LEU A 1 117 ? -3.715  10.591  7.399   1.000 12.763 ? 156 LEU AAA N   1 ? 
ATOM   1013 C  CA  . LEU A 1 117 ? -2.518  10.494  8.224   1.000 14.040 ? 156 LEU AAA CA  1 ? 
ATOM   1014 C  C   . LEU A 1 117 ? -1.312  10.461  7.304   1.000 13.512 ? 156 LEU AAA C   1 ? 
ATOM   1015 O  O   . LEU A 1 117 ? -0.265  11.047  7.602   1.000 13.706 ? 156 LEU AAA O   1 ? 
ATOM   1016 C  CB  . LEU A 1 117 ? -2.567  9.230   9.099   1.000 16.956 ? 156 LEU AAA CB  1 ? 
ATOM   1017 C  CG  . LEU A 1 117 ? -3.505  9.256   10.297  1.000 24.700 ? 156 LEU AAA CG  1 ? 
ATOM   1018 C  CD1 . LEU A 1 117 ? -3.466  7.888   10.957  1.000 27.221 ? 156 LEU AAA CD1 1 ? 
ATOM   1019 C  CD2 . LEU A 1 117 ? -3.084  10.328  11.297  1.000 29.513 ? 156 LEU AAA CD2 1 ? 
ATOM   1020 N  N   . PHE A 1 118 ? -1.434  9.640   6.249   1.000 12.543 ? 157 PHE AAA N   1 ? 
ATOM   1021 C  CA  . PHE A 1 118 ? -0.327  9.542   5.290   1.000 12.397 ? 157 PHE AAA CA  1 ? 
ATOM   1022 C  C   . PHE A 1 118 ? 0.127   10.921  4.790   1.000 13.379 ? 157 PHE AAA C   1 ? 
ATOM   1023 O  O   . PHE A 1 118 ? 1.334   11.187  4.731   1.000 12.926 ? 157 PHE AAA O   1 ? 
ATOM   1024 C  CB  . PHE A 1 118 ? -0.758  8.623   4.134   1.000 13.276 ? 157 PHE AAA CB  1 ? 
ATOM   1025 C  CG  . PHE A 1 118 ? 0.281   8.475   3.038   1.000 12.253 ? 157 PHE AAA CG  1 ? 
ATOM   1026 C  CD1 . PHE A 1 118 ? 1.384   7.659   3.216   1.000 13.715 ? 157 PHE AAA CD1 1 ? 
ATOM   1027 C  CD2 . PHE A 1 118 ? 0.142   9.194   1.859   1.000 16.461 ? 157 PHE AAA CD2 1 ? 
ATOM   1028 C  CE1 . PHE A 1 118 ? 2.335   7.519   2.205   1.000 15.329 ? 157 PHE AAA CE1 1 ? 
ATOM   1029 C  CE2 . PHE A 1 118 ? 1.088   9.029   0.845   1.000 18.867 ? 157 PHE AAA CE2 1 ? 
ATOM   1030 C  CZ  . PHE A 1 118 ? 2.166   8.192   1.032   1.000 18.330 ? 157 PHE AAA CZ  1 ? 
ATOM   1031 N  N   . LEU A 1 119 ? -0.808  11.765  4.360   1.000 13.906 ? 158 LEU AAA N   1 ? 
ATOM   1032 C  CA  . LEU A 1 119 ? -0.493  13.070  3.776   1.000 15.084 ? 158 LEU AAA CA  1 ? 
ATOM   1033 C  C   . LEU A 1 119 ? 0.200   13.945  4.830   1.000 16.743 ? 158 LEU AAA C   1 ? 
ATOM   1034 O  O   . LEU A 1 119 ? 1.204   14.608  4.507   1.000 15.913 ? 158 LEU AAA O   1 ? 
ATOM   1035 C  CB  . LEU A 1 119 ? -1.780  13.724  3.261   1.000 18.529 ? 158 LEU AAA CB  1 ? 
ATOM   1036 C  CG  . LEU A 1 119 ? -1.657  15.131  2.662   1.000 27.007 ? 158 LEU AAA CG  1 ? 
ATOM   1037 C  CD1 . LEU A 1 119 ? -0.538  15.187  1.639   1.000 29.923 ? 158 LEU AAA CD1 1 ? 
ATOM   1038 C  CD2 . LEU A 1 119 ? -2.979  15.547  2.016   1.000 27.113 ? 158 LEU AAA CD2 1 ? 
ATOM   1039 N  N   . GLN A 1 120 ? -0.262  13.871  6.091   1.000 16.041 ? 159 GLN AAA N   1 ? 
ATOM   1040 C  CA  . GLN A 1 120 ? 0.370   14.642  7.167   1.000 18.363 ? 159 GLN AAA CA  1 ? 
ATOM   1041 C  C   . GLN A 1 120 ? 1.839   14.228  7.252   1.000 18.156 ? 159 GLN AAA C   1 ? 
ATOM   1042 O  O   . GLN A 1 120 ? 2.742   15.058  7.319   1.000 18.797 ? 159 GLN AAA O   1 ? 
ATOM   1043 C  CB  . GLN A 1 120 ? -0.230  14.299  8.533   1.000 20.038 ? 159 GLN AAA CB  1 ? 
ATOM   1044 C  CG  . GLN A 1 120 ? -1.649  14.747  8.846   1.000 27.922 ? 159 GLN AAA CG  1 ? 
ATOM   1045 C  CD  . GLN A 1 120 ? -2.118  14.190  10.175  0.500 29.500 ? 159 GLN AAA CD  1 ? 
ATOM   1046 O  OE1 . GLN A 1 120 ? -1.325  13.776  11.030  0.500 31.532 ? 159 GLN AAA OE1 1 ? 
ATOM   1047 N  NE2 . GLN A 1 120 ? -3.427  14.165  10.367  0.500 29.198 ? 159 GLN AAA NE2 1 ? 
ATOM   1048 N  N   . LYS A 1 121 ? 2.112   12.913  7.271   1.000 15.319 ? 160 LYS AAA N   1 ? 
ATOM   1049 C  CA  . LYS A 1 121 ? 3.477   12.442  7.437   1.000 16.328 ? 160 LYS AAA CA  1 ? 
ATOM   1050 C  C   . LYS A 1 121 ? 4.324   12.718  6.219   1.000 19.058 ? 160 LYS AAA C   1 ? 
ATOM   1051 O  O   . LYS A 1 121 ? 5.512   12.980  6.364   1.000 17.728 ? 160 LYS AAA O   1 ? 
ATOM   1052 C  CB  . LYS A 1 121 ? 3.497   10.934  7.709   1.000 18.451 ? 160 LYS AAA CB  1 ? 
ATOM   1053 C  CG  . LYS A 1 121 ? 2.825   10.453  8.968   1.000 21.022 ? 160 LYS AAA CG  1 ? 
ATOM   1054 C  CD  . LYS A 1 121 ? 3.315   11.264  10.124  1.000 24.939 ? 160 LYS AAA CD  1 ? 
ATOM   1055 C  CE  . LYS A 1 121 ? 3.003   10.614  11.442  1.000 26.603 ? 160 LYS AAA CE  1 ? 
ATOM   1056 N  NZ  . LYS A 1 121 ? 3.175   11.627  12.507  1.000 28.484 ? 160 LYS AAA NZ  1 ? 
ATOM   1057 N  N   . ILE A 1 122 ? 3.760   12.628  5.021   1.000 15.952 ? 161 ILE AAA N   1 ? 
ATOM   1058 C  CA  . ILE A 1 122 ? 4.565   12.844  3.823   1.000 16.918 ? 161 ILE AAA CA  1 ? 
ATOM   1059 C  C   . ILE A 1 122 ? 4.907   14.329  3.624   1.000 17.451 ? 161 ILE AAA C   1 ? 
ATOM   1060 O  O   . ILE A 1 122 ? 5.963   14.647  3.079   1.000 17.396 ? 161 ILE AAA O   1 ? 
ATOM   1061 C  CB  . ILE A 1 122 ? 3.907   12.175  2.610   1.000 19.792 ? 161 ILE AAA CB  1 ? 
ATOM   1062 C  CG1 . ILE A 1 122 ? 4.937   11.436  1.768   1.000 25.884 ? 161 ILE AAA CG1 1 ? 
ATOM   1063 C  CG2 . ILE A 1 122 ? 2.972   13.044  1.822   1.000 22.533 ? 161 ILE AAA CG2 1 ? 
ATOM   1064 C  CD1 . ILE A 1 122 ? 5.352   10.147  2.430   1.000 23.859 ? 161 ILE AAA CD1 1 ? 
ATOM   1065 N  N   . ASN A 1 123 ? 4.044   15.230  4.114   1.000 16.658 ? 162 ASN AAA N   1 ? 
ATOM   1066 C  CA  . ASN A 1 123 ? 4.408   16.644  4.118   1.000 17.740 ? 162 ASN AAA CA  1 ? 
ATOM   1067 C  C   . ASN A 1 123 ? 5.698   16.888  4.903   1.000 18.752 ? 162 ASN AAA C   1 ? 
ATOM   1068 O  O   . ASN A 1 123 ? 6.387   17.873  4.603   1.000 19.690 ? 162 ASN AAA O   1 ? 
ATOM   1069 C  CB  . ASN A 1 123 ? 3.250   17.508  4.617   1.000 20.059 ? 162 ASN AAA CB  1 ? 
ATOM   1070 C  CG  . ASN A 1 123 ? 2.123   17.591  3.612   1.000 20.064 ? 162 ASN AAA CG  1 ? 
ATOM   1071 O  OD1 . ASN A 1 123 ? 2.296   17.414  2.404   1.000 23.730 ? 162 ASN AAA OD1 1 ? 
ATOM   1072 N  ND2 . ASN A 1 123 ? 0.938   17.909  4.110   1.000 22.971 ? 162 ASN AAA ND2 1 ? 
ATOM   1073 N  N   . GLU A 1 124 ? 6.012   16.021  5.870   1.000 17.548 ? 163 GLU AAA N   1 ? 
ATOM   1074 C  CA  . GLU A 1 124 ? 7.190   16.116  6.723   1.000 18.598 ? 163 GLU AAA CA  1 ? 
ATOM   1075 C  C   . GLU A 1 124 ? 8.327   15.192  6.276   1.000 17.960 ? 163 GLU AAA C   1 ? 
ATOM   1076 O  O   . GLU A 1 124 ? 9.313   15.044  6.997   1.000 19.510 ? 163 GLU AAA O   1 ? 
ATOM   1077 C  CB  . GLU A 1 124 ? 6.839   15.909  8.203   1.000 21.562 ? 163 GLU AAA CB  1 ? 
ATOM   1078 C  CG  . GLU A 1 124 ? 6.023   17.075  8.794   1.000 21.218 ? 163 GLU AAA CG  1 ? 
ATOM   1079 C  CD  . GLU A 1 124 ? 6.773   18.371  9.077   1.000 24.746 ? 163 GLU AAA CD  1 ? 
ATOM   1080 O  OE1 . GLU A 1 124 ? 7.940   18.479  8.712   1.000 25.467 ? 163 GLU AAA OE1 1 ? 
ATOM   1081 O  OE2 . GLU A 1 124 ? 6.160   19.291  9.673   1.000 28.232 ? 163 GLU AAA OE2 1 ? 
ATOM   1082 N  N   . LEU A 1 125 ? 8.173   14.560  5.106   1.000 15.459 ? 164 LEU AAA N   1 ? 
ATOM   1083 C  CA  . LEU A 1 125 ? 9.248   13.705  4.610   1.000 15.946 ? 164 LEU AAA CA  1 ? 
ATOM   1084 C  C   . LEU A 1 125 ? 10.528  14.536  4.644   1.000 16.604 ? 164 LEU AAA C   1 ? 
ATOM   1085 O  O   . LEU A 1 125 ? 10.585  15.620  4.065   1.000 15.811 ? 164 LEU AAA O   1 ? 
ATOM   1086 C  CB  . LEU A 1 125 ? 8.896   13.312  3.175   1.000 16.327 ? 164 LEU AAA CB  1 ? 
ATOM   1087 C  CG  . LEU A 1 125 ? 9.865   12.344  2.501   1.000 15.052 ? 164 LEU AAA CG  1 ? 
ATOM   1088 C  CD1 . LEU A 1 125 ? 9.681   10.948  3.123   1.000 17.846 ? 164 LEU AAA CD1 1 ? 
ATOM   1089 C  CD2 . LEU A 1 125 ? 9.685   12.321  0.986   1.000 17.590 ? 164 LEU AAA CD2 1 ? 
ATOM   1090 N  N   . PRO A 1 126 ? 11.604  14.030  5.276   1.000 17.216 ? 165 PRO AAA N   1 ? 
ATOM   1091 C  CA  . PRO A 1 126 ? 12.833  14.804  5.394   1.000 17.634 ? 165 PRO AAA CA  1 ? 
ATOM   1092 C  C   . PRO A 1 126 ? 13.526  15.083  4.078   1.000 15.996 ? 165 PRO AAA C   1 ? 
ATOM   1093 O  O   . PRO A 1 126 ? 13.511  14.294  3.127   1.000 16.050 ? 165 PRO AAA O   1 ? 
ATOM   1094 C  CB  . PRO A 1 126 ? 13.753  13.944  6.254   1.000 19.742 ? 165 PRO AAA CB  1 ? 
ATOM   1095 C  CG  . PRO A 1 126 ? 13.223  12.545  6.050   1.000 23.873 ? 165 PRO AAA CG  1 ? 
ATOM   1096 C  CD  . PRO A 1 126 ? 11.709  12.718  5.953   1.000 19.341 ? 165 PRO AAA CD  1 ? 
ATOM   1097 N  N   . THR A 1 127 ? 14.241  16.216  4.071   1.000 17.397 ? 166 THR AAA N   1 ? 
ATOM   1098 C  CA  . THR A 1 127 ? 15.110  16.483  2.941   1.000 17.962 ? 166 THR AAA CA  1 ? 
ATOM   1099 C  C   . THR A 1 127 ? 16.064  15.297  2.766   1.000 18.908 ? 166 THR AAA C   1 ? 
ATOM   1100 O  O   . THR A 1 127 ? 16.573  14.784  3.756   1.000 19.381 ? 166 THR AAA O   1 ? 
ATOM   1101 C  CB  . THR A 1 127 ? 15.944  17.733  3.258   1.000 19.076 ? 166 THR AAA CB  1 ? 
ATOM   1102 O  OG1 . THR A 1 127 ? 15.019  18.744  3.649   1.000 21.994 ? 166 THR AAA OG1 1 ? 
ATOM   1103 C  CG2 . THR A 1 127 ? 16.766  18.183  2.075   1.000 21.769 ? 166 THR AAA CG2 1 ? 
ATOM   1104 N  N   . GLU A 1 128 ? 16.248  14.868  1.510   1.000 20.796 ? 167 GLU AAA N   1 ? 
ATOM   1105 C  CA  . GLU A 1 128 ? 17.171  13.772  1.222   1.000 23.992 ? 167 GLU AAA CA  1 ? 
ATOM   1106 C  C   . GLU A 1 128 ? 18.606  14.159  1.591   1.000 29.316 ? 167 GLU AAA C   1 ? 
ATOM   1107 O  O   . GLU A 1 128 ? 19.088  15.215  1.195   1.000 29.316 ? 167 GLU AAA O   1 ? 
ATOM   1108 C  CB  . GLU A 1 128 ? 17.119  13.371  -0.251  1.000 25.724 ? 167 GLU AAA CB  1 ? 
ATOM   1109 C  CG  . GLU A 1 128 ? 17.977  12.152  -0.552  1.000 32.007 ? 167 GLU AAA CG  1 ? 
ATOM   1110 C  CD  . GLU A 1 128 ? 17.817  11.595  -1.952  1.000 32.816 ? 167 GLU AAA CD  1 ? 
ATOM   1111 O  OE1 . GLU A 1 128 ? 17.239  12.307  -2.790  1.000 35.699 ? 167 GLU AAA OE1 1 ? 
ATOM   1112 O  OE2 . GLU A 1 128 ? 18.283  10.471  -2.207  1.000 36.272 ? 167 GLU AAA OE2 1 ? 
ATOM   1113 N  N   . GLU A 1 129 ? 19.295  13.295  2.344   1.000 28.326 ? 168 GLU AAA N   1 ? 
ATOM   1114 C  CA  . GLU A 1 129 ? 20.653  13.638  2.739   1.000 32.329 ? 168 GLU AAA CA  1 ? 
ATOM   1115 C  C   . GLU A 1 129 ? 21.596  12.514  2.302   1.000 42.624 ? 168 GLU AAA C   1 ? 
ATOM   1116 O  O   . GLU A 1 129 ? 21.194  11.520  1.672   1.000 44.381 ? 168 GLU AAA O   1 ? 
ATOM   1117 C  CB  . GLU A 1 129 ? 20.686  14.082  4.208   1.000 39.322 ? 168 GLU AAA CB  1 ? 
ATOM   1118 C  CG  . GLU A 1 129 ? 21.161  13.006  5.163   1.000 45.124 ? 168 GLU AAA CG  1 ? 
ATOM   1119 C  CD  . GLU A 1 129 ? 20.305  12.812  6.399   1.000 48.706 ? 168 GLU AAA CD  1 ? 
ATOM   1120 O  OE1 . GLU A 1 129 ? 19.611  13.784  6.813   1.000 52.132 ? 168 GLU AAA OE1 1 ? 
ATOM   1121 O  OE2 . GLU A 1 129 ? 20.330  11.683  6.942   1.000 50.279 ? 168 GLU AAA OE2 1 ? 
ATOM   1122 O  OXT . GLU A 1 129 ? 22.786  12.618  2.549   1.000 41.273 ? 168 GLU AAA OXT 1 ? 
HETATM 1123 C  C4  A UUJ B 2 .   ? -11.636 -5.676  1.557   0.500 24.802 ? 201 UUJ AAA C4  1 ? 
HETATM 1124 C  C4  B UUJ B 2 .   ? -14.014 -6.622  4.493   0.500 26.608 ? 201 UUJ AAA C4  1 ? 
HETATM 1125 C  C5  A UUJ B 2 .   ? -12.960 -6.081  1.527   0.500 26.646 ? 201 UUJ AAA C5  1 ? 
HETATM 1126 C  C5  B UUJ B 2 .   ? -15.106 -6.894  3.693   0.500 27.367 ? 201 UUJ AAA C5  1 ? 
HETATM 1127 C  C6  A UUJ B 2 .   ? -13.810 -5.594  0.558   0.500 25.295 ? 201 UUJ AAA C6  1 ? 
HETATM 1128 C  C6  B UUJ B 2 .   ? -16.031 -5.900  3.448   0.500 27.186 ? 201 UUJ AAA C6  1 ? 
HETATM 1129 N  N   A UUJ B 2 .   ? -11.368 -2.548  -1.952  0.500 14.771 ? 201 UUJ AAA N   1 ? 
HETATM 1130 N  N   B UUJ B 2 .   ? -14.408 -2.280  5.918   0.500 14.698 ? 201 UUJ AAA N   1 ? 
HETATM 1131 C  C   A UUJ B 2 .   ? -13.357 -4.697  -0.389  0.500 22.850 ? 201 UUJ AAA C   1 ? 
HETATM 1132 C  C   B UUJ B 2 .   ? -15.840 -4.635  3.978   0.500 24.429 ? 201 UUJ AAA C   1 ? 
HETATM 1133 O  O   A UUJ B 2 .   ? -14.211 -4.219  -1.325  0.500 18.054 ? 201 UUJ AAA O   1 ? 
HETATM 1134 O  O   B UUJ B 2 .   ? -16.757 -3.672  3.791   0.500 26.874 ? 201 UUJ AAA O   1 ? 
HETATM 1135 C  C1  A UUJ B 2 .   ? -12.015 -4.312  -0.356  0.500 21.309 ? 201 UUJ AAA C1  1 ? 
HETATM 1136 C  C1  B UUJ B 2 .   ? -14.714 -4.388  4.766   0.500 21.325 ? 201 UUJ AAA C1  1 ? 
HETATM 1137 C  C2  A UUJ B 2 .   ? -11.599 -3.328  -1.291  0.500 19.351 ? 201 UUJ AAA C2  1 ? 
HETATM 1138 C  C2  B UUJ B 2 .   ? -14.547 -3.136  5.408   0.500 15.726 ? 201 UUJ AAA C2  1 ? 
HETATM 1139 C  C3  A UUJ B 2 .   ? -11.164 -4.799  0.630   0.500 23.633 ? 201 UUJ AAA C3  1 ? 
HETATM 1140 C  C3  B UUJ B 2 .   ? -13.817 -5.403  5.023   0.500 25.010 ? 201 UUJ AAA C3  1 ? 
HETATM 1141 BR BR  A UUJ B 2 .   ? -10.482 -6.390  2.883   0.500 22.050 ? 201 UUJ AAA BR  1 ? 
HETATM 1142 BR BR  B UUJ B 2 .   ? -12.744 -7.967  4.914   0.500 34.000 ? 201 UUJ AAA BR  1 ? 
HETATM 1143 C  C4  . UUJ C 2 .   ? 6.177   -1.188  11.880  1.000 66.894 ? 202 UUJ AAA C4  1 ? 
HETATM 1144 C  C5  . UUJ C 2 .   ? 5.875   -1.617  13.157  1.000 65.648 ? 202 UUJ AAA C5  1 ? 
HETATM 1145 C  C6  . UUJ C 2 .   ? 6.784   -1.421  14.171  1.000 68.444 ? 202 UUJ AAA C6  1 ? 
HETATM 1146 N  N   . UUJ C 2 .   ? 10.691  0.465   11.842  1.000 64.338 ? 202 UUJ AAA N   1 ? 
HETATM 1147 C  C   . UUJ C 2 .   ? 7.998   -0.794  13.918  1.000 72.339 ? 202 UUJ AAA C   1 ? 
HETATM 1148 O  O   . UUJ C 2 .   ? 8.867   -0.621  14.943  1.000 73.369 ? 202 UUJ AAA O   1 ? 
HETATM 1149 C  C1  . UUJ C 2 .   ? 8.305   -0.351  12.614  1.000 69.763 ? 202 UUJ AAA C1  1 ? 
HETATM 1150 C  C2  . UUJ C 2 .   ? 9.572   0.283   12.352  1.000 64.171 ? 202 UUJ AAA C2  1 ? 
HETATM 1151 C  C3  . UUJ C 2 .   ? 7.380   -0.559  11.592  1.000 65.167 ? 202 UUJ AAA C3  1 ? 
HETATM 1152 BR BR  . UUJ C 2 .   ? 4.909   -1.469  10.494  1.000 62.314 ? 202 UUJ AAA BR  1 ? 
HETATM 1153 C  C1  . GOL D 3 .   ? -6.780  0.058   -12.077 1.000 29.309 ? 203 GOL AAA C1  1 ? 
HETATM 1154 O  O1  . GOL D 3 .   ? -6.274  -1.044  -12.824 1.000 28.088 ? 203 GOL AAA O1  1 ? 
HETATM 1155 C  C2  . GOL D 3 .   ? -6.431  0.024   -10.603 1.000 33.636 ? 203 GOL AAA C2  1 ? 
HETATM 1156 O  O2  . GOL D 3 .   ? -5.385  -0.877  -10.222 1.000 22.573 ? 203 GOL AAA O2  1 ? 
HETATM 1157 C  C3  . GOL D 3 .   ? -6.280  1.396   -9.982  1.000 32.832 ? 203 GOL AAA C3  1 ? 
HETATM 1158 O  O3  . GOL D 3 .   ? -5.730  1.337   -8.669  1.000 35.481 ? 203 GOL AAA O3  1 ? 
HETATM 1159 O  O   . HOH E 4 .   ? -0.445  6.738   16.205  1.000 34.616 ? 301 HOH AAA O   1 ? 
HETATM 1160 O  O   . HOH E 4 .   ? 1.197   8.395   -7.681  1.000 37.450 ? 302 HOH AAA O   1 ? 
HETATM 1161 O  O   . HOH E 4 .   ? -9.145  -1.896  -2.693  1.000 20.059 ? 303 HOH AAA O   1 ? 
HETATM 1162 O  O   . HOH E 4 .   ? -10.698 5.966   17.655  1.000 29.143 ? 304 HOH AAA O   1 ? 
HETATM 1163 O  O   . HOH E 4 .   ? -17.769 -4.341  -8.888  1.000 27.808 ? 305 HOH AAA O   1 ? 
HETATM 1164 O  O   . HOH E 4 .   ? -13.735 10.319  5.202   1.000 31.606 ? 306 HOH AAA O   1 ? 
HETATM 1165 O  O   . HOH E 4 .   ? 14.487  -9.559  -13.422 1.000 37.938 ? 307 HOH AAA O   1 ? 
HETATM 1166 O  O   . HOH E 4 .   ? -19.355 -0.609  -3.300  1.000 29.017 ? 308 HOH AAA O   1 ? 
HETATM 1167 O  O   . HOH E 4 .   ? -15.670 -16.609 1.982   1.000 30.155 ? 309 HOH AAA O   1 ? 
HETATM 1168 O  O   . HOH E 4 .   ? -4.078  -0.433  -14.011 1.000 40.727 ? 310 HOH AAA O   1 ? 
HETATM 1169 O  O   . HOH E 4 .   ? 11.050  3.375   -10.467 1.000 28.811 ? 311 HOH AAA O   1 ? 
HETATM 1170 O  O   . HOH E 4 .   ? -16.950 -1.343  2.715   1.000 18.213 ? 312 HOH AAA O   1 ? 
HETATM 1171 O  O   . HOH E 4 .   ? -20.276 3.871   5.477   1.000 31.157 ? 313 HOH AAA O   1 ? 
HETATM 1172 O  O   . HOH E 4 .   ? 12.719  12.082  -2.969  1.000 30.434 ? 314 HOH AAA O   1 ? 
HETATM 1173 O  O   . HOH E 4 .   ? 3.520   -8.864  -1.671  1.000 33.890 ? 315 HOH AAA O   1 ? 
HETATM 1174 O  O   . HOH E 4 .   ? 20.042  9.201   2.129   1.000 23.592 ? 316 HOH AAA O   1 ? 
HETATM 1175 O  O   . HOH E 4 .   ? 20.581  17.365  1.459   1.000 43.186 ? 317 HOH AAA O   1 ? 
HETATM 1176 O  O   . HOH E 4 .   ? -21.098 2.404   8.393   1.000 18.439 ? 318 HOH AAA O   1 ? 
HETATM 1177 O  O   . HOH E 4 .   ? -4.355  -11.819 1.260   1.000 21.998 ? 319 HOH AAA O   1 ? 
HETATM 1178 O  O   . HOH E 4 .   ? -5.651  -3.734  -3.905  1.000 18.736 ? 320 HOH AAA O   1 ? 
HETATM 1179 O  O   . HOH E 4 .   ? -17.135 -13.334 1.583   1.000 33.108 ? 321 HOH AAA O   1 ? 
HETATM 1180 O  O   . HOH E 4 .   ? -5.299  -2.924  -1.231  1.000 14.946 ? 322 HOH AAA O   1 ? 
HETATM 1181 O  O   . HOH E 4 .   ? -16.765 -4.947  -0.990  1.000 37.897 ? 323 HOH AAA O   1 ? 
HETATM 1182 O  O   . HOH E 4 .   ? -9.687  -13.324 -7.598  1.000 23.139 ? 324 HOH AAA O   1 ? 
HETATM 1183 O  O   . HOH E 4 .   ? -14.977 5.802   -4.154  1.000 20.096 ? 325 HOH AAA O   1 ? 
HETATM 1184 O  O   . HOH E 4 .   ? 6.902   13.666  10.716  1.000 25.927 ? 326 HOH AAA O   1 ? 
HETATM 1185 O  O   . HOH E 4 .   ? -11.850 8.920   -1.450  1.000 34.255 ? 327 HOH AAA O   1 ? 
HETATM 1186 O  O   . HOH E 4 .   ? 6.600   1.313   -6.781  1.000 18.875 ? 328 HOH AAA O   1 ? 
HETATM 1187 O  O   . HOH E 4 .   ? -17.848 -9.261  -7.977  1.000 32.673 ? 329 HOH AAA O   1 ? 
HETATM 1188 O  O   . HOH E 4 .   ? 1.493   -9.303  2.737   1.000 34.629 ? 330 HOH AAA O   1 ? 
HETATM 1189 O  O   . HOH E 4 .   ? -1.971  -17.411 -7.705  1.000 21.804 ? 331 HOH AAA O   1 ? 
HETATM 1190 O  O   . HOH E 4 .   ? 0.467   -4.773  -8.602  1.000 25.395 ? 332 HOH AAA O   1 ? 
HETATM 1191 O  O   . HOH E 4 .   ? -0.927  -8.781  -7.208  1.000 15.954 ? 333 HOH AAA O   1 ? 
HETATM 1192 O  O   . HOH E 4 .   ? -4.709  -8.032  8.938   1.000 22.665 ? 334 HOH AAA O   1 ? 
HETATM 1193 O  O   . HOH E 4 .   ? 20.219  9.262   -0.717  1.000 35.070 ? 335 HOH AAA O   1 ? 
HETATM 1194 O  O   . HOH E 4 .   ? -7.752  8.722   11.952  1.000 37.742 ? 336 HOH AAA O   1 ? 
HETATM 1195 O  O   . HOH E 4 .   ? 5.011   -12.339 -6.783  1.000 27.404 ? 337 HOH AAA O   1 ? 
HETATM 1196 O  O   . HOH E 4 .   ? -2.300  -10.437 7.254   1.000 32.535 ? 338 HOH AAA O   1 ? 
HETATM 1197 O  O   . HOH E 4 .   ? -1.010  -22.171 -1.516  1.000 32.941 ? 339 HOH AAA O   1 ? 
HETATM 1198 O  O   . HOH E 4 .   ? -6.641  -2.390  12.210  1.000 23.271 ? 340 HOH AAA O   1 ? 
HETATM 1199 O  O   . HOH E 4 .   ? -10.348 0.092   -13.175 1.000 39.376 ? 341 HOH AAA O   1 ? 
HETATM 1200 O  O   . HOH E 4 .   ? -9.506  -14.923 -10.982 1.000 26.121 ? 342 HOH AAA O   1 ? 
HETATM 1201 O  O   . HOH E 4 .   ? -17.061 -8.944  0.458   1.000 33.736 ? 343 HOH AAA O   1 ? 
HETATM 1202 O  O   . HOH E 4 .   ? -7.598  -1.139  -15.226 1.000 40.535 ? 344 HOH AAA O   1 ? 
HETATM 1203 O  O   . HOH E 4 .   ? -3.862  15.235  6.053   1.000 21.161 ? 345 HOH AAA O   1 ? 
HETATM 1204 O  O   . HOH E 4 .   ? -16.505 4.317   -7.107  1.000 32.332 ? 346 HOH AAA O   1 ? 
HETATM 1205 O  O   . HOH E 4 .   ? 2.336   1.152   -7.246  1.000 19.221 ? 347 HOH AAA O   1 ? 
HETATM 1206 O  O   . HOH E 4 .   ? -1.736  -15.000 -4.365  1.000 26.254 ? 348 HOH AAA O   1 ? 
HETATM 1207 O  O   . HOH E 4 .   ? -17.302 -1.638  -0.064  1.000 21.477 ? 349 HOH AAA O   1 ? 
HETATM 1208 O  O   . HOH E 4 .   ? 14.520  8.812   -1.418  1.000 16.508 ? 350 HOH AAA O   1 ? 
HETATM 1209 O  O   . HOH E 4 .   ? -2.369  -11.378 -4.394  1.000 17.054 ? 351 HOH AAA O   1 ? 
HETATM 1210 O  O   . HOH E 4 .   ? 0.125   -8.641  7.125   1.000 31.844 ? 352 HOH AAA O   1 ? 
HETATM 1211 O  O   . HOH E 4 .   ? 17.227  15.637  6.304   1.000 27.838 ? 353 HOH AAA O   1 ? 
HETATM 1212 O  O   . HOH E 4 .   ? -16.329 8.554   1.327   1.000 26.906 ? 354 HOH AAA O   1 ? 
HETATM 1213 O  O   . HOH E 4 .   ? 9.234   20.920  8.533   1.000 31.679 ? 355 HOH AAA O   1 ? 
HETATM 1214 O  O   . HOH E 4 .   ? -5.506  -4.647  0.932   1.000 14.886 ? 356 HOH AAA O   1 ? 
HETATM 1215 O  O   . HOH E 4 .   ? 5.924   -10.885 -3.047  1.000 28.531 ? 357 HOH AAA O   1 ? 
HETATM 1216 O  O   . HOH E 4 .   ? 14.358  0.732   -9.200  1.000 18.758 ? 358 HOH AAA O   1 ? 
HETATM 1217 O  O   . HOH E 4 .   ? -18.270 -3.126  6.481   1.000 26.552 ? 359 HOH AAA O   1 ? 
HETATM 1218 O  O   . HOH E 4 .   ? -0.724  -18.982 -3.726  1.000 31.309 ? 360 HOH AAA O   1 ? 
HETATM 1219 O  O   . HOH E 4 .   ? -4.846  -12.055 -3.230  1.000 16.483 ? 361 HOH AAA O   1 ? 
HETATM 1220 O  O   . HOH E 4 .   ? -1.807  -6.252  -3.423  1.000 14.522 ? 362 HOH AAA O   1 ? 
HETATM 1221 O  O   . HOH E 4 .   ? 2.600   -9.120  0.226   1.000 29.566 ? 363 HOH AAA O   1 ? 
HETATM 1222 O  O   . HOH E 4 .   ? 13.097  1.692   4.689   1.000 23.968 ? 364 HOH AAA O   1 ? 
HETATM 1223 O  O   . HOH E 4 .   ? 15.077  9.237   8.342   1.000 27.777 ? 365 HOH AAA O   1 ? 
HETATM 1224 O  O   . HOH E 4 .   ? -3.048  -1.132  16.545  1.000 33.528 ? 366 HOH AAA O   1 ? 
HETATM 1225 O  O   . HOH E 4 .   ? 3.156   0.048   13.920  1.000 34.325 ? 367 HOH AAA O   1 ? 
HETATM 1226 O  O   . HOH E 4 .   ? -12.449 -14.245 -10.666 1.000 26.690 ? 368 HOH AAA O   1 ? 
HETATM 1227 O  O   . HOH E 4 .   ? 4.127   -8.085  9.428   1.000 42.359 ? 369 HOH AAA O   1 ? 
HETATM 1228 O  O   . HOH E 4 .   ? 10.339  -11.600 -0.848  1.000 41.632 ? 370 HOH AAA O   1 ? 
HETATM 1229 O  O   . HOH E 4 .   ? -7.038  10.073  10.057  1.000 21.865 ? 371 HOH AAA O   1 ? 
HETATM 1230 O  O   . HOH E 4 .   ? -3.260  3.561   16.618  1.000 28.356 ? 372 HOH AAA O   1 ? 
HETATM 1231 O  O   . HOH E 4 .   ? -10.683 -11.229 -9.475  1.000 21.771 ? 373 HOH AAA O   1 ? 
HETATM 1232 O  O   . HOH E 4 .   ? 8.866   -0.114  -7.464  1.000 23.928 ? 374 HOH AAA O   1 ? 
HETATM 1233 O  O   . HOH E 4 .   ? -6.557  4.528   15.201  1.000 26.559 ? 375 HOH AAA O   1 ? 
HETATM 1234 O  O   . HOH E 4 .   ? 2.754   8.981   -5.780  1.000 30.946 ? 376 HOH AAA O   1 ? 
HETATM 1235 O  O   . HOH E 4 .   ? 1.238   13.702  12.568  1.000 36.895 ? 377 HOH AAA O   1 ? 
HETATM 1236 O  O   . HOH E 4 .   ? 4.204   -7.717  5.432   1.000 25.016 ? 378 HOH AAA O   1 ? 
HETATM 1237 O  O   . HOH E 4 .   ? -2.845  -17.800 -10.316 1.000 31.379 ? 379 HOH AAA O   1 ? 
HETATM 1238 O  O   . HOH E 4 .   ? 13.819  -6.654  -2.006  1.000 21.964 ? 380 HOH AAA O   1 ? 
HETATM 1239 O  O   . HOH E 4 .   ? 16.700  12.191  7.762   1.000 33.213 ? 381 HOH AAA O   1 ? 
HETATM 1240 O  O   . HOH E 4 .   ? -8.492  11.457  3.222   1.000 20.896 ? 382 HOH AAA O   1 ? 
HETATM 1241 O  O   . HOH E 4 .   ? 14.803  -1.482  5.830   1.000 32.686 ? 383 HOH AAA O   1 ? 
HETATM 1242 O  O   . HOH E 4 .   ? -5.733  12.810  -1.535  1.000 42.735 ? 384 HOH AAA O   1 ? 
HETATM 1243 O  O   . HOH E 4 .   ? 13.700  -13.499 -5.546  1.000 33.444 ? 385 HOH AAA O   1 ? 
HETATM 1244 O  O   . HOH E 4 .   ? -6.974  -0.786  -1.432  1.000 18.129 ? 386 HOH AAA O   1 ? 
HETATM 1245 O  O   . HOH E 4 .   ? -3.925  -1.958  13.123  1.000 25.232 ? 387 HOH AAA O   1 ? 
HETATM 1246 O  O   . HOH E 4 .   ? -20.988 7.062   4.484   1.000 35.316 ? 388 HOH AAA O   1 ? 
HETATM 1247 O  O   . HOH E 4 .   ? -3.210  -17.083 -3.777  1.000 25.714 ? 389 HOH AAA O   1 ? 
HETATM 1248 O  O   . HOH E 4 .   ? -12.898 7.961   8.238   1.000 34.410 ? 390 HOH AAA O   1 ? 
HETATM 1249 O  O   . HOH E 4 .   ? -20.276 0.265   3.813   1.000 29.433 ? 391 HOH AAA O   1 ? 
HETATM 1250 O  O   . HOH E 4 .   ? 12.489  14.689  -1.854  1.000 33.334 ? 392 HOH AAA O   1 ? 
HETATM 1251 O  O   . HOH E 4 .   ? -2.348  -4.245  13.415  1.000 29.337 ? 393 HOH AAA O   1 ? 
HETATM 1252 O  O   . HOH E 4 .   ? -4.558  -6.210  -3.098  1.000 18.595 ? 394 HOH AAA O   1 ? 
HETATM 1253 O  O   . HOH E 4 .   ? 0.995   -3.039  -8.585  1.000 35.031 ? 395 HOH AAA O   1 ? 
HETATM 1254 O  O   . HOH E 4 .   ? -6.920  -7.546  2.467   1.000 22.312 ? 396 HOH AAA O   1 ? 
HETATM 1255 O  O   . HOH E 4 .   ? 15.917  9.739   -3.742  1.000 23.239 ? 397 HOH AAA O   1 ? 
HETATM 1256 O  O   . HOH E 4 .   ? -12.589 8.927   6.937   1.000 26.641 ? 398 HOH AAA O   1 ? 
HETATM 1257 O  O   . HOH E 4 .   ? -14.121 -14.529 -6.066  1.000 28.023 ? 399 HOH AAA O   1 ? 
HETATM 1258 O  O   . HOH E 4 .   ? -5.377  -16.718 -1.669  1.000 48.850 ? 400 HOH AAA O   1 ? 
HETATM 1259 O  O   . HOH E 4 .   ? 8.964   -11.372 -4.601  1.000 26.737 ? 401 HOH AAA O   1 ? 
HETATM 1260 O  O   . HOH E 4 .   ? 21.207  -1.660  -6.704  1.000 23.143 ? 402 HOH AAA O   1 ? 
HETATM 1261 O  O   . HOH E 4 .   ? -8.426  -9.809  2.034   1.000 24.068 ? 403 HOH AAA O   1 ? 
HETATM 1262 O  O   . HOH E 4 .   ? 18.774  8.488   -8.110  1.000 17.080 ? 404 HOH AAA O   1 ? 
HETATM 1263 O  O   . HOH E 4 .   ? 14.820  16.091  -0.757  1.000 29.748 ? 405 HOH AAA O   1 ? 
HETATM 1264 O  O   . HOH E 4 .   ? -1.615  12.373  13.605  1.000 31.753 ? 406 HOH AAA O   1 ? 
HETATM 1265 O  O   . HOH E 4 .   ? 11.255  7.488   -9.301  1.000 29.621 ? 407 HOH AAA O   1 ? 
HETATM 1266 O  O   . HOH E 4 .   ? 14.595  0.333   -0.188  1.000 23.650 ? 408 HOH AAA O   1 ? 
HETATM 1267 O  O   . HOH E 4 .   ? 5.301   15.869  0.467   1.000 41.617 ? 409 HOH AAA O   1 ? 
HETATM 1268 O  O   . HOH E 4 .   ? -8.406  -16.750 8.012   1.000 55.585 ? 410 HOH AAA O   1 ? 
HETATM 1269 O  O   . HOH E 4 .   ? -19.226 -9.896  -1.973  1.000 35.171 ? 411 HOH AAA O   1 ? 
HETATM 1270 O  O   . HOH E 4 .   ? 12.150  9.928   -4.550  1.000 17.143 ? 412 HOH AAA O   1 ? 
HETATM 1271 O  O   . HOH E 4 .   ? -5.610  12.288  11.087  1.000 33.191 ? 413 HOH AAA O   1 ? 
HETATM 1272 O  O   . HOH E 4 .   ? -17.641 -6.187  -12.875 1.000 43.931 ? 414 HOH AAA O   1 ? 
HETATM 1273 O  O   . HOH E 4 .   ? 7.965   20.660  11.599  1.000 38.998 ? 415 HOH AAA O   1 ? 
HETATM 1274 O  O   . HOH E 4 .   ? 9.236   -2.271  -9.161  1.000 30.157 ? 416 HOH AAA O   1 ? 
HETATM 1275 O  O   . HOH E 4 .   ? -2.510  6.642   -7.919  1.000 37.118 ? 417 HOH AAA O   1 ? 
HETATM 1276 O  O   . HOH E 4 .   ? 14.324  0.709   2.596   1.000 29.785 ? 418 HOH AAA O   1 ? 
HETATM 1277 O  O   . HOH E 4 .   ? -15.517 -16.628 -4.257  1.000 38.186 ? 419 HOH AAA O   1 ? 
HETATM 1278 O  O   . HOH E 4 .   ? 4.919   -2.304  -8.150  1.000 28.141 ? 420 HOH AAA O   1 ? 
HETATM 1279 O  O   . HOH E 4 .   ? 15.913  8.576   -8.363  1.000 17.476 ? 421 HOH AAA O   1 ? 
HETATM 1280 O  O   . HOH E 4 .   ? 6.500   -8.060  7.011   1.000 34.562 ? 422 HOH AAA O   1 ? 
HETATM 1281 O  O   . HOH E 4 .   ? 15.227  -12.290 -10.542 1.000 37.657 ? 423 HOH AAA O   1 ? 
HETATM 1282 O  O   . HOH E 4 .   ? 22.348  1.778   0.098   1.000 28.358 ? 424 HOH AAA O   1 ? 
HETATM 1283 O  O   . HOH E 4 .   ? 4.557   10.506  15.066  1.000 25.700 ? 425 HOH AAA O   1 ? 
HETATM 1284 O  O   . HOH E 4 .   ? -22.340 3.527   1.401   1.000 46.808 ? 426 HOH AAA O   1 ? 
HETATM 1285 O  O   . HOH E 4 .   ? -3.809  8.295   -4.235  1.000 31.169 ? 427 HOH AAA O   1 ? 
HETATM 1286 O  O   . HOH E 4 .   ? 11.950  -5.515  -11.334 1.000 36.448 ? 428 HOH AAA O   1 ? 
HETATM 1287 O  O   . HOH E 4 .   ? 5.732   7.523   -9.142  1.000 32.703 ? 429 HOH AAA O   1 ? 
HETATM 1288 O  O   . HOH E 4 .   ? 16.342  2.937   3.422   1.000 25.688 ? 430 HOH AAA O   1 ? 
HETATM 1289 O  O   . HOH E 4 .   ? 0.357   10.524  13.619  1.000 37.603 ? 431 HOH AAA O   1 ? 
HETATM 1290 O  O   . HOH E 4 .   ? -2.006  17.190  5.231   1.000 29.584 ? 432 HOH AAA O   1 ? 
HETATM 1291 O  O   . HOH E 4 .   ? 2.604   11.647  -4.761  1.000 39.355 ? 433 HOH AAA O   1 ? 
HETATM 1292 O  O   . HOH E 4 .   ? -17.850 -2.428  -3.900  1.000 36.840 ? 434 HOH AAA O   1 ? 
HETATM 1293 O  O   . HOH E 4 .   ? 7.112   -10.281 -10.073 1.000 24.854 ? 435 HOH AAA O   1 ? 
HETATM 1294 O  O   . HOH E 4 .   ? 5.263   -6.012  -8.975  1.000 27.451 ? 436 HOH AAA O   1 ? 
HETATM 1295 O  O   . HOH E 4 .   ? 0.682   -16.843 -7.909  1.000 26.650 ? 437 HOH AAA O   1 ? 
HETATM 1296 O  O   . HOH E 4 .   ? -2.289  -8.647  -4.944  1.000 16.179 ? 438 HOH AAA O   1 ? 
HETATM 1297 O  O   . HOH E 4 .   ? 21.737  6.966   -1.200  1.000 42.205 ? 439 HOH AAA O   1 ? 
HETATM 1298 O  O   . HOH E 4 .   ? 14.228  -10.770 -15.276 1.000 37.632 ? 440 HOH AAA O   1 ? 
HETATM 1299 O  O   . HOH E 4 .   ? 14.866  10.672  -6.718  1.000 32.505 ? 441 HOH AAA O   1 ? 
HETATM 1300 O  O   . HOH E 4 .   ? -6.351  13.061  2.772   1.000 23.309 ? 442 HOH AAA O   1 ? 
HETATM 1301 O  O   . HOH E 4 .   ? -6.437  -11.375 6.192   1.000 34.731 ? 443 HOH AAA O   1 ? 
HETATM 1302 O  O   . HOH E 4 .   ? -10.731 10.995  7.316   1.000 24.555 ? 444 HOH AAA O   1 ? 
HETATM 1303 O  O   . HOH E 4 .   ? 4.304   -11.005 -0.706  1.000 34.446 ? 445 HOH AAA O   1 ? 
HETATM 1304 O  O   . HOH E 4 .   ? 9.165   6.123   17.099  1.000 38.144 ? 446 HOH AAA O   1 ? 
HETATM 1305 O  O   . HOH E 4 .   ? -10.045 12.665  4.996   1.000 26.359 ? 447 HOH AAA O   1 ? 
HETATM 1306 O  O   . HOH E 4 .   ? 9.165   -12.323 -7.826  1.000 41.101 ? 448 HOH AAA O   1 ? 
HETATM 1307 O  O   . HOH E 4 .   ? 19.271  -1.872  -0.120  1.000 40.001 ? 449 HOH AAA O   1 ? 
HETATM 1308 O  O   . HOH E 4 .   ? -9.478  -12.218 -11.999 1.000 28.312 ? 450 HOH AAA O   1 ? 
HETATM 1309 O  O   . HOH E 4 .   ? 12.088  -3.013  10.561  1.000 44.080 ? 451 HOH AAA O   1 ? 
HETATM 1310 O  O   . HOH E 4 .   ? -1.405  -12.885 -2.362  1.000 25.755 ? 452 HOH AAA O   1 ? 
HETATM 1311 O  O   . HOH E 4 .   ? -12.005 -14.846 -7.706  1.000 22.033 ? 453 HOH AAA O   1 ? 
HETATM 1312 O  O   . HOH E 4 .   ? 2.610   -1.332  -8.765  1.000 29.222 ? 454 HOH AAA O   1 ? 
HETATM 1313 O  O   . HOH E 4 .   ? -2.207  -0.108  18.837  1.000 28.986 ? 455 HOH AAA O   1 ? 
HETATM 1314 O  O   . HOH E 4 .   ? 9.558   14.633  11.181  1.000 35.319 ? 456 HOH AAA O   1 ? 
HETATM 1315 O  O   . HOH E 4 .   ? -4.119  -13.296 -0.938  1.000 25.028 ? 457 HOH AAA O   1 ? 
HETATM 1316 O  O   . HOH E 4 .   ? -3.776  8.016   -10.053 1.000 36.291 ? 458 HOH AAA O   1 ? 
HETATM 1317 O  O   . HOH E 4 .   ? 4.115   2.645   -9.103  1.000 45.278 ? 459 HOH AAA O   1 ? 
HETATM 1318 O  O   . HOH E 4 .   ? 14.995  1.100   6.681   1.000 30.826 ? 460 HOH AAA O   1 ? 
HETATM 1319 O  O   . HOH E 4 .   ? 9.900   5.914   -10.267 1.000 30.812 ? 461 HOH AAA O   1 ? 
HETATM 1320 O  O   . HOH E 4 .   ? -9.773  10.761  9.582   1.000 25.501 ? 462 HOH AAA O   1 ? 
HETATM 1321 O  O   . HOH E 4 .   ? -1.954  -20.041 -11.956 1.000 32.832 ? 463 HOH AAA O   1 ? 
HETATM 1322 O  O   . HOH E 4 .   ? -9.896  13.039  11.281  1.000 35.616 ? 464 HOH AAA O   1 ? 
HETATM 1323 O  O   . HOH E 4 .   ? -2.002  -12.734 2.719   1.000 38.085 ? 465 HOH AAA O   1 ? 
HETATM 1324 O  O   . HOH E 4 .   ? -22.112 8.127   -4.803  1.000 32.482 ? 466 HOH AAA O   1 ? 
HETATM 1325 O  O   . HOH E 4 .   ? -15.287 6.839   9.743   1.000 24.823 ? 467 HOH AAA O   1 ? 
HETATM 1326 O  O   . HOH E 4 .   ? 0.586   -12.690 -0.506  1.000 38.996 ? 468 HOH AAA O   1 ? 
HETATM 1327 O  O   . HOH E 4 .   ? -11.558 8.999   10.714  1.000 39.253 ? 469 HOH AAA O   1 ? 
# 
